data_3B7X
# 
_entry.id   3B7X 
# 
_audit_conform.dict_name       mmcif_pdbx.dic 
_audit_conform.dict_version    5.377 
_audit_conform.dict_location   http://mmcif.pdb.org/dictionaries/ascii/mmcif_pdbx.dic 
# 
loop_
_database_2.database_id 
_database_2.database_code 
_database_2.pdbx_database_accession 
_database_2.pdbx_DOI 
PDB   3B7X         pdb_00003b7x 10.2210/pdb3b7x/pdb 
RCSB  RCSB045190   ?            ?                   
WWPDB D_1000045190 ?            ?                   
# 
_pdbx_database_status.status_code                     REL 
_pdbx_database_status.entry_id                        3B7X 
_pdbx_database_status.recvd_initial_deposition_date   2007-10-31 
_pdbx_database_status.deposit_site                    RCSB 
_pdbx_database_status.process_site                    RCSB 
_pdbx_database_status.status_code_sf                  REL 
_pdbx_database_status.status_code_mr                  ? 
_pdbx_database_status.SG_entry                        Y 
_pdbx_database_status.pdb_format_compatible           Y 
_pdbx_database_status.status_code_cs                  ? 
_pdbx_database_status.status_code_nmr_data            ? 
_pdbx_database_status.methods_development_category    ? 
# 
loop_
_audit_author.name 
_audit_author.pdbx_ordinal 
'Walker, J.R.'                         1  
'Davis, T.'                            2  
'Butler-Cole, C.'                      3  
'Paramanathan, R.'                     4  
'Weigelt, J.'                          5  
'Arrowsmith, C.H.'                     6  
'Edwards, A.M.'                        7  
'Bochkarev, A.'                        8  
'Dhe-Paganon, S.'                      9  
'Structural Genomics Consortium (SGC)' 10 
# 
_citation.id                        primary 
_citation.title                     'Human FK506-Binding Protein 6.' 
_citation.journal_abbrev            'To be Published' 
_citation.journal_volume            ? 
_citation.page_first                ? 
_citation.page_last                 ? 
_citation.year                      ? 
_citation.journal_id_ASTM           ? 
_citation.country                   ? 
_citation.journal_id_ISSN           ? 
_citation.journal_id_CSD            0353 
_citation.book_publisher            ? 
_citation.pdbx_database_id_PubMed   ? 
_citation.pdbx_database_id_DOI      ? 
# 
loop_
_citation_author.citation_id 
_citation_author.name 
_citation_author.ordinal 
_citation_author.identifier_ORCID 
primary 'Walker, J.R.'     1 ? 
primary 'Davis, T.'        2 ? 
primary 'Butler-Cole, C.'  3 ? 
primary 'Paramanathan, R.' 4 ? 
primary 'Weigelt, J.'      5 ? 
primary 'Arrowsmith, C.H.' 6 ? 
primary 'Edwards, A.M.'    7 ? 
primary 'Bochkarev, A.'    8 ? 
primary 'Dhe-Paganon, S.'  9 ? 
# 
_cell.entry_id           3B7X 
_cell.length_a           55.059 
_cell.length_b           55.059 
_cell.length_c           229.965 
_cell.angle_alpha        90.00 
_cell.angle_beta         90.00 
_cell.angle_gamma        90.00 
_cell.Z_PDB              16 
_cell.pdbx_unique_axis   ? 
_cell.length_a_esd       ? 
_cell.length_b_esd       ? 
_cell.length_c_esd       ? 
_cell.angle_alpha_esd    ? 
_cell.angle_beta_esd     ? 
_cell.angle_gamma_esd    ? 
# 
_symmetry.entry_id                         3B7X 
_symmetry.space_group_name_H-M             'I 41 2 2' 
_symmetry.pdbx_full_space_group_name_H-M   ? 
_symmetry.cell_setting                     ? 
_symmetry.Int_Tables_number                98 
_symmetry.space_group_name_Hall            ? 
# 
loop_
_entity.id 
_entity.type 
_entity.src_method 
_entity.pdbx_description 
_entity.formula_weight 
_entity.pdbx_number_of_molecules 
_entity.pdbx_ec 
_entity.pdbx_mutation 
_entity.pdbx_fragment 
_entity.details 
1 polymer man 'FK506-binding protein 6' 15074.242 1  5.2.1.8 ? 'PPIase FKBP-Type Domain: Residues 12-144' ? 
2 water   nat water                     18.015    55 ?       ? ?                                          ? 
# 
_entity_name_com.entity_id   1 
_entity_name_com.name        
'Peptidyl-prolyl cis-trans isomerase, PPIase, Rotamase, 36 kDa FK506-binding protein, FKBP-36, Immunophilin FKBP36' 
# 
_entity_poly.entity_id                      1 
_entity_poly.type                           'polypeptide(L)' 
_entity_poly.nstd_linkage                   no 
_entity_poly.nstd_monomer                   no 
_entity_poly.pdbx_seq_one_letter_code       
;GEGDDAPGQSLYERLSQRMLDISGDRGVLKDVIREGAGDLVAPDASVLVKYSGYLEHMDRPFDSNYFRKTPRLMKLGEDI
TLWGMELGLLSMRRGELARFLFKPNYAYGTLGCPPLIPPNTTVLFEIELLDFLD
;
_entity_poly.pdbx_seq_one_letter_code_can   
;GEGDDAPGQSLYERLSQRMLDISGDRGVLKDVIREGAGDLVAPDASVLVKYSGYLEHMDRPFDSNYFRKTPRLMKLGEDI
TLWGMELGLLSMRRGELARFLFKPNYAYGTLGCPPLIPPNTTVLFEIELLDFLD
;
_entity_poly.pdbx_strand_id                 A 
_entity_poly.pdbx_target_identifier         ? 
# 
loop_
_entity_poly_seq.entity_id 
_entity_poly_seq.num 
_entity_poly_seq.mon_id 
_entity_poly_seq.hetero 
1 1   GLY n 
1 2   GLU n 
1 3   GLY n 
1 4   ASP n 
1 5   ASP n 
1 6   ALA n 
1 7   PRO n 
1 8   GLY n 
1 9   GLN n 
1 10  SER n 
1 11  LEU n 
1 12  TYR n 
1 13  GLU n 
1 14  ARG n 
1 15  LEU n 
1 16  SER n 
1 17  GLN n 
1 18  ARG n 
1 19  MET n 
1 20  LEU n 
1 21  ASP n 
1 22  ILE n 
1 23  SER n 
1 24  GLY n 
1 25  ASP n 
1 26  ARG n 
1 27  GLY n 
1 28  VAL n 
1 29  LEU n 
1 30  LYS n 
1 31  ASP n 
1 32  VAL n 
1 33  ILE n 
1 34  ARG n 
1 35  GLU n 
1 36  GLY n 
1 37  ALA n 
1 38  GLY n 
1 39  ASP n 
1 40  LEU n 
1 41  VAL n 
1 42  ALA n 
1 43  PRO n 
1 44  ASP n 
1 45  ALA n 
1 46  SER n 
1 47  VAL n 
1 48  LEU n 
1 49  VAL n 
1 50  LYS n 
1 51  TYR n 
1 52  SER n 
1 53  GLY n 
1 54  TYR n 
1 55  LEU n 
1 56  GLU n 
1 57  HIS n 
1 58  MET n 
1 59  ASP n 
1 60  ARG n 
1 61  PRO n 
1 62  PHE n 
1 63  ASP n 
1 64  SER n 
1 65  ASN n 
1 66  TYR n 
1 67  PHE n 
1 68  ARG n 
1 69  LYS n 
1 70  THR n 
1 71  PRO n 
1 72  ARG n 
1 73  LEU n 
1 74  MET n 
1 75  LYS n 
1 76  LEU n 
1 77  GLY n 
1 78  GLU n 
1 79  ASP n 
1 80  ILE n 
1 81  THR n 
1 82  LEU n 
1 83  TRP n 
1 84  GLY n 
1 85  MET n 
1 86  GLU n 
1 87  LEU n 
1 88  GLY n 
1 89  LEU n 
1 90  LEU n 
1 91  SER n 
1 92  MET n 
1 93  ARG n 
1 94  ARG n 
1 95  GLY n 
1 96  GLU n 
1 97  LEU n 
1 98  ALA n 
1 99  ARG n 
1 100 PHE n 
1 101 LEU n 
1 102 PHE n 
1 103 LYS n 
1 104 PRO n 
1 105 ASN n 
1 106 TYR n 
1 107 ALA n 
1 108 TYR n 
1 109 GLY n 
1 110 THR n 
1 111 LEU n 
1 112 GLY n 
1 113 CYS n 
1 114 PRO n 
1 115 PRO n 
1 116 LEU n 
1 117 ILE n 
1 118 PRO n 
1 119 PRO n 
1 120 ASN n 
1 121 THR n 
1 122 THR n 
1 123 VAL n 
1 124 LEU n 
1 125 PHE n 
1 126 GLU n 
1 127 ILE n 
1 128 GLU n 
1 129 LEU n 
1 130 LEU n 
1 131 ASP n 
1 132 PHE n 
1 133 LEU n 
1 134 ASP n 
# 
_entity_src_gen.entity_id                          1 
_entity_src_gen.pdbx_src_id                        1 
_entity_src_gen.pdbx_alt_source_flag               sample 
_entity_src_gen.pdbx_seq_type                      ? 
_entity_src_gen.pdbx_beg_seq_num                   ? 
_entity_src_gen.pdbx_end_seq_num                   ? 
_entity_src_gen.gene_src_common_name               human 
_entity_src_gen.gene_src_genus                     Homo 
_entity_src_gen.pdbx_gene_src_gene                 'FKBP6, FKBP36' 
_entity_src_gen.gene_src_species                   ? 
_entity_src_gen.gene_src_strain                    ? 
_entity_src_gen.gene_src_tissue                    ? 
_entity_src_gen.gene_src_tissue_fraction           ? 
_entity_src_gen.gene_src_details                   ? 
_entity_src_gen.pdbx_gene_src_fragment             ? 
_entity_src_gen.pdbx_gene_src_scientific_name      'Homo sapiens' 
_entity_src_gen.pdbx_gene_src_ncbi_taxonomy_id     9606 
_entity_src_gen.pdbx_gene_src_variant              ? 
_entity_src_gen.pdbx_gene_src_cell_line            ? 
_entity_src_gen.pdbx_gene_src_atcc                 ? 
_entity_src_gen.pdbx_gene_src_organ                ? 
_entity_src_gen.pdbx_gene_src_organelle            ? 
_entity_src_gen.pdbx_gene_src_cell                 ? 
_entity_src_gen.pdbx_gene_src_cellular_location    ? 
_entity_src_gen.host_org_common_name               ? 
_entity_src_gen.pdbx_host_org_scientific_name      'Escherichia coli BL21(DE3)' 
_entity_src_gen.pdbx_host_org_ncbi_taxonomy_id     469008 
_entity_src_gen.host_org_genus                     Escherichia 
_entity_src_gen.pdbx_host_org_gene                 ? 
_entity_src_gen.pdbx_host_org_organ                ? 
_entity_src_gen.host_org_species                   'Escherichia coli' 
_entity_src_gen.pdbx_host_org_tissue               ? 
_entity_src_gen.pdbx_host_org_tissue_fraction      ? 
_entity_src_gen.pdbx_host_org_strain               'BL21(DE3)' 
_entity_src_gen.pdbx_host_org_variant              ? 
_entity_src_gen.pdbx_host_org_cell_line            ? 
_entity_src_gen.pdbx_host_org_atcc                 ? 
_entity_src_gen.pdbx_host_org_culture_collection   ? 
_entity_src_gen.pdbx_host_org_cell                 ? 
_entity_src_gen.pdbx_host_org_organelle            ? 
_entity_src_gen.pdbx_host_org_cellular_location    ? 
_entity_src_gen.pdbx_host_org_vector_type          Plasmid 
_entity_src_gen.pdbx_host_org_vector               ? 
_entity_src_gen.host_org_details                   ? 
_entity_src_gen.expression_system_id               ? 
_entity_src_gen.plasmid_name                       p28a-mhl 
_entity_src_gen.plasmid_details                    ? 
_entity_src_gen.pdbx_description                   ? 
# 
_struct_ref.id                         1 
_struct_ref.db_name                    UNP 
_struct_ref.db_code                    FKBP6_HUMAN 
_struct_ref.pdbx_db_accession          O75344 
_struct_ref.entity_id                  1 
_struct_ref.pdbx_seq_one_letter_code   
;EGDDAPGQSLYERLSQRMLDISGDRGVLKDVIREGAGDLVAPDASVLVKYSGYLEHMDRPFDSNYFRKTPRLMKLGEDIT
LWGMELGLLSMRRGELARFLFKPNYAYGTLGCPPLIPPNTTVLFEIELLDFLD
;
_struct_ref.pdbx_align_begin           12 
_struct_ref.pdbx_db_isoform            ? 
# 
_struct_ref_seq.align_id                      1 
_struct_ref_seq.ref_id                        1 
_struct_ref_seq.pdbx_PDB_id_code              3B7X 
_struct_ref_seq.pdbx_strand_id                A 
_struct_ref_seq.seq_align_beg                 2 
_struct_ref_seq.pdbx_seq_align_beg_ins_code   ? 
_struct_ref_seq.seq_align_end                 134 
_struct_ref_seq.pdbx_seq_align_end_ins_code   ? 
_struct_ref_seq.pdbx_db_accession             O75344 
_struct_ref_seq.db_align_beg                  12 
_struct_ref_seq.pdbx_db_align_beg_ins_code    ? 
_struct_ref_seq.db_align_end                  144 
_struct_ref_seq.pdbx_db_align_end_ins_code    ? 
_struct_ref_seq.pdbx_auth_seq_align_beg       12 
_struct_ref_seq.pdbx_auth_seq_align_end       144 
# 
_struct_ref_seq_dif.align_id                     1 
_struct_ref_seq_dif.pdbx_pdb_id_code             3B7X 
_struct_ref_seq_dif.mon_id                       GLY 
_struct_ref_seq_dif.pdbx_pdb_strand_id           A 
_struct_ref_seq_dif.seq_num                      1 
_struct_ref_seq_dif.pdbx_pdb_ins_code            ? 
_struct_ref_seq_dif.pdbx_seq_db_name             UNP 
_struct_ref_seq_dif.pdbx_seq_db_accession_code   O75344 
_struct_ref_seq_dif.db_mon_id                    ? 
_struct_ref_seq_dif.pdbx_seq_db_seq_num          ? 
_struct_ref_seq_dif.details                      'expression tag' 
_struct_ref_seq_dif.pdbx_auth_seq_num            11 
_struct_ref_seq_dif.pdbx_ordinal                 1 
# 
loop_
_chem_comp.id 
_chem_comp.type 
_chem_comp.mon_nstd_flag 
_chem_comp.name 
_chem_comp.pdbx_synonyms 
_chem_comp.formula 
_chem_comp.formula_weight 
ALA 'L-peptide linking' y ALANINE         ? 'C3 H7 N O2'     89.093  
ARG 'L-peptide linking' y ARGININE        ? 'C6 H15 N4 O2 1' 175.209 
ASN 'L-peptide linking' y ASPARAGINE      ? 'C4 H8 N2 O3'    132.118 
ASP 'L-peptide linking' y 'ASPARTIC ACID' ? 'C4 H7 N O4'     133.103 
CYS 'L-peptide linking' y CYSTEINE        ? 'C3 H7 N O2 S'   121.158 
GLN 'L-peptide linking' y GLUTAMINE       ? 'C5 H10 N2 O3'   146.144 
GLU 'L-peptide linking' y 'GLUTAMIC ACID' ? 'C5 H9 N O4'     147.129 
GLY 'peptide linking'   y GLYCINE         ? 'C2 H5 N O2'     75.067  
HIS 'L-peptide linking' y HISTIDINE       ? 'C6 H10 N3 O2 1' 156.162 
HOH non-polymer         . WATER           ? 'H2 O'           18.015  
ILE 'L-peptide linking' y ISOLEUCINE      ? 'C6 H13 N O2'    131.173 
LEU 'L-peptide linking' y LEUCINE         ? 'C6 H13 N O2'    131.173 
LYS 'L-peptide linking' y LYSINE          ? 'C6 H15 N2 O2 1' 147.195 
MET 'L-peptide linking' y METHIONINE      ? 'C5 H11 N O2 S'  149.211 
PHE 'L-peptide linking' y PHENYLALANINE   ? 'C9 H11 N O2'    165.189 
PRO 'L-peptide linking' y PROLINE         ? 'C5 H9 N O2'     115.130 
SER 'L-peptide linking' y SERINE          ? 'C3 H7 N O3'     105.093 
THR 'L-peptide linking' y THREONINE       ? 'C4 H9 N O3'     119.119 
TRP 'L-peptide linking' y TRYPTOPHAN      ? 'C11 H12 N2 O2'  204.225 
TYR 'L-peptide linking' y TYROSINE        ? 'C9 H11 N O3'    181.189 
VAL 'L-peptide linking' y VALINE          ? 'C5 H11 N O2'    117.146 
# 
_exptl.entry_id          3B7X 
_exptl.method            'X-RAY DIFFRACTION' 
_exptl.crystals_number   1 
# 
_exptl_crystal.id                    1 
_exptl_crystal.density_meas          ? 
_exptl_crystal.density_Matthews      2.89 
_exptl_crystal.density_percent_sol   57.45 
_exptl_crystal.description           ? 
_exptl_crystal.F_000                 ? 
_exptl_crystal.preparation           ? 
# 
_exptl_crystal_grow.crystal_id      1 
_exptl_crystal_grow.method          'VAPOR DIFFUSION, SITTING DROP' 
_exptl_crystal_grow.temp            298 
_exptl_crystal_grow.temp_details    ? 
_exptl_crystal_grow.pH              6.5 
_exptl_crystal_grow.pdbx_details    
;Mixed equal volumes of 1.6M MgSO4, 0.1M MES pH 6.5, and 10 mg/mL protein. Crystals were cryoprotected by transferring the crystals to a drop containing mother liquor to which glycerol was added to a final concentration of 20%, VAPOR DIFFUSION, SITTING DROP, temperature 298K
;
_exptl_crystal_grow.pdbx_pH_range   . 
# 
_diffrn.id                     1 
_diffrn.ambient_temp           100 
_diffrn.ambient_temp_details   ? 
_diffrn.crystal_id             1 
# 
_diffrn_detector.diffrn_id              1 
_diffrn_detector.detector               CCD 
_diffrn_detector.type                   'ADSC QUANTUM 315' 
_diffrn_detector.pdbx_collection_date   2007-09-21 
_diffrn_detector.details                ? 
# 
_diffrn_radiation.diffrn_id                        1 
_diffrn_radiation.wavelength_id                    1 
_diffrn_radiation.pdbx_monochromatic_or_laue_m_l   M 
_diffrn_radiation.monochromator                    'Si 111' 
_diffrn_radiation.pdbx_diffrn_protocol             'SINGLE WAVELENGTH' 
_diffrn_radiation.pdbx_scattering_type             x-ray 
# 
_diffrn_radiation_wavelength.id           1 
_diffrn_radiation_wavelength.wavelength   1.0000 
_diffrn_radiation_wavelength.wt           1.0 
# 
_diffrn_source.diffrn_id                   1 
_diffrn_source.source                      SYNCHROTRON 
_diffrn_source.type                        'NSLS BEAMLINE X25' 
_diffrn_source.pdbx_synchrotron_site       NSLS 
_diffrn_source.pdbx_synchrotron_beamline   X25 
_diffrn_source.pdbx_wavelength             ? 
_diffrn_source.pdbx_wavelength_list        1.0000 
# 
_reflns.entry_id                     3B7X 
_reflns.observed_criterion_sigma_F   0 
_reflns.observed_criterion_sigma_I   -3 
_reflns.d_resolution_high            2.1 
_reflns.d_resolution_low             30 
_reflns.number_all                   10831 
_reflns.number_obs                   10831 
_reflns.percent_possible_obs         99.2 
_reflns.pdbx_Rmerge_I_obs            ? 
_reflns.pdbx_Rsym_value              0.054 
_reflns.pdbx_netI_over_sigmaI        46.3 
_reflns.B_iso_Wilson_estimate        ? 
_reflns.pdbx_redundancy              9.1 
_reflns.R_free_details               ? 
_reflns.limit_h_max                  ? 
_reflns.limit_h_min                  ? 
_reflns.limit_k_max                  ? 
_reflns.limit_k_min                  ? 
_reflns.limit_l_max                  ? 
_reflns.limit_l_min                  ? 
_reflns.observed_criterion_F_max     ? 
_reflns.observed_criterion_F_min     ? 
_reflns.pdbx_chi_squared             ? 
_reflns.pdbx_scaling_rejects         ? 
_reflns.pdbx_diffrn_id               1 
_reflns.pdbx_ordinal                 1 
# 
_reflns_shell.d_res_high             2.10 
_reflns_shell.d_res_low              2.18 
_reflns_shell.percent_possible_all   97.6 
_reflns_shell.Rmerge_I_obs           ? 
_reflns_shell.pdbx_Rsym_value        0.365 
_reflns_shell.meanI_over_sigI_obs    6.7 
_reflns_shell.pdbx_redundancy        8.2 
_reflns_shell.percent_possible_obs   ? 
_reflns_shell.number_unique_all      1037 
_reflns_shell.number_measured_all    ? 
_reflns_shell.number_measured_obs    ? 
_reflns_shell.number_unique_obs      ? 
_reflns_shell.pdbx_chi_squared       ? 
_reflns_shell.pdbx_diffrn_id         ? 
_reflns_shell.pdbx_ordinal           1 
# 
_refine.entry_id                                 3B7X 
_refine.ls_number_reflns_obs                     10261 
_refine.ls_number_reflns_all                     ? 
_refine.pdbx_ls_sigma_I                          ? 
_refine.pdbx_ls_sigma_F                          ? 
_refine.pdbx_data_cutoff_high_absF               ? 
_refine.pdbx_data_cutoff_low_absF                ? 
_refine.pdbx_data_cutoff_high_rms_absF           ? 
_refine.ls_d_res_low                             30.00 
_refine.ls_d_res_high                            2.10 
_refine.ls_percent_reflns_obs                    99.34 
_refine.ls_R_factor_obs                          0.2577 
_refine.ls_R_factor_all                          ? 
_refine.ls_R_factor_R_work                       0.25643 
_refine.ls_R_factor_R_free                       0.28215 
_refine.ls_R_factor_R_free_error                 ? 
_refine.ls_R_factor_R_free_error_details         ? 
_refine.ls_percent_reflns_R_free                 5.1 
_refine.ls_number_reflns_R_free                  549 
_refine.ls_number_parameters                     ? 
_refine.ls_number_restraints                     ? 
_refine.occupancy_min                            ? 
_refine.occupancy_max                            ? 
_refine.correlation_coeff_Fo_to_Fc               0.933 
_refine.correlation_coeff_Fo_to_Fc_free          0.936 
_refine.B_iso_mean                               47.575 
_refine.aniso_B[1][1]                            3.41 
_refine.aniso_B[2][2]                            3.41 
_refine.aniso_B[3][3]                            -6.83 
_refine.aniso_B[1][2]                            0.00 
_refine.aniso_B[1][3]                            0.00 
_refine.aniso_B[2][3]                            0.00 
_refine.solvent_model_details                    'BABINET MODEL WITH MASK' 
_refine.solvent_model_param_ksol                 ? 
_refine.solvent_model_param_bsol                 ? 
_refine.pdbx_solvent_vdw_probe_radii             1.40 
_refine.pdbx_solvent_ion_probe_radii             0.80 
_refine.pdbx_solvent_shrinkage_radii             0.80 
_refine.pdbx_ls_cross_valid_method               THROUGHOUT 
_refine.details                                  'HYDROGENS HAVE BEEN ADDED IN THE RIDING POSITIONS' 
_refine.pdbx_starting_model                      'PDB entry 1KT0' 
_refine.pdbx_method_to_determine_struct          'MOLECULAR REPLACEMENT' 
_refine.pdbx_isotropic_thermal_model             ? 
_refine.pdbx_stereochemistry_target_values       'MAXIMUM LIKELIHOOD' 
_refine.pdbx_stereochem_target_val_spec_case     ? 
_refine.pdbx_R_Free_selection_details            RANDOM 
_refine.pdbx_overall_ESU_R                       0.215 
_refine.pdbx_overall_ESU_R_Free                  0.186 
_refine.overall_SU_ML                            0.153 
_refine.overall_SU_B                             5.637 
_refine.ls_redundancy_reflns_obs                 ? 
_refine.B_iso_min                                ? 
_refine.B_iso_max                                ? 
_refine.overall_SU_R_Cruickshank_DPI             ? 
_refine.overall_SU_R_free                        ? 
_refine.ls_wR_factor_R_free                      ? 
_refine.ls_wR_factor_R_work                      ? 
_refine.overall_FOM_free_R_set                   ? 
_refine.overall_FOM_work_R_set                   ? 
_refine.pdbx_refine_id                           'X-RAY DIFFRACTION' 
_refine.pdbx_diffrn_id                           1 
_refine.pdbx_TLS_residual_ADP_flag               ? 
_refine.pdbx_overall_phase_error                 ? 
_refine.pdbx_overall_SU_R_free_Cruickshank_DPI   ? 
_refine.pdbx_overall_SU_R_Blow_DPI               ? 
_refine.pdbx_overall_SU_R_free_Blow_DPI          ? 
# 
_refine_hist.pdbx_refine_id                   'X-RAY DIFFRACTION' 
_refine_hist.cycle_id                         LAST 
_refine_hist.pdbx_number_atoms_protein        922 
_refine_hist.pdbx_number_atoms_nucleic_acid   0 
_refine_hist.pdbx_number_atoms_ligand         0 
_refine_hist.number_atoms_solvent             55 
_refine_hist.number_atoms_total               977 
_refine_hist.d_res_high                       2.10 
_refine_hist.d_res_low                        30.00 
# 
loop_
_refine_ls_restr.type 
_refine_ls_restr.dev_ideal 
_refine_ls_restr.dev_ideal_target 
_refine_ls_restr.weight 
_refine_ls_restr.number 
_refine_ls_restr.pdbx_refine_id 
_refine_ls_restr.pdbx_restraint_function 
r_bond_refined_d         0.010  0.022  ? 939  'X-RAY DIFFRACTION' ? 
r_angle_refined_deg      1.489  2.012  ? 1268 'X-RAY DIFFRACTION' ? 
r_dihedral_angle_1_deg   6.843  5.000  ? 114  'X-RAY DIFFRACTION' ? 
r_dihedral_angle_2_deg   35.571 23.333 ? 42   'X-RAY DIFFRACTION' ? 
r_dihedral_angle_3_deg   19.583 15.000 ? 163  'X-RAY DIFFRACTION' ? 
r_dihedral_angle_4_deg   21.694 15.000 ? 8    'X-RAY DIFFRACTION' ? 
r_chiral_restr           0.108  0.200  ? 142  'X-RAY DIFFRACTION' ? 
r_gen_planes_refined     0.005  0.020  ? 703  'X-RAY DIFFRACTION' ? 
r_nbd_refined            0.210  0.200  ? 401  'X-RAY DIFFRACTION' ? 
r_nbtor_refined          0.312  0.200  ? 632  'X-RAY DIFFRACTION' ? 
r_xyhbond_nbd_refined    0.157  0.200  ? 59   'X-RAY DIFFRACTION' ? 
r_symmetry_vdw_refined   0.256  0.200  ? 38   'X-RAY DIFFRACTION' ? 
r_symmetry_hbond_refined 0.169  0.200  ? 11   'X-RAY DIFFRACTION' ? 
r_mcbond_it              0.840  1.500  ? 598  'X-RAY DIFFRACTION' ? 
r_mcangle_it             1.481  2.000  ? 925  'X-RAY DIFFRACTION' ? 
r_scbond_it              1.883  3.000  ? 389  'X-RAY DIFFRACTION' ? 
r_scangle_it             3.021  4.500  ? 343  'X-RAY DIFFRACTION' ? 
# 
_refine_ls_shell.pdbx_total_number_of_bins_used   20 
_refine_ls_shell.d_res_high                       2.100 
_refine_ls_shell.d_res_low                        2.154 
_refine_ls_shell.number_reflns_R_work             722 
_refine_ls_shell.R_factor_R_work                  0.3 
_refine_ls_shell.percent_reflns_obs               96.97 
_refine_ls_shell.R_factor_R_free                  0.296 
_refine_ls_shell.R_factor_R_free_error            ? 
_refine_ls_shell.percent_reflns_R_free            ? 
_refine_ls_shell.number_reflns_R_free             46 
_refine_ls_shell.number_reflns_all                ? 
_refine_ls_shell.R_factor_all                     ? 
_refine_ls_shell.number_reflns_obs                ? 
_refine_ls_shell.redundancy_reflns_obs            ? 
_refine_ls_shell.pdbx_refine_id                   'X-RAY DIFFRACTION' 
# 
_struct.entry_id                  3B7X 
_struct.title                     'Crystal structure of human FK506-Binding Protein 6' 
_struct.pdbx_model_details        ? 
_struct.pdbx_CASP_flag            N 
_struct.pdbx_model_type_details   ? 
# 
_struct_keywords.entry_id        3B7X 
_struct_keywords.pdbx_keywords   ISOMERASE 
_struct_keywords.text            'Isomerase, Rotamase, TPR repeat, Williams-Beuren syndrome, Structural Genomics Consortium, SGC' 
# 
loop_
_struct_asym.id 
_struct_asym.pdbx_blank_PDB_chainid_flag 
_struct_asym.pdbx_modified 
_struct_asym.entity_id 
_struct_asym.details 
A N N 1 ? 
B N N 2 ? 
# 
_struct_biol.id        1 
_struct_biol.details   ? 
# 
loop_
_struct_conf.conf_type_id 
_struct_conf.id 
_struct_conf.pdbx_PDB_helix_id 
_struct_conf.beg_label_comp_id 
_struct_conf.beg_label_asym_id 
_struct_conf.beg_label_seq_id 
_struct_conf.pdbx_beg_PDB_ins_code 
_struct_conf.end_label_comp_id 
_struct_conf.end_label_asym_id 
_struct_conf.end_label_seq_id 
_struct_conf.pdbx_end_PDB_ins_code 
_struct_conf.beg_auth_comp_id 
_struct_conf.beg_auth_asym_id 
_struct_conf.beg_auth_seq_id 
_struct_conf.end_auth_comp_id 
_struct_conf.end_auth_asym_id 
_struct_conf.end_auth_seq_id 
_struct_conf.pdbx_PDB_helix_class 
_struct_conf.details 
_struct_conf.pdbx_PDB_helix_length 
HELX_P HELX_P1 1 SER A 10  ? SER A 16  ? SER A 20  SER A 26  1 ? 7  
HELX_P HELX_P2 2 LEU A 82  ? SER A 91  ? LEU A 92  SER A 101 1 ? 10 
HELX_P HELX_P3 3 PRO A 104 ? ALA A 107 ? PRO A 114 ALA A 117 5 ? 4  
# 
_struct_conf_type.id          HELX_P 
_struct_conf_type.criteria    ? 
_struct_conf_type.reference   ? 
# 
_struct_mon_prot_cis.pdbx_id                1 
_struct_mon_prot_cis.label_comp_id          PRO 
_struct_mon_prot_cis.label_seq_id           114 
_struct_mon_prot_cis.label_asym_id          A 
_struct_mon_prot_cis.label_alt_id           . 
_struct_mon_prot_cis.pdbx_PDB_ins_code      ? 
_struct_mon_prot_cis.auth_comp_id           PRO 
_struct_mon_prot_cis.auth_seq_id            124 
_struct_mon_prot_cis.auth_asym_id           A 
_struct_mon_prot_cis.pdbx_label_comp_id_2   PRO 
_struct_mon_prot_cis.pdbx_label_seq_id_2    115 
_struct_mon_prot_cis.pdbx_label_asym_id_2   A 
_struct_mon_prot_cis.pdbx_PDB_ins_code_2    ? 
_struct_mon_prot_cis.pdbx_auth_comp_id_2    PRO 
_struct_mon_prot_cis.pdbx_auth_seq_id_2     125 
_struct_mon_prot_cis.pdbx_auth_asym_id_2    A 
_struct_mon_prot_cis.pdbx_PDB_model_num     1 
_struct_mon_prot_cis.pdbx_omega_angle       -3.01 
# 
loop_
_struct_sheet.id 
_struct_sheet.type 
_struct_sheet.number_strands 
_struct_sheet.details 
A ? 6 ? 
B ? 6 ? 
C ? 2 ? 
# 
loop_
_struct_sheet_order.sheet_id 
_struct_sheet_order.range_id_1 
_struct_sheet_order.range_id_2 
_struct_sheet_order.offset 
_struct_sheet_order.sense 
A 1 2 ? anti-parallel 
A 2 3 ? anti-parallel 
A 3 4 ? anti-parallel 
A 4 5 ? anti-parallel 
A 5 6 ? anti-parallel 
B 1 2 ? anti-parallel 
B 2 3 ? anti-parallel 
B 3 4 ? anti-parallel 
B 4 5 ? anti-parallel 
B 5 6 ? anti-parallel 
C 1 2 ? anti-parallel 
# 
loop_
_struct_sheet_range.sheet_id 
_struct_sheet_range.id 
_struct_sheet_range.beg_label_comp_id 
_struct_sheet_range.beg_label_asym_id 
_struct_sheet_range.beg_label_seq_id 
_struct_sheet_range.pdbx_beg_PDB_ins_code 
_struct_sheet_range.end_label_comp_id 
_struct_sheet_range.end_label_asym_id 
_struct_sheet_range.end_label_seq_id 
_struct_sheet_range.pdbx_end_PDB_ins_code 
_struct_sheet_range.beg_auth_comp_id 
_struct_sheet_range.beg_auth_asym_id 
_struct_sheet_range.beg_auth_seq_id 
_struct_sheet_range.end_auth_comp_id 
_struct_sheet_range.end_auth_asym_id 
_struct_sheet_range.end_auth_seq_id 
A 1 LEU A 20  ? ASP A 21  ? LEU A 30  ASP A 31  
A 2 VAL A 28  ? ARG A 34  ? VAL A 38  ARG A 44  
A 3 LEU A 97  ? PHE A 102 ? LEU A 107 PHE A 112 
A 4 VAL A 123 ? LEU A 133 ? VAL A 133 LEU A 143 
A 5 SER A 46  ? TYR A 54  ? SER A 56  TYR A 64  
A 6 ASP A 63  ? SER A 64  ? ASP A 73  SER A 74  
B 1 LEU A 20  ? ASP A 21  ? LEU A 30  ASP A 31  
B 2 VAL A 28  ? ARG A 34  ? VAL A 38  ARG A 44  
B 3 LEU A 97  ? PHE A 102 ? LEU A 107 PHE A 112 
B 4 VAL A 123 ? LEU A 133 ? VAL A 133 LEU A 143 
B 5 SER A 46  ? TYR A 54  ? SER A 56  TYR A 64  
B 6 MET A 74  ? LYS A 75  ? MET A 84  LYS A 85  
C 1 ALA A 37  ? LEU A 40  ? ALA A 47  LEU A 50  
C 2 ARG A 93  ? ARG A 94  ? ARG A 103 ARG A 104 
# 
loop_
_pdbx_struct_sheet_hbond.sheet_id 
_pdbx_struct_sheet_hbond.range_id_1 
_pdbx_struct_sheet_hbond.range_id_2 
_pdbx_struct_sheet_hbond.range_1_label_atom_id 
_pdbx_struct_sheet_hbond.range_1_label_comp_id 
_pdbx_struct_sheet_hbond.range_1_label_asym_id 
_pdbx_struct_sheet_hbond.range_1_label_seq_id 
_pdbx_struct_sheet_hbond.range_1_PDB_ins_code 
_pdbx_struct_sheet_hbond.range_1_auth_atom_id 
_pdbx_struct_sheet_hbond.range_1_auth_comp_id 
_pdbx_struct_sheet_hbond.range_1_auth_asym_id 
_pdbx_struct_sheet_hbond.range_1_auth_seq_id 
_pdbx_struct_sheet_hbond.range_2_label_atom_id 
_pdbx_struct_sheet_hbond.range_2_label_comp_id 
_pdbx_struct_sheet_hbond.range_2_label_asym_id 
_pdbx_struct_sheet_hbond.range_2_label_seq_id 
_pdbx_struct_sheet_hbond.range_2_PDB_ins_code 
_pdbx_struct_sheet_hbond.range_2_auth_atom_id 
_pdbx_struct_sheet_hbond.range_2_auth_comp_id 
_pdbx_struct_sheet_hbond.range_2_auth_asym_id 
_pdbx_struct_sheet_hbond.range_2_auth_seq_id 
A 1 2 N LEU A 20  ? N LEU A 30  O LYS A 30  ? O LYS A 40  
A 2 3 N ASP A 31  ? N ASP A 41  O ARG A 99  ? O ARG A 109 
A 3 4 N ALA A 98  ? N ALA A 108 O ILE A 127 ? O ILE A 137 
A 4 5 O ASP A 131 ? O ASP A 141 N LEU A 48  ? N LEU A 58  
A 5 6 N GLY A 53  ? N GLY A 63  O ASP A 63  ? O ASP A 73  
B 1 2 N LEU A 20  ? N LEU A 30  O LYS A 30  ? O LYS A 40  
B 2 3 N ASP A 31  ? N ASP A 41  O ARG A 99  ? O ARG A 109 
B 3 4 N ALA A 98  ? N ALA A 108 O ILE A 127 ? O ILE A 137 
B 4 5 O ASP A 131 ? O ASP A 141 N LEU A 48  ? N LEU A 58  
B 5 6 N VAL A 47  ? N VAL A 57  O MET A 74  ? O MET A 84  
C 1 2 N ALA A 37  ? N ALA A 47  O ARG A 94  ? O ARG A 104 
# 
_atom_sites.entry_id                    3B7X 
_atom_sites.fract_transf_matrix[1][1]   -0.00299450 
_atom_sites.fract_transf_matrix[1][2]   -0.00453386 
_atom_sites.fract_transf_matrix[1][3]   0.01733018 
_atom_sites.fract_transf_matrix[2][1]   -0.01031880 
_atom_sites.fract_transf_matrix[2][2]   0.01479925 
_atom_sites.fract_transf_matrix[2][3]   0.00208873 
_atom_sites.fract_transf_matrix[3][1]   -0.00350552 
_atom_sites.fract_transf_matrix[3][2]   -0.00227474 
_atom_sites.fract_transf_matrix[3][3]   -0.00120083 
_atom_sites.fract_transf_vector[1]      -0.303148 
_atom_sites.fract_transf_vector[2]      -0.350335 
_atom_sites.fract_transf_vector[3]      -0.062925 
# 
loop_
_atom_type.symbol 
C 
N 
O 
S 
# 
loop_
_atom_site.group_PDB 
_atom_site.id 
_atom_site.type_symbol 
_atom_site.label_atom_id 
_atom_site.label_alt_id 
_atom_site.label_comp_id 
_atom_site.label_asym_id 
_atom_site.label_entity_id 
_atom_site.label_seq_id 
_atom_site.pdbx_PDB_ins_code 
_atom_site.Cartn_x 
_atom_site.Cartn_y 
_atom_site.Cartn_z 
_atom_site.occupancy 
_atom_site.B_iso_or_equiv 
_atom_site.pdbx_formal_charge 
_atom_site.auth_seq_id 
_atom_site.auth_comp_id 
_atom_site.auth_asym_id 
_atom_site.auth_atom_id 
_atom_site.pdbx_PDB_model_num 
ATOM   1   N N   . GLN A 1 9   ? 7.654   8.209   -17.698 1.00 50.64 ? 19  GLN A N   1 
ATOM   2   C CA  . GLN A 1 9   ? 8.319   6.921   -18.044 1.00 49.96 ? 19  GLN A CA  1 
ATOM   3   C C   . GLN A 1 9   ? 9.305   6.387   -16.987 1.00 48.48 ? 19  GLN A C   1 
ATOM   4   O O   . GLN A 1 9   ? 10.119  5.513   -17.288 1.00 48.10 ? 19  GLN A O   1 
ATOM   5   C CB  . GLN A 1 9   ? 8.958   6.996   -19.439 1.00 51.03 ? 19  GLN A CB  1 
ATOM   6   C CG  . GLN A 1 9   ? 9.591   8.319   -19.772 1.00 54.16 ? 19  GLN A CG  1 
ATOM   7   C CD  . GLN A 1 9   ? 11.081  8.319   -19.536 1.00 58.79 ? 19  GLN A CD  1 
ATOM   8   O OE1 . GLN A 1 9   ? 11.871  8.014   -20.449 1.00 61.51 ? 19  GLN A OE1 1 
ATOM   9   N NE2 . GLN A 1 9   ? 11.485  8.650   -18.309 1.00 59.00 ? 19  GLN A NE2 1 
ATOM   10  N N   . SER A 1 10  ? 9.195   6.856   -15.739 1.00 46.52 ? 20  SER A N   1 
ATOM   11  C CA  . SER A 1 10  ? 9.775   6.108   -14.625 1.00 44.68 ? 20  SER A CA  1 
ATOM   12  C C   . SER A 1 10  ? 9.126   4.718   -14.622 1.00 43.76 ? 20  SER A C   1 
ATOM   13  O O   . SER A 1 10  ? 8.074   4.528   -15.241 1.00 43.41 ? 20  SER A O   1 
ATOM   14  C CB  . SER A 1 10  ? 9.560   6.829   -13.294 1.00 44.47 ? 20  SER A CB  1 
ATOM   15  O OG  . SER A 1 10  ? 8.217   6.702   -12.845 1.00 44.14 ? 20  SER A OG  1 
ATOM   16  N N   . LEU A 1 11  ? 9.751   3.745   -13.963 1.00 43.20 ? 21  LEU A N   1 
ATOM   17  C CA  . LEU A 1 11  ? 9.179   2.391   -13.882 1.00 42.05 ? 21  LEU A CA  1 
ATOM   18  C C   . LEU A 1 11  ? 7.859   2.409   -13.115 1.00 41.14 ? 21  LEU A C   1 
ATOM   19  O O   . LEU A 1 11  ? 6.896   1.754   -13.508 1.00 40.56 ? 21  LEU A O   1 
ATOM   20  C CB  . LEU A 1 11  ? 10.156  1.409   -13.220 1.00 42.80 ? 21  LEU A CB  1 
ATOM   21  C CG  . LEU A 1 11  ? 9.631   -0.020  -12.950 1.00 43.13 ? 21  LEU A CG  1 
ATOM   22  C CD1 . LEU A 1 11  ? 9.248   -0.756  -14.226 1.00 42.89 ? 21  LEU A CD1 1 
ATOM   23  C CD2 . LEU A 1 11  ? 10.628  -0.849  -12.129 1.00 42.93 ? 21  LEU A CD2 1 
ATOM   24  N N   . TYR A 1 12  ? 7.820   3.156   -12.015 1.00 39.57 ? 22  TYR A N   1 
ATOM   25  C CA  . TYR A 1 12  ? 6.581   3.286   -11.253 1.00 39.21 ? 22  TYR A CA  1 
ATOM   26  C C   . TYR A 1 12  ? 5.451   3.828   -12.117 1.00 38.48 ? 22  TYR A C   1 
ATOM   27  O O   . TYR A 1 12  ? 4.368   3.300   -12.096 1.00 38.68 ? 22  TYR A O   1 
ATOM   28  C CB  . TYR A 1 12  ? 6.795   4.111   -9.984  1.00 38.70 ? 22  TYR A CB  1 
ATOM   29  C CG  . TYR A 1 12  ? 7.445   3.324   -8.849  1.00 37.87 ? 22  TYR A CG  1 
ATOM   30  C CD1 . TYR A 1 12  ? 8.148   2.142   -9.095  1.00 35.43 ? 22  TYR A CD1 1 
ATOM   31  C CD2 . TYR A 1 12  ? 7.407   3.798   -7.539  1.00 36.29 ? 22  TYR A CD2 1 
ATOM   32  C CE1 . TYR A 1 12  ? 8.759   1.425   -8.046  1.00 38.42 ? 22  TYR A CE1 1 
ATOM   33  C CE2 . TYR A 1 12  ? 8.016   3.092   -6.486  1.00 36.90 ? 22  TYR A CE2 1 
ATOM   34  C CZ  . TYR A 1 12  ? 8.680   1.909   -6.743  1.00 37.75 ? 22  TYR A CZ  1 
ATOM   35  O OH  . TYR A 1 12  ? 9.289   1.209   -5.703  1.00 37.67 ? 22  TYR A OH  1 
ATOM   36  N N   . GLU A 1 13  ? 5.729   4.842   -12.928 1.00 39.26 ? 23  GLU A N   1 
ATOM   37  C CA  . GLU A 1 13  ? 4.763   5.285   -13.941 1.00 39.53 ? 23  GLU A CA  1 
ATOM   38  C C   . GLU A 1 13  ? 4.329   4.175   -14.888 1.00 38.80 ? 23  GLU A C   1 
ATOM   39  O O   . GLU A 1 13  ? 3.148   4.042   -15.157 1.00 38.00 ? 23  GLU A O   1 
ATOM   40  C CB  . GLU A 1 13  ? 5.270   6.497   -14.722 1.00 39.66 ? 23  GLU A CB  1 
ATOM   41  C CG  . GLU A 1 13  ? 5.640   7.703   -13.867 1.00 43.99 ? 23  GLU A CG  1 
ATOM   42  C CD  . GLU A 1 13  ? 6.576   8.664   -14.606 1.00 49.37 ? 23  GLU A CD  1 
ATOM   43  O OE1 . GLU A 1 13  ? 7.589   9.097   -14.016 1.00 51.05 ? 23  GLU A OE1 1 
ATOM   44  O OE2 . GLU A 1 13  ? 6.315   8.964   -15.791 1.00 50.95 ? 23  GLU A OE2 1 
ATOM   45  N N   . ARG A 1 14  ? 5.272   3.363   -15.377 1.00 39.87 ? 24  ARG A N   1 
ATOM   46  C CA  . ARG A 1 14  ? 4.917   2.196   -16.218 1.00 40.57 ? 24  ARG A CA  1 
ATOM   47  C C   . ARG A 1 14  ? 4.056   1.175   -15.480 1.00 40.91 ? 24  ARG A C   1 
ATOM   48  O O   . ARG A 1 14  ? 3.047   0.710   -16.000 1.00 41.61 ? 24  ARG A O   1 
ATOM   49  C CB  . ARG A 1 14  ? 6.168   1.471   -16.762 1.00 40.07 ? 24  ARG A CB  1 
ATOM   50  C CG  . ARG A 1 14  ? 7.134   2.318   -17.596 1.00 42.51 ? 24  ARG A CG  1 
ATOM   51  C CD  . ARG A 1 14  ? 6.443   3.370   -18.459 1.00 44.56 ? 24  ARG A CD  1 
ATOM   52  N NE  . ARG A 1 14  ? 5.409   2.816   -19.326 1.00 51.51 ? 24  ARG A NE  1 
ATOM   53  C CZ  . ARG A 1 14  ? 4.413   3.531   -19.850 1.00 54.84 ? 24  ARG A CZ  1 
ATOM   54  N NH1 . ARG A 1 14  ? 3.514   2.947   -20.625 1.00 56.99 ? 24  ARG A NH1 1 
ATOM   55  N NH2 . ARG A 1 14  ? 4.310   4.831   -19.599 1.00 56.40 ? 24  ARG A NH2 1 
ATOM   56  N N   . LEU A 1 15  ? 4.477   0.803   -14.279 1.00 41.33 ? 25  LEU A N   1 
ATOM   57  C CA  . LEU A 1 15  ? 3.743   -0.173  -13.477 1.00 42.18 ? 25  LEU A CA  1 
ATOM   58  C C   . LEU A 1 15  ? 2.312   0.256   -13.227 1.00 42.91 ? 25  LEU A C   1 
ATOM   59  O O   . LEU A 1 15  ? 1.422   -0.583  -13.129 1.00 43.68 ? 25  LEU A O   1 
ATOM   60  C CB  . LEU A 1 15  ? 4.455   -0.376  -12.145 1.00 41.89 ? 25  LEU A CB  1 
ATOM   61  C CG  . LEU A 1 15  ? 5.452   -1.513  -11.897 1.00 42.94 ? 25  LEU A CG  1 
ATOM   62  C CD1 . LEU A 1 15  ? 5.933   -2.245  -13.162 1.00 42.34 ? 25  LEU A CD1 1 
ATOM   63  C CD2 . LEU A 1 15  ? 6.615   -1.010  -11.065 1.00 41.16 ? 25  LEU A CD2 1 
ATOM   64  N N   . SER A 1 16  ? 2.095   1.565   -13.118 1.00 44.31 ? 26  SER A N   1 
ATOM   65  C CA  . SER A 1 16  ? 0.774   2.117   -12.799 1.00 45.85 ? 26  SER A CA  1 
ATOM   66  C C   . SER A 1 16  ? -0.256  1.882   -13.919 1.00 47.19 ? 26  SER A C   1 
ATOM   67  O O   . SER A 1 16  ? -1.465  2.041   -13.702 1.00 47.04 ? 26  SER A O   1 
ATOM   68  C CB  . SER A 1 16  ? 0.895   3.609   -12.486 1.00 46.09 ? 26  SER A CB  1 
ATOM   69  O OG  . SER A 1 16  ? 0.979   4.356   -13.689 1.00 46.02 ? 26  SER A OG  1 
ATOM   70  N N   . GLN A 1 17  ? 0.250   1.489   -15.095 1.00 48.20 ? 27  GLN A N   1 
ATOM   71  C CA  . GLN A 1 17  ? -0.525  1.042   -16.257 1.00 49.23 ? 27  GLN A CA  1 
ATOM   72  C C   . GLN A 1 17  ? -1.470  -0.104  -15.933 1.00 48.27 ? 27  GLN A C   1 
ATOM   73  O O   . GLN A 1 17  ? -1.021  -1.222  -15.625 1.00 49.29 ? 27  GLN A O   1 
ATOM   74  C CB  . GLN A 1 17  ? 0.416   0.468   -17.332 1.00 49.43 ? 27  GLN A CB  1 
ATOM   75  C CG  . GLN A 1 17  ? 1.246   1.422   -18.161 1.00 50.96 ? 27  GLN A CG  1 
ATOM   76  C CD  . GLN A 1 17  ? 2.052   0.649   -19.206 1.00 52.07 ? 27  GLN A CD  1 
ATOM   77  O OE1 . GLN A 1 17  ? 3.036   -0.043  -18.874 1.00 54.14 ? 27  GLN A OE1 1 
ATOM   78  N NE2 . GLN A 1 17  ? 1.628   0.745   -20.473 1.00 53.56 ? 27  GLN A NE2 1 
ATOM   79  N N   . ARG A 1 18  ? -2.767  0.145   -16.051 1.00 47.18 ? 28  ARG A N   1 
ATOM   80  C CA  . ARG A 1 18  ? -3.781  -0.910  -15.935 1.00 46.28 ? 28  ARG A CA  1 
ATOM   81  C C   . ARG A 1 18  ? -3.980  -1.391  -14.498 1.00 44.56 ? 28  ARG A C   1 
ATOM   82  O O   . ARG A 1 18  ? -4.694  -2.372  -14.281 1.00 45.04 ? 28  ARG A O   1 
ATOM   83  C CB  . ARG A 1 18  ? -3.477  -2.114  -16.864 1.00 47.26 ? 28  ARG A CB  1 
ATOM   84  C CG  . ARG A 1 18  ? -2.985  -1.760  -18.273 1.00 49.70 ? 28  ARG A CG  1 
ATOM   85  C CD  . ARG A 1 18  ? -4.070  -1.779  -19.333 1.00 54.67 ? 28  ARG A CD  1 
ATOM   86  N NE  . ARG A 1 18  ? -4.314  -3.115  -19.873 1.00 58.20 ? 28  ARG A NE  1 
ATOM   87  C CZ  . ARG A 1 18  ? -4.739  -3.371  -21.115 1.00 60.42 ? 28  ARG A CZ  1 
ATOM   88  N NH1 . ARG A 1 18  ? -4.941  -4.630  -21.494 1.00 60.17 ? 28  ARG A NH1 1 
ATOM   89  N NH2 . ARG A 1 18  ? -4.957  -2.380  -21.987 1.00 60.35 ? 28  ARG A NH2 1 
ATOM   90  N N   . MET A 1 19  ? -3.365  -0.715  -13.524 1.00 42.27 ? 29  MET A N   1 
ATOM   91  C CA  . MET A 1 19  ? -3.634  -0.999  -12.103 1.00 40.53 ? 29  MET A CA  1 
ATOM   92  C C   . MET A 1 19  ? -5.019  -0.469  -11.713 1.00 40.46 ? 29  MET A C   1 
ATOM   93  O O   . MET A 1 19  ? -5.526  0.465   -12.327 1.00 39.52 ? 29  MET A O   1 
ATOM   94  C CB  . MET A 1 19  ? -2.549  -0.402  -11.195 1.00 39.94 ? 29  MET A CB  1 
ATOM   95  C CG  . MET A 1 19  ? -1.245  -1.227  -11.173 1.00 38.12 ? 29  MET A CG  1 
ATOM   96  S SD  . MET A 1 19  ? -0.003  -0.587  -10.051 1.00 40.19 ? 29  MET A SD  1 
ATOM   97  C CE  . MET A 1 19  ? -0.669  -1.125  -8.517  1.00 37.75 ? 29  MET A CE  1 
ATOM   98  N N   . LEU A 1 20  ? -5.624  -1.079  -10.698 1.00 39.35 ? 30  LEU A N   1 
ATOM   99  C CA  . LEU A 1 20  ? -6.951  -0.717  -10.264 1.00 39.00 ? 30  LEU A CA  1 
ATOM   100 C C   . LEU A 1 20  ? -6.883  0.524   -9.395  1.00 38.96 ? 30  LEU A C   1 
ATOM   101 O O   . LEU A 1 20  ? -6.091  0.595   -8.461  1.00 38.11 ? 30  LEU A O   1 
ATOM   102 C CB  . LEU A 1 20  ? -7.594  -1.895  -9.502  1.00 38.94 ? 30  LEU A CB  1 
ATOM   103 C CG  . LEU A 1 20  ? -8.856  -1.687  -8.667  1.00 38.90 ? 30  LEU A CG  1 
ATOM   104 C CD1 . LEU A 1 20  ? -10.036 -1.266  -9.542  1.00 37.21 ? 30  LEU A CD1 1 
ATOM   105 C CD2 . LEU A 1 20  ? -9.173  -2.969  -7.895  1.00 37.59 ? 30  LEU A CD2 1 
ATOM   106 N N   . ASP A 1 21  ? -7.729  1.499   -9.706  1.00 39.58 ? 31  ASP A N   1 
ATOM   107 C CA  . ASP A 1 21  ? -7.791  2.747   -8.953  1.00 39.96 ? 31  ASP A CA  1 
ATOM   108 C C   . ASP A 1 21  ? -8.855  2.624   -7.864  1.00 40.50 ? 31  ASP A C   1 
ATOM   109 O O   . ASP A 1 21  ? -10.043 2.733   -8.129  1.00 39.81 ? 31  ASP A O   1 
ATOM   110 C CB  . ASP A 1 21  ? -8.104  3.909   -9.915  1.00 41.12 ? 31  ASP A CB  1 
ATOM   111 C CG  . ASP A 1 21  ? -8.258  5.248   -9.207  1.00 41.93 ? 31  ASP A CG  1 
ATOM   112 O OD1 . ASP A 1 21  ? -8.036  5.318   -7.985  1.00 42.54 ? 31  ASP A OD1 1 
ATOM   113 O OD2 . ASP A 1 21  ? -8.614  6.236   -9.885  1.00 46.21 ? 31  ASP A OD2 1 
ATOM   114 N N   . ILE A 1 22  ? -8.437  2.369   -6.628  1.00 41.73 ? 32  ILE A N   1 
ATOM   115 C CA  . ILE A 1 22  ? -9.421  2.235   -5.560  1.00 42.37 ? 32  ILE A CA  1 
ATOM   116 C C   . ILE A 1 22  ? -9.824  3.568   -4.933  1.00 43.62 ? 32  ILE A C   1 
ATOM   117 O O   . ILE A 1 22  ? -10.837 3.624   -4.229  1.00 44.35 ? 32  ILE A O   1 
ATOM   118 C CB  . ILE A 1 22  ? -9.020  1.193   -4.465  1.00 42.57 ? 32  ILE A CB  1 
ATOM   119 C CG1 . ILE A 1 22  ? -7.768  1.627   -3.717  1.00 42.73 ? 32  ILE A CG1 1 
ATOM   120 C CG2 . ILE A 1 22  ? -8.839  -0.200  -5.089  1.00 41.30 ? 32  ILE A CG2 1 
ATOM   121 C CD1 . ILE A 1 22  ? -7.686  1.083   -2.328  1.00 46.39 ? 32  ILE A CD1 1 
ATOM   122 N N   . SER A 1 23  ? -9.055  4.630   -5.183  1.00 43.96 ? 33  SER A N   1 
ATOM   123 C CA  . SER A 1 23  ? -9.306  5.909   -4.515  1.00 44.97 ? 33  SER A CA  1 
ATOM   124 C C   . SER A 1 23  ? -10.117 6.901   -5.353  1.00 45.93 ? 33  SER A C   1 
ATOM   125 O O   . SER A 1 23  ? -10.723 7.818   -4.810  1.00 46.40 ? 33  SER A O   1 
ATOM   126 C CB  . SER A 1 23  ? -8.010  6.555   -4.026  1.00 44.36 ? 33  SER A CB  1 
ATOM   127 O OG  . SER A 1 23  ? -7.150  6.853   -5.109  1.00 45.12 ? 33  SER A OG  1 
ATOM   128 N N   . GLY A 1 24  ? -10.107 6.722   -6.667  1.00 46.61 ? 34  GLY A N   1 
ATOM   129 C CA  . GLY A 1 24  ? -10.897 7.553   -7.554  1.00 47.63 ? 34  GLY A CA  1 
ATOM   130 C C   . GLY A 1 24  ? -10.056 8.610   -8.221  1.00 47.93 ? 34  GLY A C   1 
ATOM   131 O O   . GLY A 1 24  ? -10.399 9.083   -9.295  1.00 48.56 ? 34  GLY A O   1 
ATOM   132 N N   . ASP A 1 25  ? -8.937  8.957   -7.593  1.00 47.79 ? 35  ASP A N   1 
ATOM   133 C CA  . ASP A 1 25  ? -8.045  9.987   -8.118  1.00 47.84 ? 35  ASP A CA  1 
ATOM   134 C C   . ASP A 1 25  ? -6.693  9.441   -8.576  1.00 47.39 ? 35  ASP A C   1 
ATOM   135 O O   . ASP A 1 25  ? -5.756  10.208  -8.771  1.00 47.30 ? 35  ASP A O   1 
ATOM   136 C CB  . ASP A 1 25  ? -7.824  11.075  -7.062  1.00 48.39 ? 35  ASP A CB  1 
ATOM   137 C CG  . ASP A 1 25  ? -7.354  10.510  -5.736  1.00 49.04 ? 35  ASP A CG  1 
ATOM   138 O OD1 . ASP A 1 25  ? -6.831  9.372   -5.717  1.00 49.23 ? 35  ASP A OD1 1 
ATOM   139 O OD2 . ASP A 1 25  ? -7.504  11.205  -4.714  1.00 49.36 ? 35  ASP A OD2 1 
ATOM   140 N N   . ARG A 1 26  ? -6.598  8.119   -8.742  1.00 46.81 ? 36  ARG A N   1 
ATOM   141 C CA  . ARG A 1 26  ? -5.338  7.447   -9.113  1.00 46.15 ? 36  ARG A CA  1 
ATOM   142 C C   . ARG A 1 26  ? -4.258  7.493   -8.007  1.00 44.94 ? 36  ARG A C   1 
ATOM   143 O O   . ARG A 1 26  ? -3.137  7.036   -8.217  1.00 44.66 ? 36  ARG A O   1 
ATOM   144 C CB  . ARG A 1 26  ? -4.754  8.019   -10.416 1.00 46.51 ? 36  ARG A CB  1 
ATOM   145 C CG  . ARG A 1 26  ? -5.739  8.257   -11.583 1.00 48.06 ? 36  ARG A CG  1 
ATOM   146 C CD  . ARG A 1 26  ? -5.926  7.033   -12.452 1.00 50.22 ? 36  ARG A CD  1 
ATOM   147 N NE  . ARG A 1 26  ? -4.646  6.476   -12.866 1.00 53.10 ? 36  ARG A NE  1 
ATOM   148 C CZ  . ARG A 1 26  ? -4.495  5.269   -13.403 1.00 54.03 ? 36  ARG A CZ  1 
ATOM   149 N NH1 . ARG A 1 26  ? -5.549  4.482   -13.602 1.00 53.85 ? 36  ARG A NH1 1 
ATOM   150 N NH2 . ARG A 1 26  ? -3.286  4.850   -13.738 1.00 53.78 ? 36  ARG A NH2 1 
ATOM   151 N N   . GLY A 1 27  ? -4.593  8.050   -6.849  1.00 44.27 ? 37  GLY A N   1 
ATOM   152 C CA  . GLY A 1 27  ? -3.660  8.156   -5.716  1.00 43.13 ? 37  GLY A CA  1 
ATOM   153 C C   . GLY A 1 27  ? -3.299  6.819   -5.080  1.00 42.39 ? 37  GLY A C   1 
ATOM   154 O O   . GLY A 1 27  ? -2.206  6.645   -4.530  1.00 42.27 ? 37  GLY A O   1 
ATOM   155 N N   . VAL A 1 28  ? -4.228  5.876   -5.151  1.00 41.29 ? 38  VAL A N   1 
ATOM   156 C CA  . VAL A 1 28  ? -4.032  4.547   -4.601  1.00 40.22 ? 38  VAL A CA  1 
ATOM   157 C C   . VAL A 1 28  ? -4.408  3.532   -5.666  1.00 39.23 ? 38  VAL A C   1 
ATOM   158 O O   . VAL A 1 28  ? -5.578  3.375   -6.008  1.00 40.02 ? 38  VAL A O   1 
ATOM   159 C CB  . VAL A 1 28  ? -4.840  4.293   -3.300  1.00 39.99 ? 38  VAL A CB  1 
ATOM   160 C CG1 . VAL A 1 28  ? -4.581  2.885   -2.782  1.00 39.79 ? 38  VAL A CG1 1 
ATOM   161 C CG2 . VAL A 1 28  ? -4.489  5.317   -2.232  1.00 41.44 ? 38  VAL A CG2 1 
ATOM   162 N N   . LEU A 1 29  ? -3.393  2.844   -6.170  1.00 38.12 ? 39  LEU A N   1 
ATOM   163 C CA  . LEU A 1 29  ? -3.519  1.935   -7.297  1.00 37.19 ? 39  LEU A CA  1 
ATOM   164 C C   . LEU A 1 29  ? -3.167  0.540   -6.840  1.00 36.40 ? 39  LEU A C   1 
ATOM   165 O O   . LEU A 1 29  ? -2.255  0.352   -6.038  1.00 35.69 ? 39  LEU A O   1 
ATOM   166 C CB  . LEU A 1 29  ? -2.559  2.376   -8.395  1.00 37.37 ? 39  LEU A CB  1 
ATOM   167 C CG  . LEU A 1 29  ? -2.989  3.166   -9.628  1.00 38.89 ? 39  LEU A CG  1 
ATOM   168 C CD1 . LEU A 1 29  ? -4.417  3.733   -9.546  1.00 38.25 ? 39  LEU A CD1 1 
ATOM   169 C CD2 . LEU A 1 29  ? -1.939  4.250   -9.959  1.00 39.27 ? 39  LEU A CD2 1 
ATOM   170 N N   . LYS A 1 30  ? -3.879  -0.446  -7.367  1.00 35.55 ? 40  LYS A N   1 
ATOM   171 C CA  . LYS A 1 30  ? -3.769  -1.784  -6.853  1.00 34.87 ? 40  LYS A CA  1 
ATOM   172 C C   . LYS A 1 30  ? -3.630  -2.849  -7.961  1.00 34.58 ? 40  LYS A C   1 
ATOM   173 O O   . LYS A 1 30  ? -4.277  -2.792  -9.019  1.00 33.52 ? 40  LYS A O   1 
ATOM   174 C CB  . LYS A 1 30  ? -4.981  -2.067  -5.958  1.00 34.84 ? 40  LYS A CB  1 
ATOM   175 C CG  . LYS A 1 30  ? -5.066  -3.485  -5.465  1.00 35.21 ? 40  LYS A CG  1 
ATOM   176 C CD  . LYS A 1 30  ? -6.392  -3.778  -4.783  1.00 33.80 ? 40  LYS A CD  1 
ATOM   177 C CE  . LYS A 1 30  ? -6.196  -4.914  -3.814  1.00 31.12 ? 40  LYS A CE  1 
ATOM   178 N NZ  . LYS A 1 30  ? -7.504  -5.453  -3.396  1.00 29.88 ? 40  LYS A NZ  1 
ATOM   179 N N   . ASP A 1 31  ? -2.785  -3.825  -7.683  1.00 34.07 ? 41  ASP A N   1 
ATOM   180 C CA  . ASP A 1 31  ? -2.694  -5.032  -8.495  1.00 34.58 ? 41  ASP A CA  1 
ATOM   181 C C   . ASP A 1 31  ? -2.779  -6.237  -7.541  1.00 34.96 ? 41  ASP A C   1 
ATOM   182 O O   . ASP A 1 31  ? -1.975  -6.363  -6.612  1.00 35.58 ? 41  ASP A O   1 
ATOM   183 C CB  . ASP A 1 31  ? -1.392  -4.993  -9.302  1.00 34.31 ? 41  ASP A CB  1 
ATOM   184 C CG  . ASP A 1 31  ? -1.185  -6.231  -10.205 1.00 34.07 ? 41  ASP A CG  1 
ATOM   185 O OD1 . ASP A 1 31  ? -2.149  -6.869  -10.685 1.00 33.55 ? 41  ASP A OD1 1 
ATOM   186 O OD2 . ASP A 1 31  ? -0.018  -6.537  -10.461 1.00 36.02 ? 41  ASP A OD2 1 
ATOM   187 N N   . VAL A 1 32  ? -3.795  -7.072  -7.721  1.00 35.26 ? 42  VAL A N   1 
ATOM   188 C CA  . VAL A 1 32  ? -3.951  -8.272  -6.899  1.00 35.99 ? 42  VAL A CA  1 
ATOM   189 C C   . VAL A 1 32  ? -3.024  -9.309  -7.529  1.00 37.05 ? 42  VAL A C   1 
ATOM   190 O O   . VAL A 1 32  ? -3.116  -9.576  -8.734  1.00 37.12 ? 42  VAL A O   1 
ATOM   191 C CB  . VAL A 1 32  ? -5.389  -8.801  -6.923  1.00 35.52 ? 42  VAL A CB  1 
ATOM   192 C CG1 . VAL A 1 32  ? -5.518  -10.030 -6.048  1.00 37.63 ? 42  VAL A CG1 1 
ATOM   193 C CG2 . VAL A 1 32  ? -6.395  -7.716  -6.474  1.00 36.39 ? 42  VAL A CG2 1 
ATOM   194 N N   . ILE A 1 33  ? -2.108  -9.863  -6.753  1.00 37.57 ? 43  ILE A N   1 
ATOM   195 C CA  . ILE A 1 33  ? -1.304  -10.932 -7.302  1.00 38.88 ? 43  ILE A CA  1 
ATOM   196 C C   . ILE A 1 33  ? -1.774  -12.338 -6.873  1.00 39.35 ? 43  ILE A C   1 
ATOM   197 O O   . ILE A 1 33  ? -1.601  -13.304 -7.626  1.00 39.89 ? 43  ILE A O   1 
ATOM   198 C CB  . ILE A 1 33  ? 0.232   -10.695 -7.184  1.00 39.80 ? 43  ILE A CB  1 
ATOM   199 C CG1 . ILE A 1 33  ? 0.923   -11.833 -6.469  1.00 39.66 ? 43  ILE A CG1 1 
ATOM   200 C CG2 . ILE A 1 33  ? 0.617   -9.314  -6.639  1.00 39.58 ? 43  ILE A CG2 1 
ATOM   201 C CD1 . ILE A 1 33  ? 2.352   -11.862 -6.776  1.00 42.76 ? 43  ILE A CD1 1 
ATOM   202 N N   . ARG A 1 34  ? -2.400  -12.441 -5.697  1.00 38.75 ? 44  ARG A N   1 
ATOM   203 C CA  . ARG A 1 34  ? -3.113  -13.653 -5.315  1.00 39.00 ? 44  ARG A CA  1 
ATOM   204 C C   . ARG A 1 34  ? -4.392  -13.255 -4.605  1.00 38.16 ? 44  ARG A C   1 
ATOM   205 O O   . ARG A 1 34  ? -4.360  -12.468 -3.676  1.00 37.77 ? 44  ARG A O   1 
ATOM   206 C CB  . ARG A 1 34  ? -2.241  -14.571 -4.429  1.00 39.04 ? 44  ARG A CB  1 
ATOM   207 C CG  . ARG A 1 34  ? -2.888  -15.938 -4.098  1.00 40.35 ? 44  ARG A CG  1 
ATOM   208 C CD  . ARG A 1 34  ? -2.104  -16.699 -2.975  1.00 40.85 ? 44  ARG A CD  1 
ATOM   209 N NE  . ARG A 1 34  ? -2.147  -15.934 -1.734  1.00 42.04 ? 44  ARG A NE  1 
ATOM   210 C CZ  . ARG A 1 34  ? -1.111  -15.613 -0.961  1.00 43.17 ? 44  ARG A CZ  1 
ATOM   211 N NH1 . ARG A 1 34  ? 0.120   -16.044 -1.216  1.00 42.88 ? 44  ARG A NH1 1 
ATOM   212 N NH2 . ARG A 1 34  ? -1.331  -14.886 0.121   1.00 40.29 ? 44  ARG A NH2 1 
ATOM   213 N N   . GLU A 1 35  ? -5.520  -13.793 -5.047  1.00 38.14 ? 45  GLU A N   1 
ATOM   214 C CA  . GLU A 1 35  ? -6.798  -13.460 -4.444  1.00 38.78 ? 45  GLU A CA  1 
ATOM   215 C C   . GLU A 1 35  ? -6.935  -14.101 -3.058  1.00 39.68 ? 45  GLU A C   1 
ATOM   216 O O   . GLU A 1 35  ? -6.418  -15.192 -2.810  1.00 38.97 ? 45  GLU A O   1 
ATOM   217 C CB  . GLU A 1 35  ? -7.957  -13.935 -5.332  1.00 38.81 ? 45  GLU A CB  1 
ATOM   218 C CG  . GLU A 1 35  ? -7.951  -13.359 -6.770  1.00 39.56 ? 45  GLU A CG  1 
ATOM   219 C CD  . GLU A 1 35  ? -8.451  -11.921 -6.860  1.00 41.15 ? 45  GLU A CD  1 
ATOM   220 O OE1 . GLU A 1 35  ? -8.877  -11.345 -5.846  1.00 40.41 ? 45  GLU A OE1 1 
ATOM   221 O OE2 . GLU A 1 35  ? -8.407  -11.353 -7.967  1.00 45.67 ? 45  GLU A OE2 1 
ATOM   222 N N   . GLY A 1 36  ? -7.656  -13.424 -2.174  1.00 40.42 ? 46  GLY A N   1 
ATOM   223 C CA  . GLY A 1 36  ? -8.126  -14.048 -0.945  1.00 41.43 ? 46  GLY A CA  1 
ATOM   224 C C   . GLY A 1 36  ? -9.482  -14.703 -1.168  1.00 42.90 ? 46  GLY A C   1 
ATOM   225 O O   . GLY A 1 36  ? -9.791  -15.178 -2.276  1.00 43.01 ? 46  GLY A O   1 
ATOM   226 N N   . ALA A 1 37  ? -10.285 -14.731 -0.109  1.00 43.45 ? 47  ALA A N   1 
ATOM   227 C CA  . ALA A 1 37  ? -11.617 -15.338 -0.135  1.00 44.18 ? 47  ALA A CA  1 
ATOM   228 C C   . ALA A 1 37  ? -12.452 -14.727 0.987   1.00 44.75 ? 47  ALA A C   1 
ATOM   229 O O   . ALA A 1 37  ? -11.908 -14.258 1.980   1.00 44.27 ? 47  ALA A O   1 
ATOM   230 C CB  . ALA A 1 37  ? -11.524 -16.861 0.029   1.00 44.22 ? 47  ALA A CB  1 
ATOM   231 N N   . GLY A 1 38  ? -13.768 -14.725 0.824   1.00 45.40 ? 48  GLY A N   1 
ATOM   232 C CA  . GLY A 1 38  ? -14.647 -14.177 1.844   1.00 46.49 ? 48  GLY A CA  1 
ATOM   233 C C   . GLY A 1 38  ? -14.679 -12.668 1.919   1.00 47.15 ? 48  GLY A C   1 
ATOM   234 O O   . GLY A 1 38  ? -14.320 -11.969 0.963   1.00 46.77 ? 48  GLY A O   1 
ATOM   235 N N   . ASP A 1 39  ? -15.091 -12.184 3.088   1.00 48.08 ? 49  ASP A N   1 
ATOM   236 C CA  . ASP A 1 39  ? -15.353 -10.778 3.367   1.00 49.08 ? 49  ASP A CA  1 
ATOM   237 C C   . ASP A 1 39  ? -14.146 -9.865  3.240   1.00 48.89 ? 49  ASP A C   1 
ATOM   238 O O   . ASP A 1 39  ? -13.020 -10.274 3.485   1.00 48.05 ? 49  ASP A O   1 
ATOM   239 C CB  . ASP A 1 39  ? -15.901 -10.640 4.798   1.00 50.08 ? 49  ASP A CB  1 
ATOM   240 C CG  . ASP A 1 39  ? -17.374 -11.017 4.918   1.00 52.76 ? 49  ASP A CG  1 
ATOM   241 O OD1 . ASP A 1 39  ? -18.086 -11.098 3.889   1.00 55.85 ? 49  ASP A OD1 1 
ATOM   242 O OD2 . ASP A 1 39  ? -17.834 -11.202 6.072   1.00 57.58 ? 49  ASP A OD2 1 
ATOM   243 N N   . LEU A 1 40  ? -14.421 -8.613  2.891   1.00 49.11 ? 50  LEU A N   1 
ATOM   244 C CA  . LEU A 1 40  ? -13.434 -7.540  2.901   1.00 50.50 ? 50  LEU A CA  1 
ATOM   245 C C   . LEU A 1 40  ? -13.148 -7.070  4.319   1.00 51.57 ? 50  LEU A C   1 
ATOM   246 O O   . LEU A 1 40  ? -14.043 -7.057  5.159   1.00 51.55 ? 50  LEU A O   1 
ATOM   247 C CB  . LEU A 1 40  ? -13.952 -6.337  2.121   1.00 49.76 ? 50  LEU A CB  1 
ATOM   248 C CG  . LEU A 1 40  ? -14.163 -6.479  0.618   1.00 49.62 ? 50  LEU A CG  1 
ATOM   249 C CD1 . LEU A 1 40  ? -15.092 -5.381  0.183   1.00 48.53 ? 50  LEU A CD1 1 
ATOM   250 C CD2 . LEU A 1 40  ? -12.858 -6.381  -0.106  1.00 47.74 ? 50  LEU A CD2 1 
ATOM   251 N N   . VAL A 1 41  ? -11.903 -6.665  4.567   1.00 52.76 ? 51  VAL A N   1 
ATOM   252 C CA  . VAL A 1 41  ? -11.521 -6.086  5.856   1.00 54.31 ? 51  VAL A CA  1 
ATOM   253 C C   . VAL A 1 41  ? -12.498 -4.986  6.262   1.00 55.34 ? 51  VAL A C   1 
ATOM   254 O O   . VAL A 1 41  ? -12.784 -4.068  5.481   1.00 55.41 ? 51  VAL A O   1 
ATOM   255 C CB  . VAL A 1 41  ? -10.080 -5.527  5.828   1.00 54.11 ? 51  VAL A CB  1 
ATOM   256 C CG1 . VAL A 1 41  ? -9.795  -4.664  7.068   1.00 54.26 ? 51  VAL A CG1 1 
ATOM   257 C CG2 . VAL A 1 41  ? -9.087  -6.657  5.745   1.00 53.86 ? 51  VAL A CG2 1 
ATOM   258 N N   . ALA A 1 42  ? -12.993 -5.101  7.491   1.00 56.96 ? 52  ALA A N   1 
ATOM   259 C CA  . ALA A 1 42  ? -13.911 -4.138  8.091   1.00 58.32 ? 52  ALA A CA  1 
ATOM   260 C C   . ALA A 1 42  ? -13.194 -2.838  8.481   1.00 59.12 ? 52  ALA A C   1 
ATOM   261 O O   . ALA A 1 42  ? -12.045 -2.879  8.907   1.00 59.56 ? 52  ALA A O   1 
ATOM   262 C CB  . ALA A 1 42  ? -14.597 -4.766  9.309   1.00 58.46 ? 52  ALA A CB  1 
ATOM   263 N N   . PRO A 1 43  ? -13.876 -1.686  8.325   1.00 60.04 ? 53  PRO A N   1 
ATOM   264 C CA  . PRO A 1 43  ? -13.411 -0.304  8.547   1.00 60.83 ? 53  PRO A CA  1 
ATOM   265 C C   . PRO A 1 43  ? -12.578 0.027   9.796   1.00 61.77 ? 53  PRO A C   1 
ATOM   266 O O   . PRO A 1 43  ? -11.897 1.060   9.811   1.00 61.91 ? 53  PRO A O   1 
ATOM   267 C CB  . PRO A 1 43  ? -14.714 0.489   8.567   1.00 61.17 ? 53  PRO A CB  1 
ATOM   268 C CG  . PRO A 1 43  ? -15.558 -0.227  7.602   1.00 60.35 ? 53  PRO A CG  1 
ATOM   269 C CD  . PRO A 1 43  ? -15.266 -1.692  7.831   1.00 60.15 ? 53  PRO A CD  1 
ATOM   270 N N   . ASP A 1 44  ? -12.607 -0.806  10.830  1.00 62.52 ? 54  ASP A N   1 
ATOM   271 C CA  . ASP A 1 44  ? -11.784 -0.520  12.007  1.00 63.15 ? 54  ASP A CA  1 
ATOM   272 C C   . ASP A 1 44  ? -11.139 -1.762  12.571  1.00 63.05 ? 54  ASP A C   1 
ATOM   273 O O   . ASP A 1 44  ? -10.745 -1.783  13.739  1.00 63.30 ? 54  ASP A O   1 
ATOM   274 C CB  . ASP A 1 44  ? -12.606 0.182   13.094  1.00 63.85 ? 54  ASP A CB  1 
ATOM   275 C CG  . ASP A 1 44  ? -12.671 1.678   12.900  1.00 65.02 ? 54  ASP A CG  1 
ATOM   276 O OD1 . ASP A 1 44  ? -11.649 2.355   13.153  1.00 66.63 ? 54  ASP A OD1 1 
ATOM   277 O OD2 . ASP A 1 44  ? -13.746 2.176   12.498  1.00 67.93 ? 54  ASP A OD2 1 
ATOM   278 N N   . ALA A 1 45  ? -11.018 -2.785  11.729  1.00 62.47 ? 55  ALA A N   1 
ATOM   279 C CA  . ALA A 1 45  ? -10.544 -4.100  12.144  1.00 61.76 ? 55  ALA A CA  1 
ATOM   280 C C   . ALA A 1 45  ? -9.082  -4.110  12.539  1.00 61.30 ? 55  ALA A C   1 
ATOM   281 O O   . ALA A 1 45  ? -8.345  -3.158  12.286  1.00 61.78 ? 55  ALA A O   1 
ATOM   282 C CB  . ALA A 1 45  ? -10.784 -5.113  11.042  1.00 61.99 ? 55  ALA A CB  1 
ATOM   283 N N   . SER A 1 46  ? -8.668  -5.203  13.168  1.00 60.58 ? 56  SER A N   1 
ATOM   284 C CA  . SER A 1 46  ? -7.275  -5.417  13.496  1.00 59.94 ? 56  SER A CA  1 
ATOM   285 C C   . SER A 1 46  ? -6.753  -6.490  12.565  1.00 59.04 ? 56  SER A C   1 
ATOM   286 O O   . SER A 1 46  ? -7.132  -7.659  12.676  1.00 58.98 ? 56  SER A O   1 
ATOM   287 C CB  . SER A 1 46  ? -7.108  -5.819  14.961  1.00 60.13 ? 56  SER A CB  1 
ATOM   288 O OG  . SER A 1 46  ? -7.391  -4.721  15.808  1.00 61.46 ? 56  SER A OG  1 
ATOM   289 N N   . VAL A 1 47  ? -5.903  -6.077  11.627  1.00 57.64 ? 57  VAL A N   1 
ATOM   290 C CA  . VAL A 1 47  ? -5.404  -6.977  10.597  1.00 56.24 ? 57  VAL A CA  1 
ATOM   291 C C   . VAL A 1 47  ? -4.050  -7.542  10.946  1.00 55.52 ? 57  VAL A C   1 
ATOM   292 O O   . VAL A 1 47  ? -3.243  -6.881  11.596  1.00 55.65 ? 57  VAL A O   1 
ATOM   293 C CB  . VAL A 1 47  ? -5.310  -6.287  9.202   1.00 56.10 ? 57  VAL A CB  1 
ATOM   294 C CG1 . VAL A 1 47  ? -6.685  -5.964  8.679   1.00 55.83 ? 57  VAL A CG1 1 
ATOM   295 C CG2 . VAL A 1 47  ? -4.436  -5.040  9.254   1.00 55.91 ? 57  VAL A CG2 1 
ATOM   296 N N   . LEU A 1 48  ? -3.811  -8.767  10.490  1.00 54.42 ? 58  LEU A N   1 
ATOM   297 C CA  . LEU A 1 48  ? -2.523  -9.417  10.578  1.00 53.20 ? 58  LEU A CA  1 
ATOM   298 C C   . LEU A 1 48  ? -1.911  -9.458  9.173   1.00 52.48 ? 58  LEU A C   1 
ATOM   299 O O   . LEU A 1 48  ? -2.444  -10.130 8.302   1.00 52.10 ? 58  LEU A O   1 
ATOM   300 C CB  . LEU A 1 48  ? -2.734  -10.839 11.077  1.00 53.25 ? 58  LEU A CB  1 
ATOM   301 C CG  . LEU A 1 48  ? -1.526  -11.702 11.423  1.00 53.38 ? 58  LEU A CG  1 
ATOM   302 C CD1 . LEU A 1 48  ? -0.825  -11.174 12.684  1.00 54.73 ? 58  LEU A CD1 1 
ATOM   303 C CD2 . LEU A 1 48  ? -1.990  -13.152 11.600  1.00 53.33 ? 58  LEU A CD2 1 
ATOM   304 N N   . VAL A 1 49  ? -0.801  -8.748  8.967   1.00 51.68 ? 59  VAL A N   1 
ATOM   305 C CA  . VAL A 1 49  ? -0.216  -8.577  7.629   1.00 51.18 ? 59  VAL A CA  1 
ATOM   306 C C   . VAL A 1 49  ? 1.302   -8.806  7.542   1.00 50.68 ? 59  VAL A C   1 
ATOM   307 O O   . VAL A 1 49  ? 2.029   -8.688  8.537   1.00 50.48 ? 59  VAL A O   1 
ATOM   308 C CB  . VAL A 1 49  ? -0.559  -7.167  7.013   1.00 51.39 ? 59  VAL A CB  1 
ATOM   309 C CG1 . VAL A 1 49  ? -2.051  -7.008  6.805   1.00 50.78 ? 59  VAL A CG1 1 
ATOM   310 C CG2 . VAL A 1 49  ? -0.043  -6.039  7.882   1.00 51.53 ? 59  VAL A CG2 1 
ATOM   311 N N   . LYS A 1 50  ? 1.763   -9.155  6.343   1.00 49.51 ? 60  LYS A N   1 
ATOM   312 C CA  . LYS A 1 50  ? 3.163   -9.010  5.975   1.00 48.51 ? 60  LYS A CA  1 
ATOM   313 C C   . LYS A 1 50  ? 3.220   -7.966  4.864   1.00 47.80 ? 60  LYS A C   1 
ATOM   314 O O   . LYS A 1 50  ? 2.443   -8.040  3.915   1.00 46.97 ? 60  LYS A O   1 
ATOM   315 C CB  . LYS A 1 50  ? 3.755   -10.337 5.489   1.00 49.14 ? 60  LYS A CB  1 
ATOM   316 C CG  . LYS A 1 50  ? 3.539   -11.512 6.443   1.00 50.52 ? 60  LYS A CG  1 
ATOM   317 C CD  . LYS A 1 50  ? 4.693   -12.524 6.426   1.00 54.78 ? 60  LYS A CD  1 
ATOM   318 C CE  . LYS A 1 50  ? 4.680   -13.439 5.204   1.00 56.83 ? 60  LYS A CE  1 
ATOM   319 N NZ  . LYS A 1 50  ? 5.557   -14.646 5.430   1.00 58.29 ? 60  LYS A NZ  1 
ATOM   320 N N   . TYR A 1 51  ? 4.121   -6.991  4.993   1.00 46.46 ? 61  TYR A N   1 
ATOM   321 C CA  . TYR A 1 51  ? 4.229   -5.905  4.040   1.00 45.72 ? 61  TYR A CA  1 
ATOM   322 C C   . TYR A 1 51  ? 5.685   -5.580  3.771   1.00 45.36 ? 61  TYR A C   1 
ATOM   323 O O   . TYR A 1 51  ? 6.547   -5.794  4.630   1.00 45.03 ? 61  TYR A O   1 
ATOM   324 C CB  . TYR A 1 51  ? 3.465   -4.641  4.516   1.00 46.08 ? 61  TYR A CB  1 
ATOM   325 C CG  . TYR A 1 51  ? 4.174   -3.895  5.616   1.00 45.94 ? 61  TYR A CG  1 
ATOM   326 C CD1 . TYR A 1 51  ? 5.256   -3.068  5.329   1.00 45.80 ? 61  TYR A CD1 1 
ATOM   327 C CD2 . TYR A 1 51  ? 3.781   -4.031  6.946   1.00 47.52 ? 61  TYR A CD2 1 
ATOM   328 C CE1 . TYR A 1 51  ? 5.942   -2.404  6.322   1.00 46.55 ? 61  TYR A CE1 1 
ATOM   329 C CE2 . TYR A 1 51  ? 4.462   -3.354  7.968   1.00 48.11 ? 61  TYR A CE2 1 
ATOM   330 C CZ  . TYR A 1 51  ? 5.547   -2.547  7.645   1.00 47.11 ? 61  TYR A CZ  1 
ATOM   331 O OH  . TYR A 1 51  ? 6.256   -1.864  8.634   1.00 47.49 ? 61  TYR A OH  1 
ATOM   332 N N   . SER A 1 52  ? 5.945   -5.081  2.566   1.00 44.43 ? 62  SER A N   1 
ATOM   333 C CA  . SER A 1 52  ? 7.224   -4.501  2.184   1.00 43.67 ? 62  SER A CA  1 
ATOM   334 C C   . SER A 1 52  ? 6.929   -3.203  1.466   1.00 43.53 ? 62  SER A C   1 
ATOM   335 O O   . SER A 1 52  ? 5.987   -3.141  0.677   1.00 43.53 ? 62  SER A O   1 
ATOM   336 C CB  . SER A 1 52  ? 7.957   -5.418  1.213   1.00 43.96 ? 62  SER A CB  1 
ATOM   337 O OG  . SER A 1 52  ? 8.449   -6.565  1.852   1.00 44.16 ? 62  SER A OG  1 
ATOM   338 N N   . GLY A 1 53  ? 7.738   -2.178  1.719   1.00 42.92 ? 63  GLY A N   1 
ATOM   339 C CA  . GLY A 1 53  ? 7.629   -0.919  1.014   1.00 42.12 ? 63  GLY A CA  1 
ATOM   340 C C   . GLY A 1 53  ? 8.874   -0.603  0.212   1.00 42.35 ? 63  GLY A C   1 
ATOM   341 O O   . GLY A 1 53  ? 9.972   -0.847  0.677   1.00 42.07 ? 63  GLY A O   1 
ATOM   342 N N   . TYR A 1 54  ? 8.695   -0.019  -0.976  1.00 42.29 ? 64  TYR A N   1 
ATOM   343 C CA  . TYR A 1 54  ? 9.799   0.252   -1.921  1.00 42.61 ? 64  TYR A CA  1 
ATOM   344 C C   . TYR A 1 54  ? 9.758   1.665   -2.464  1.00 43.52 ? 64  TYR A C   1 
ATOM   345 O O   . TYR A 1 54  ? 8.679   2.223   -2.669  1.00 42.96 ? 64  TYR A O   1 
ATOM   346 C CB  . TYR A 1 54  ? 9.756   -0.709  -3.125  1.00 42.06 ? 64  TYR A CB  1 
ATOM   347 C CG  . TYR A 1 54  ? 9.967   -2.159  -2.772  1.00 40.98 ? 64  TYR A CG  1 
ATOM   348 C CD1 . TYR A 1 54  ? 8.901   -2.958  -2.366  1.00 40.99 ? 64  TYR A CD1 1 
ATOM   349 C CD2 . TYR A 1 54  ? 11.239  -2.729  -2.838  1.00 41.47 ? 64  TYR A CD2 1 
ATOM   350 C CE1 . TYR A 1 54  ? 9.092   -4.287  -2.031  1.00 40.91 ? 64  TYR A CE1 1 
ATOM   351 C CE2 . TYR A 1 54  ? 11.446  -4.064  -2.500  1.00 40.36 ? 64  TYR A CE2 1 
ATOM   352 C CZ  . TYR A 1 54  ? 10.366  -4.831  -2.102  1.00 41.27 ? 64  TYR A CZ  1 
ATOM   353 O OH  . TYR A 1 54  ? 10.550  -6.142  -1.777  1.00 39.74 ? 64  TYR A OH  1 
ATOM   354 N N   . LEU A 1 55  ? 10.950  2.223   -2.683  1.00 44.98 ? 65  LEU A N   1 
ATOM   355 C CA  . LEU A 1 55  ? 11.186  3.483   -3.385  1.00 46.49 ? 65  LEU A CA  1 
ATOM   356 C C   . LEU A 1 55  ? 11.958  3.131   -4.650  1.00 47.79 ? 65  LEU A C   1 
ATOM   357 O O   . LEU A 1 55  ? 12.746  2.183   -4.629  1.00 47.59 ? 65  LEU A O   1 
ATOM   358 C CB  . LEU A 1 55  ? 12.085  4.377   -2.530  1.00 46.80 ? 65  LEU A CB  1 
ATOM   359 C CG  . LEU A 1 55  ? 11.558  5.377   -1.498  1.00 47.75 ? 65  LEU A CG  1 
ATOM   360 C CD1 . LEU A 1 55  ? 10.189  5.004   -0.934  1.00 46.84 ? 65  LEU A CD1 1 
ATOM   361 C CD2 . LEU A 1 55  ? 12.574  5.545   -0.380  1.00 46.96 ? 65  LEU A CD2 1 
ATOM   362 N N   . GLU A 1 56  ? 11.777  3.890   -5.733  1.00 49.65 ? 66  GLU A N   1 
ATOM   363 C CA  . GLU A 1 56  ? 12.342  3.486   -7.036  1.00 52.12 ? 66  GLU A CA  1 
ATOM   364 C C   . GLU A 1 56  ? 13.877  3.538   -7.157  1.00 52.98 ? 66  GLU A C   1 
ATOM   365 O O   . GLU A 1 56  ? 14.462  2.658   -7.766  1.00 53.75 ? 66  GLU A O   1 
ATOM   366 C CB  . GLU A 1 56  ? 11.661  4.183   -8.224  1.00 52.08 ? 66  GLU A CB  1 
ATOM   367 C CG  . GLU A 1 56  ? 11.907  3.463   -9.575  1.00 53.09 ? 66  GLU A CG  1 
ATOM   368 C CD  . GLU A 1 56  ? 11.145  4.064   -10.753 1.00 53.73 ? 66  GLU A CD  1 
ATOM   369 O OE1 . GLU A 1 56  ? 10.037  4.619   -10.546 1.00 55.83 ? 66  GLU A OE1 1 
ATOM   370 O OE2 . GLU A 1 56  ? 11.652  3.970   -11.897 1.00 55.66 ? 66  GLU A OE2 1 
ATOM   371 N N   . HIS A 1 57  ? 14.531  4.534   -6.576  1.00 54.23 ? 67  HIS A N   1 
ATOM   372 C CA  . HIS A 1 57  ? 15.995  4.604   -6.648  1.00 55.37 ? 67  HIS A CA  1 
ATOM   373 C C   . HIS A 1 57  ? 16.717  3.521   -5.815  1.00 55.58 ? 67  HIS A C   1 
ATOM   374 O O   . HIS A 1 57  ? 17.947  3.457   -5.810  1.00 56.00 ? 67  HIS A O   1 
ATOM   375 C CB  . HIS A 1 57  ? 16.474  5.985   -6.214  1.00 55.82 ? 67  HIS A CB  1 
ATOM   376 C CG  . HIS A 1 57  ? 16.158  6.306   -4.788  1.00 58.05 ? 67  HIS A CG  1 
ATOM   377 N ND1 . HIS A 1 57  ? 14.928  6.787   -4.390  1.00 59.52 ? 67  HIS A ND1 1 
ATOM   378 C CD2 . HIS A 1 57  ? 16.902  6.194   -3.661  1.00 60.14 ? 67  HIS A CD2 1 
ATOM   379 C CE1 . HIS A 1 57  ? 14.932  6.969   -3.081  1.00 60.46 ? 67  HIS A CE1 1 
ATOM   380 N NE2 . HIS A 1 57  ? 16.118  6.617   -2.614  1.00 60.47 ? 67  HIS A NE2 1 
ATOM   381 N N   . MET A 1 58  ? 15.956  2.684   -5.111  1.00 55.57 ? 68  MET A N   1 
ATOM   382 C CA  . MET A 1 58  ? 16.523  1.707   -4.179  1.00 55.38 ? 68  MET A CA  1 
ATOM   383 C C   . MET A 1 58  ? 16.263  0.302   -4.671  1.00 54.92 ? 68  MET A C   1 
ATOM   384 O O   . MET A 1 58  ? 15.224  0.055   -5.280  1.00 55.58 ? 68  MET A O   1 
ATOM   385 C CB  . MET A 1 58  ? 15.877  1.855   -2.798  1.00 55.05 ? 68  MET A CB  1 
ATOM   386 C CG  . MET A 1 58  ? 16.456  2.943   -1.922  1.00 55.09 ? 68  MET A CG  1 
ATOM   387 S SD  . MET A 1 58  ? 15.635  2.986   -0.314  1.00 56.50 ? 68  MET A SD  1 
ATOM   388 C CE  . MET A 1 58  ? 16.227  1.500   0.479   1.00 53.90 ? 68  MET A CE  1 
ATOM   389 N N   . ASP A 1 59  ? 17.180  -0.623  -4.383  1.00 54.44 ? 69  ASP A N   1 
ATOM   390 C CA  . ASP A 1 59  ? 16.972  -2.038  -4.727  1.00 53.83 ? 69  ASP A CA  1 
ATOM   391 C C   . ASP A 1 59  ? 16.679  -2.930  -3.518  1.00 52.97 ? 69  ASP A C   1 
ATOM   392 O O   . ASP A 1 59  ? 16.729  -4.163  -3.617  1.00 53.47 ? 69  ASP A O   1 
ATOM   393 C CB  . ASP A 1 59  ? 18.131  -2.597  -5.563  1.00 54.31 ? 69  ASP A CB  1 
ATOM   394 C CG  . ASP A 1 59  ? 19.434  -2.658  -4.804  1.00 55.96 ? 69  ASP A CG  1 
ATOM   395 O OD1 . ASP A 1 59  ? 20.152  -3.668  -4.957  1.00 58.32 ? 69  ASP A OD1 1 
ATOM   396 O OD2 . ASP A 1 59  ? 19.750  -1.700  -4.067  1.00 58.13 ? 69  ASP A OD2 1 
ATOM   397 N N   . ARG A 1 60  ? 16.386  -2.302  -2.384  1.00 50.92 ? 70  ARG A N   1 
ATOM   398 C CA  . ARG A 1 60  ? 15.916  -2.997  -1.187  1.00 49.51 ? 70  ARG A CA  1 
ATOM   399 C C   . ARG A 1 60  ? 14.684  -2.283  -0.674  1.00 47.59 ? 70  ARG A C   1 
ATOM   400 O O   . ARG A 1 60  ? 14.557  -1.071  -0.867  1.00 46.88 ? 70  ARG A O   1 
ATOM   401 C CB  . ARG A 1 60  ? 16.978  -2.976  -0.082  1.00 49.79 ? 70  ARG A CB  1 
ATOM   402 C CG  . ARG A 1 60  ? 18.205  -3.804  -0.362  1.00 52.89 ? 70  ARG A CG  1 
ATOM   403 C CD  . ARG A 1 60  ? 17.872  -5.262  -0.631  1.00 56.55 ? 70  ARG A CD  1 
ATOM   404 N NE  . ARG A 1 60  ? 18.971  -5.894  -1.352  1.00 60.09 ? 70  ARG A NE  1 
ATOM   405 C CZ  . ARG A 1 60  ? 18.999  -7.161  -1.750  1.00 62.19 ? 70  ARG A CZ  1 
ATOM   406 N NH1 . ARG A 1 60  ? 17.987  -7.986  -1.489  1.00 63.27 ? 70  ARG A NH1 1 
ATOM   407 N NH2 . ARG A 1 60  ? 20.062  -7.609  -2.404  1.00 62.80 ? 70  ARG A NH2 1 
ATOM   408 N N   . PRO A 1 61  ? 13.778  -3.019  -0.011  1.00 46.12 ? 71  PRO A N   1 
ATOM   409 C CA  . PRO A 1 61  ? 12.636  -2.363  0.629   1.00 45.38 ? 71  PRO A CA  1 
ATOM   410 C C   . PRO A 1 61  ? 13.127  -1.277  1.579   1.00 45.14 ? 71  PRO A C   1 
ATOM   411 O O   . PRO A 1 61  ? 14.158  -1.454  2.235   1.00 45.10 ? 71  PRO A O   1 
ATOM   412 C CB  . PRO A 1 61  ? 11.968  -3.492  1.438   1.00 45.48 ? 71  PRO A CB  1 
ATOM   413 C CG  . PRO A 1 61  ? 12.876  -4.651  1.364   1.00 45.70 ? 71  PRO A CG  1 
ATOM   414 C CD  . PRO A 1 61  ? 13.762  -4.478  0.178   1.00 45.76 ? 71  PRO A CD  1 
ATOM   415 N N   . PHE A 1 62  ? 12.428  -0.155  1.642   1.00 44.27 ? 72  PHE A N   1 
ATOM   416 C CA  . PHE A 1 62  ? 12.757  0.818   2.671   1.00 44.28 ? 72  PHE A CA  1 
ATOM   417 C C   . PHE A 1 62  ? 12.177  0.372   3.998   1.00 44.68 ? 72  PHE A C   1 
ATOM   418 O O   . PHE A 1 62  ? 12.687  0.728   5.044   1.00 45.45 ? 72  PHE A O   1 
ATOM   419 C CB  . PHE A 1 62  ? 12.347  2.244   2.294   1.00 43.08 ? 72  PHE A CB  1 
ATOM   420 C CG  . PHE A 1 62  ? 10.871  2.533   2.422   1.00 42.17 ? 72  PHE A CG  1 
ATOM   421 C CD1 . PHE A 1 62  ? 10.038  2.452   1.321   1.00 41.11 ? 72  PHE A CD1 1 
ATOM   422 C CD2 . PHE A 1 62  ? 10.327  2.948   3.640   1.00 40.49 ? 72  PHE A CD2 1 
ATOM   423 C CE1 . PHE A 1 62  ? 8.669   2.746   1.434   1.00 41.73 ? 72  PHE A CE1 1 
ATOM   424 C CE2 . PHE A 1 62  ? 8.983   3.238   3.767   1.00 39.58 ? 72  PHE A CE2 1 
ATOM   425 C CZ  . PHE A 1 62  ? 8.146   3.147   2.670   1.00 41.10 ? 72  PHE A CZ  1 
ATOM   426 N N   . ASP A 1 63  ? 11.116  -0.420  3.949   1.00 45.86 ? 73  ASP A N   1 
ATOM   427 C CA  . ASP A 1 63  ? 10.530  -0.959  5.166   1.00 47.67 ? 73  ASP A CA  1 
ATOM   428 C C   . ASP A 1 63  ? 9.938   -2.332  4.916   1.00 49.10 ? 73  ASP A C   1 
ATOM   429 O O   . ASP A 1 63  ? 9.253   -2.551  3.915   1.00 48.49 ? 73  ASP A O   1 
ATOM   430 C CB  . ASP A 1 63  ? 9.455   -0.023  5.713   1.00 47.49 ? 73  ASP A CB  1 
ATOM   431 C CG  . ASP A 1 63  ? 8.965   -0.435  7.095   1.00 48.00 ? 73  ASP A CG  1 
ATOM   432 O OD1 . ASP A 1 63  ? 9.634   -1.250  7.778   1.00 47.83 ? 73  ASP A OD1 1 
ATOM   433 O OD2 . ASP A 1 63  ? 7.897   0.064   7.494   1.00 48.45 ? 73  ASP A OD2 1 
ATOM   434 N N   . SER A 1 64  ? 10.183  -3.234  5.865   1.00 51.21 ? 74  SER A N   1 
ATOM   435 C CA  . SER A 1 64  ? 9.735   -4.619  5.789   1.00 53.30 ? 74  SER A CA  1 
ATOM   436 C C   . SER A 1 64  ? 9.209   -5.130  7.121   1.00 54.16 ? 74  SER A C   1 
ATOM   437 O O   . SER A 1 64  ? 9.837   -4.947  8.179   1.00 54.54 ? 74  SER A O   1 
ATOM   438 C CB  . SER A 1 64  ? 10.876  -5.522  5.316   1.00 53.59 ? 74  SER A CB  1 
ATOM   439 O OG  . SER A 1 64  ? 10.429  -6.865  5.220   1.00 56.21 ? 74  SER A OG  1 
ATOM   440 N N   . ASN A 1 65  ? 8.065   -5.796  7.037   1.00 54.80 ? 75  ASN A N   1 
ATOM   441 C CA  . ASN A 1 65  ? 7.384   -6.420  8.162   1.00 55.66 ? 75  ASN A CA  1 
ATOM   442 C C   . ASN A 1 65  ? 8.257   -7.412  8.930   1.00 55.96 ? 75  ASN A C   1 
ATOM   443 O O   . ASN A 1 65  ? 8.436   -8.566  8.513   1.00 56.45 ? 75  ASN A O   1 
ATOM   444 C CB  . ASN A 1 65  ? 6.136   -7.140  7.638   1.00 55.52 ? 75  ASN A CB  1 
ATOM   445 C CG  . ASN A 1 65  ? 5.177   -7.480  8.728   1.00 56.95 ? 75  ASN A CG  1 
ATOM   446 O OD1 . ASN A 1 65  ? 4.426   -6.628  9.198   1.00 57.24 ? 75  ASN A OD1 1 
ATOM   447 N ND2 . ASN A 1 65  ? 5.195   -8.746  9.159   1.00 59.99 ? 75  ASN A ND2 1 
ATOM   448 N N   . LEU A 1 73  ? 0.086   -7.781  13.905  1.00 86.98 ? 83  LEU A N   1 
ATOM   449 C CA  . LEU A 1 73  ? -1.214  -7.215  14.242  1.00 87.04 ? 83  LEU A CA  1 
ATOM   450 C C   . LEU A 1 73  ? -1.217  -5.697  14.052  1.00 86.84 ? 83  LEU A C   1 
ATOM   451 O O   . LEU A 1 73  ? -0.191  -5.043  14.249  1.00 86.94 ? 83  LEU A O   1 
ATOM   452 C CB  . LEU A 1 73  ? -1.598  -7.596  15.677  1.00 87.23 ? 83  LEU A CB  1 
ATOM   453 C CG  . LEU A 1 73  ? -3.072  -7.807  16.063  1.00 87.79 ? 83  LEU A CG  1 
ATOM   454 C CD1 . LEU A 1 73  ? -3.745  -6.505  16.502  1.00 88.19 ? 83  LEU A CD1 1 
ATOM   455 C CD2 . LEU A 1 73  ? -3.884  -8.512  14.964  1.00 87.92 ? 83  LEU A CD2 1 
ATOM   456 N N   . MET A 1 74  ? -2.366  -5.145  13.663  1.00 86.60 ? 84  MET A N   1 
ATOM   457 C CA  . MET A 1 74  ? -2.466  -3.730  13.292  1.00 86.46 ? 84  MET A CA  1 
ATOM   458 C C   . MET A 1 74  ? -3.913  -3.221  13.277  1.00 86.09 ? 84  MET A C   1 
ATOM   459 O O   . MET A 1 74  ? -4.721  -3.644  12.447  1.00 86.12 ? 84  MET A O   1 
ATOM   460 C CB  . MET A 1 74  ? -1.807  -3.500  11.923  1.00 86.41 ? 84  MET A CB  1 
ATOM   461 C CG  . MET A 1 74  ? -1.893  -2.076  11.391  1.00 86.74 ? 84  MET A CG  1 
ATOM   462 S SD  . MET A 1 74  ? -1.328  -1.944  9.677   1.00 87.11 ? 84  MET A SD  1 
ATOM   463 C CE  . MET A 1 74  ? -1.730  -0.232  9.334   1.00 86.66 ? 84  MET A CE  1 
ATOM   464 N N   . LYS A 1 75  ? -4.226  -2.302  14.187  1.00 85.57 ? 85  LYS A N   1 
ATOM   465 C CA  . LYS A 1 75  ? -5.552  -1.697  14.249  1.00 85.29 ? 85  LYS A CA  1 
ATOM   466 C C   . LYS A 1 75  ? -5.644  -0.504  13.299  1.00 85.01 ? 85  LYS A C   1 
ATOM   467 O O   . LYS A 1 75  ? -4.844  0.425   13.381  1.00 85.08 ? 85  LYS A O   1 
ATOM   468 C CB  . LYS A 1 75  ? -5.892  -1.273  15.682  1.00 85.20 ? 85  LYS A CB  1 
ATOM   469 N N   . LEU A 1 76  ? -6.623  -0.538  12.402  1.00 84.64 ? 86  LEU A N   1 
ATOM   470 C CA  . LEU A 1 76  ? -6.780  0.506   11.392  1.00 84.55 ? 86  LEU A CA  1 
ATOM   471 C C   . LEU A 1 76  ? -7.363  1.804   11.953  1.00 84.58 ? 86  LEU A C   1 
ATOM   472 O O   . LEU A 1 76  ? -8.290  1.784   12.762  1.00 84.53 ? 86  LEU A O   1 
ATOM   473 C CB  . LEU A 1 76  ? -7.631  -0.006  10.225  1.00 84.40 ? 86  LEU A CB  1 
ATOM   474 C CG  . LEU A 1 76  ? -6.962  -1.050  9.325   1.00 84.02 ? 86  LEU A CG  1 
ATOM   475 C CD1 . LEU A 1 76  ? -8.004  -1.899  8.626   1.00 83.76 ? 86  LEU A CD1 1 
ATOM   476 C CD2 . LEU A 1 76  ? -6.019  -0.399  8.320   1.00 83.70 ? 86  LEU A CD2 1 
ATOM   477 N N   . GLU A 1 78  ? -6.850  2.514   14.993  1.00 73.97 ? 88  GLU A N   1 
ATOM   478 C CA  . GLU A 1 78  ? -6.443  3.673   15.784  1.00 73.70 ? 88  GLU A CA  1 
ATOM   479 C C   . GLU A 1 78  ? -5.012  4.122   15.470  1.00 73.34 ? 88  GLU A C   1 
ATOM   480 O O   . GLU A 1 78  ? -4.671  5.296   15.665  1.00 73.55 ? 88  GLU A O   1 
ATOM   481 C CB  . GLU A 1 78  ? -6.602  3.380   17.283  1.00 73.97 ? 88  GLU A CB  1 
ATOM   482 C CG  . GLU A 1 78  ? -5.781  2.185   17.786  1.00 74.77 ? 88  GLU A CG  1 
ATOM   483 C CD  . GLU A 1 78  ? -6.338  1.572   19.062  1.00 75.72 ? 88  GLU A CD  1 
ATOM   484 O OE1 . GLU A 1 78  ? -7.454  1.956   19.473  1.00 75.62 ? 88  GLU A OE1 1 
ATOM   485 O OE2 . GLU A 1 78  ? -5.662  0.696   19.646  1.00 75.83 ? 88  GLU A OE2 1 
ATOM   486 N N   . ASP A 1 79  ? -4.187  3.189   14.987  1.00 72.47 ? 89  ASP A N   1 
ATOM   487 C CA  . ASP A 1 79  ? -2.775  3.458   14.695  1.00 71.54 ? 89  ASP A CA  1 
ATOM   488 C C   . ASP A 1 79  ? -2.598  4.627   13.723  1.00 70.69 ? 89  ASP A C   1 
ATOM   489 O O   . ASP A 1 79  ? -3.382  4.779   12.779  1.00 70.78 ? 89  ASP A O   1 
ATOM   490 C CB  . ASP A 1 79  ? -2.109  2.219   14.088  1.00 71.77 ? 89  ASP A CB  1 
ATOM   491 C CG  . ASP A 1 79  ? -2.175  1.004   14.991  1.00 72.33 ? 89  ASP A CG  1 
ATOM   492 O OD1 . ASP A 1 79  ? -1.530  -0.014  14.648  1.00 72.95 ? 89  ASP A OD1 1 
ATOM   493 O OD2 . ASP A 1 79  ? -2.865  1.053   16.035  1.00 73.70 ? 89  ASP A OD2 1 
ATOM   494 N N   . ILE A 1 80  ? -1.576  5.450   13.958  1.00 69.32 ? 90  ILE A N   1 
ATOM   495 C CA  . ILE A 1 80  ? -1.180  6.465   12.983  1.00 67.76 ? 90  ILE A CA  1 
ATOM   496 C C   . ILE A 1 80  ? -0.697  5.699   11.758  1.00 66.43 ? 90  ILE A C   1 
ATOM   497 O O   . ILE A 1 80  ? 0.420   5.169   11.728  1.00 66.69 ? 90  ILE A O   1 
ATOM   498 C CB  . ILE A 1 80  ? -0.071  7.397   13.524  1.00 68.02 ? 90  ILE A CB  1 
ATOM   499 N N   . THR A 1 81  ? -1.571  5.602   10.767  1.00 64.07 ? 91  THR A N   1 
ATOM   500 C CA  . THR A 1 81  ? -1.392  4.653   9.687   1.00 61.72 ? 91  THR A CA  1 
ATOM   501 C C   . THR A 1 81  ? -1.115  5.408   8.388   1.00 59.54 ? 91  THR A C   1 
ATOM   502 O O   . THR A 1 81  ? -1.550  6.547   8.220   1.00 59.31 ? 91  THR A O   1 
ATOM   503 C CB  . THR A 1 81  ? -2.633  3.720   9.593   1.00 62.14 ? 91  THR A CB  1 
ATOM   504 O OG1 . THR A 1 81  ? -2.524  2.678   10.577  1.00 62.71 ? 91  THR A OG1 1 
ATOM   505 C CG2 . THR A 1 81  ? -2.774  3.085   8.213   1.00 62.74 ? 91  THR A CG2 1 
ATOM   506 N N   . LEU A 1 82  ? -0.353  4.787   7.494   1.00 56.88 ? 92  LEU A N   1 
ATOM   507 C CA  . LEU A 1 82  ? -0.171  5.331   6.164   1.00 53.97 ? 92  LEU A CA  1 
ATOM   508 C C   . LEU A 1 82  ? -1.528  5.261   5.463   1.00 52.62 ? 92  LEU A C   1 
ATOM   509 O O   . LEU A 1 82  ? -2.155  4.206   5.406   1.00 51.38 ? 92  LEU A O   1 
ATOM   510 C CB  . LEU A 1 82  ? 0.902   4.556   5.388   1.00 54.02 ? 92  LEU A CB  1 
ATOM   511 C CG  . LEU A 1 82  ? 1.527   5.334   4.222   1.00 53.50 ? 92  LEU A CG  1 
ATOM   512 C CD1 . LEU A 1 82  ? 2.232   6.564   4.733   1.00 52.49 ? 92  LEU A CD1 1 
ATOM   513 C CD2 . LEU A 1 82  ? 2.485   4.485   3.421   1.00 53.37 ? 92  LEU A CD2 1 
ATOM   514 N N   . TRP A 1 83  ? -1.978  6.403   4.957   1.00 51.30 ? 93  TRP A N   1 
ATOM   515 C CA  . TRP A 1 83  ? -3.317  6.530   4.395   1.00 50.65 ? 93  TRP A CA  1 
ATOM   516 C C   . TRP A 1 83  ? -3.519  5.559   3.225   1.00 49.56 ? 93  TRP A C   1 
ATOM   517 O O   . TRP A 1 83  ? -4.496  4.812   3.197   1.00 49.42 ? 93  TRP A O   1 
ATOM   518 C CB  . TRP A 1 83  ? -3.585  7.988   4.015   1.00 50.93 ? 93  TRP A CB  1 
ATOM   519 C CG  . TRP A 1 83  ? -5.008  8.321   3.669   1.00 52.13 ? 93  TRP A CG  1 
ATOM   520 C CD1 . TRP A 1 83  ? -6.144  7.649   4.052   1.00 52.66 ? 93  TRP A CD1 1 
ATOM   521 C CD2 . TRP A 1 83  ? -5.450  9.440   2.893   1.00 52.47 ? 93  TRP A CD2 1 
ATOM   522 N NE1 . TRP A 1 83  ? -7.257  8.273   3.533   1.00 52.98 ? 93  TRP A NE1 1 
ATOM   523 C CE2 . TRP A 1 83  ? -6.856  9.373   2.819   1.00 52.92 ? 93  TRP A CE2 1 
ATOM   524 C CE3 . TRP A 1 83  ? -4.789  10.494  2.243   1.00 53.87 ? 93  TRP A CE3 1 
ATOM   525 C CZ2 . TRP A 1 83  ? -7.618  10.324  2.117   1.00 53.28 ? 93  TRP A CZ2 1 
ATOM   526 C CZ3 . TRP A 1 83  ? -5.548  11.433  1.542   1.00 52.94 ? 93  TRP A CZ3 1 
ATOM   527 C CH2 . TRP A 1 83  ? -6.947  11.343  1.495   1.00 52.33 ? 93  TRP A CH2 1 
ATOM   528 N N   . GLY A 1 84  ? -2.561  5.516   2.306   1.00 48.26 ? 94  GLY A N   1 
ATOM   529 C CA  . GLY A 1 84  ? -2.609  4.548   1.216   1.00 47.22 ? 94  GLY A CA  1 
ATOM   530 C C   . GLY A 1 84  ? -2.753  3.128   1.730   1.00 46.57 ? 94  GLY A C   1 
ATOM   531 O O   . GLY A 1 84  ? -3.514  2.331   1.184   1.00 45.59 ? 94  GLY A O   1 
ATOM   532 N N   . MET A 1 85  ? -2.017  2.812   2.794   1.00 46.35 ? 95  MET A N   1 
ATOM   533 C CA  . MET A 1 85  ? -2.029  1.470   3.363   1.00 47.17 ? 95  MET A CA  1 
ATOM   534 C C   . MET A 1 85  ? -3.385  1.151   3.960   1.00 46.43 ? 95  MET A C   1 
ATOM   535 O O   . MET A 1 85  ? -3.898  0.051   3.769   1.00 46.28 ? 95  MET A O   1 
ATOM   536 C CB  . MET A 1 85  ? -0.915  1.293   4.393   1.00 46.70 ? 95  MET A CB  1 
ATOM   537 C CG  . MET A 1 85  ? -0.794  -0.115  4.937   1.00 47.89 ? 95  MET A CG  1 
ATOM   538 S SD  . MET A 1 85  ? 0.731   -0.273  5.871   1.00 49.86 ? 95  MET A SD  1 
ATOM   539 C CE  . MET A 1 85  ? 0.734   -2.017  6.229   1.00 47.00 ? 95  MET A CE  1 
ATOM   540 N N   . GLU A 1 86  ? -3.978  2.117   4.658   1.00 46.09 ? 96  GLU A N   1 
ATOM   541 C CA  . GLU A 1 86  ? -5.322  1.927   5.196   1.00 46.18 ? 96  GLU A CA  1 
ATOM   542 C C   . GLU A 1 86  ? -6.370  1.669   4.111   1.00 45.51 ? 96  GLU A C   1 
ATOM   543 O O   . GLU A 1 86  ? -7.132  0.706   4.200   1.00 45.60 ? 96  GLU A O   1 
ATOM   544 C CB  . GLU A 1 86  ? -5.754  3.113   6.061   1.00 46.56 ? 96  GLU A CB  1 
ATOM   545 C CG  . GLU A 1 86  ? -7.108  2.907   6.698   1.00 49.99 ? 96  GLU A CG  1 
ATOM   546 C CD  . GLU A 1 86  ? -7.231  3.559   8.055   1.00 55.35 ? 96  GLU A CD  1 
ATOM   547 O OE1 . GLU A 1 86  ? -8.313  3.421   8.667   1.00 58.20 ? 96  GLU A OE1 1 
ATOM   548 O OE2 . GLU A 1 86  ? -6.250  4.198   8.513   1.00 57.39 ? 96  GLU A OE2 1 
ATOM   549 N N   . LEU A 1 87  ? -6.423  2.534   3.106   1.00 44.83 ? 97  LEU A N   1 
ATOM   550 C CA  . LEU A 1 87  ? -7.368  2.342   2.005   1.00 44.84 ? 97  LEU A CA  1 
ATOM   551 C C   . LEU A 1 87  ? -7.099  1.030   1.275   1.00 43.65 ? 97  LEU A C   1 
ATOM   552 O O   . LEU A 1 87  ? -8.029  0.339   0.874   1.00 43.36 ? 97  LEU A O   1 
ATOM   553 C CB  . LEU A 1 87  ? -7.317  3.494   1.020   1.00 44.63 ? 97  LEU A CB  1 
ATOM   554 C CG  . LEU A 1 87  ? -7.848  4.865   1.447   1.00 46.98 ? 97  LEU A CG  1 
ATOM   555 C CD1 . LEU A 1 87  ? -7.486  5.870   0.364   1.00 46.15 ? 97  LEU A CD1 1 
ATOM   556 C CD2 . LEU A 1 87  ? -9.343  4.847   1.676   1.00 46.19 ? 97  LEU A CD2 1 
ATOM   557 N N   . GLY A 1 88  ? -5.825  0.696   1.113   1.00 43.01 ? 98  GLY A N   1 
ATOM   558 C CA  . GLY A 1 88  ? -5.458  -0.573  0.499   1.00 42.54 ? 98  GLY A CA  1 
ATOM   559 C C   . GLY A 1 88  ? -6.021  -1.745  1.266   1.00 41.80 ? 98  GLY A C   1 
ATOM   560 O O   . GLY A 1 88  ? -6.656  -2.627  0.692   1.00 42.32 ? 98  GLY A O   1 
ATOM   561 N N   . LEU A 1 89  ? -5.795  -1.760  2.574   1.00 41.58 ? 99  LEU A N   1 
ATOM   562 C CA  . LEU A 1 89  ? -6.268  -2.867  3.403   1.00 40.96 ? 99  LEU A CA  1 
ATOM   563 C C   . LEU A 1 89  ? -7.790  -3.058  3.339   1.00 40.78 ? 99  LEU A C   1 
ATOM   564 O O   . LEU A 1 89  ? -8.279  -4.170  3.245   1.00 39.97 ? 99  LEU A O   1 
ATOM   565 C CB  . LEU A 1 89  ? -5.752  -2.707  4.839   1.00 41.33 ? 99  LEU A CB  1 
ATOM   566 C CG  . LEU A 1 89  ? -4.274  -3.085  4.959   1.00 41.25 ? 99  LEU A CG  1 
ATOM   567 C CD1 . LEU A 1 89  ? -3.681  -2.565  6.236   1.00 43.35 ? 99  LEU A CD1 1 
ATOM   568 C CD2 . LEU A 1 89  ? -4.110  -4.612  4.856   1.00 42.14 ? 99  LEU A CD2 1 
ATOM   569 N N   . LEU A 1 90  ? -8.524  -1.949  3.329   1.00 41.61 ? 100 LEU A N   1 
ATOM   570 C CA  . LEU A 1 90  ? -9.977  -1.946  3.218   1.00 41.94 ? 100 LEU A CA  1 
ATOM   571 C C   . LEU A 1 90  ? -10.507 -2.606  1.935   1.00 41.99 ? 100 LEU A C   1 
ATOM   572 O O   . LEU A 1 90  ? -11.675 -3.012  1.883   1.00 42.43 ? 100 LEU A O   1 
ATOM   573 C CB  . LEU A 1 90  ? -10.473 -0.489  3.325   1.00 42.65 ? 100 LEU A CB  1 
ATOM   574 C CG  . LEU A 1 90  ? -10.805 0.076   4.733   1.00 43.25 ? 100 LEU A CG  1 
ATOM   575 C CD1 . LEU A 1 90  ? -10.195 -0.706  5.879   1.00 44.51 ? 100 LEU A CD1 1 
ATOM   576 C CD2 . LEU A 1 90  ? -10.486 1.562   4.873   1.00 43.16 ? 100 LEU A CD2 1 
ATOM   577 N N   . SER A 1 91  ? -9.650  -2.718  0.912   1.00 40.94 ? 101 SER A N   1 
ATOM   578 C CA  . SER A 1 91  ? -9.994  -3.343  -0.375  1.00 39.90 ? 101 SER A CA  1 
ATOM   579 C C   . SER A 1 91  ? -9.644  -4.838  -0.419  1.00 39.50 ? 101 SER A C   1 
ATOM   580 O O   . SER A 1 91  ? -9.948  -5.518  -1.393  1.00 39.74 ? 101 SER A O   1 
ATOM   581 C CB  . SER A 1 91  ? -9.234  -2.647  -1.508  1.00 39.86 ? 101 SER A CB  1 
ATOM   582 O OG  . SER A 1 91  ? -7.892  -3.140  -1.584  1.00 38.56 ? 101 SER A OG  1 
ATOM   583 N N   . MET A 1 92  ? -9.021  -5.347  0.638   1.00 39.09 ? 102 MET A N   1 
ATOM   584 C CA  . MET A 1 92  ? -8.498  -6.711  0.637   1.00 37.75 ? 102 MET A CA  1 
ATOM   585 C C   . MET A 1 92  ? -9.367  -7.709  1.373   1.00 39.13 ? 102 MET A C   1 
ATOM   586 O O   . MET A 1 92  ? -10.202 -7.323  2.204   1.00 38.70 ? 102 MET A O   1 
ATOM   587 C CB  . MET A 1 92  ? -7.078  -6.725  1.201   1.00 38.38 ? 102 MET A CB  1 
ATOM   588 C CG  . MET A 1 92  ? -6.076  -5.976  0.311   1.00 35.89 ? 102 MET A CG  1 
ATOM   589 S SD  . MET A 1 92  ? -4.430  -5.880  0.976   1.00 35.66 ? 102 MET A SD  1 
ATOM   590 C CE  . MET A 1 92  ? -3.900  -7.585  0.786   1.00 34.55 ? 102 MET A CE  1 
ATOM   591 N N   . ARG A 1 93  ? -9.144  -8.990  1.060   1.00 39.06 ? 103 ARG A N   1 
ATOM   592 C CA  . ARG A 1 93  ? -9.819  -10.125 1.655   1.00 40.13 ? 103 ARG A CA  1 
ATOM   593 C C   . ARG A 1 93  ? -8.768  -11.093 2.192   1.00 40.71 ? 103 ARG A C   1 
ATOM   594 O O   . ARG A 1 93  ? -7.633  -11.104 1.737   1.00 41.23 ? 103 ARG A O   1 
ATOM   595 C CB  . ARG A 1 93  ? -10.622 -10.877 0.598   1.00 40.49 ? 103 ARG A CB  1 
ATOM   596 C CG  . ARG A 1 93  ? -11.745 -10.126 0.011   1.00 41.10 ? 103 ARG A CG  1 
ATOM   597 C CD  . ARG A 1 93  ? -12.290 -10.814 -1.246  1.00 43.29 ? 103 ARG A CD  1 
ATOM   598 N NE  . ARG A 1 93  ? -13.733 -10.676 -1.172  1.00 48.25 ? 103 ARG A NE  1 
ATOM   599 C CZ  . ARG A 1 93  ? -14.432 -9.654  -1.637  1.00 45.50 ? 103 ARG A CZ  1 
ATOM   600 N NH1 . ARG A 1 93  ? -13.850 -8.689  -2.303  1.00 47.55 ? 103 ARG A NH1 1 
ATOM   601 N NH2 . ARG A 1 93  ? -15.733 -9.627  -1.442  1.00 49.09 ? 103 ARG A NH2 1 
ATOM   602 N N   . ARG A 1 94  ? -9.168  -11.927 3.137   1.00 41.11 ? 104 ARG A N   1 
ATOM   603 C CA  . ARG A 1 94  ? -8.249  -12.816 3.846   1.00 41.43 ? 104 ARG A CA  1 
ATOM   604 C C   . ARG A 1 94  ? -7.544  -13.744 2.877   1.00 40.17 ? 104 ARG A C   1 
ATOM   605 O O   . ARG A 1 94  ? -8.202  -14.426 2.088   1.00 39.47 ? 104 ARG A O   1 
ATOM   606 C CB  . ARG A 1 94  ? -9.060  -13.635 4.847   1.00 42.24 ? 104 ARG A CB  1 
ATOM   607 C CG  . ARG A 1 94  ? -8.439  -13.807 6.204   1.00 46.43 ? 104 ARG A CG  1 
ATOM   608 C CD  . ARG A 1 94  ? -9.475  -13.543 7.307   1.00 52.66 ? 104 ARG A CD  1 
ATOM   609 N NE  . ARG A 1 94  ? -10.836 -13.896 6.903   1.00 55.83 ? 104 ARG A NE  1 
ATOM   610 C CZ  . ARG A 1 94  ? -11.942 -13.471 7.509   1.00 58.14 ? 104 ARG A CZ  1 
ATOM   611 N NH1 . ARG A 1 94  ? -11.871 -12.678 8.576   1.00 58.65 ? 104 ARG A NH1 1 
ATOM   612 N NH2 . ARG A 1 94  ? -13.132 -13.845 7.045   1.00 58.34 ? 104 ARG A NH2 1 
ATOM   613 N N   . GLY A 1 95  ? -6.213  -13.771 2.936   1.00 39.25 ? 105 GLY A N   1 
ATOM   614 C CA  . GLY A 1 95  ? -5.409  -14.645 2.073   1.00 38.86 ? 105 GLY A CA  1 
ATOM   615 C C   . GLY A 1 95  ? -4.858  -13.910 0.858   1.00 38.95 ? 105 GLY A C   1 
ATOM   616 O O   . GLY A 1 95  ? -4.064  -14.461 0.083   1.00 39.69 ? 105 GLY A O   1 
ATOM   617 N N   . GLU A 1 96  ? -5.278  -12.655 0.694   1.00 37.98 ? 106 GLU A N   1 
ATOM   618 C CA  . GLU A 1 96  ? -4.906  -11.870 -0.478  1.00 37.11 ? 106 GLU A CA  1 
ATOM   619 C C   . GLU A 1 96  ? -3.505  -11.259 -0.411  1.00 37.39 ? 106 GLU A C   1 
ATOM   620 O O   . GLU A 1 96  ? -3.042  -10.820 0.650   1.00 36.92 ? 106 GLU A O   1 
ATOM   621 C CB  . GLU A 1 96  ? -5.921  -10.751 -0.685  1.00 37.05 ? 106 GLU A CB  1 
ATOM   622 C CG  . GLU A 1 96  ? -5.639  -9.874  -1.909  1.00 36.15 ? 106 GLU A CG  1 
ATOM   623 C CD  . GLU A 1 96  ? -6.701  -8.837  -2.095  1.00 35.95 ? 106 GLU A CD  1 
ATOM   624 O OE1 . GLU A 1 96  ? -7.883  -9.142  -1.808  1.00 37.98 ? 106 GLU A OE1 1 
ATOM   625 O OE2 . GLU A 1 96  ? -6.356  -7.731  -2.541  1.00 35.95 ? 106 GLU A OE2 1 
ATOM   626 N N   . LEU A 1 97  ? -2.849  -11.224 -1.570  1.00 36.69 ? 107 LEU A N   1 
ATOM   627 C CA  . LEU A 1 97  ? -1.564  -10.570 -1.737  1.00 37.03 ? 107 LEU A CA  1 
ATOM   628 C C   . LEU A 1 97  ? -1.718  -9.592  -2.883  1.00 36.57 ? 107 LEU A C   1 
ATOM   629 O O   . LEU A 1 97  ? -2.124  -9.976  -3.995  1.00 35.51 ? 107 LEU A O   1 
ATOM   630 C CB  . LEU A 1 97  ? -0.462  -11.617 -2.046  1.00 37.39 ? 107 LEU A CB  1 
ATOM   631 C CG  . LEU A 1 97  ? 0.961   -11.147 -2.363  1.00 37.88 ? 107 LEU A CG  1 
ATOM   632 C CD1 . LEU A 1 97  ? 1.670   -10.513 -1.159  1.00 39.08 ? 107 LEU A CD1 1 
ATOM   633 C CD2 . LEU A 1 97  ? 1.765   -12.304 -2.901  1.00 37.95 ? 107 LEU A CD2 1 
ATOM   634 N N   . ALA A 1 98  ? -1.449  -8.321  -2.595  1.00 36.45 ? 108 ALA A N   1 
ATOM   635 C CA  . ALA A 1 98  ? -1.614  -7.268  -3.565  1.00 36.42 ? 108 ALA A CA  1 
ATOM   636 C C   . ALA A 1 98  ? -0.441  -6.329  -3.520  1.00 36.44 ? 108 ALA A C   1 
ATOM   637 O O   . ALA A 1 98  ? 0.216   -6.197  -2.485  1.00 36.66 ? 108 ALA A O   1 
ATOM   638 C CB  . ALA A 1 98  ? -2.913  -6.504  -3.317  1.00 35.75 ? 108 ALA A CB  1 
ATOM   639 N N   . ARG A 1 99  ? -0.171  -5.678  -4.649  1.00 36.36 ? 109 ARG A N   1 
ATOM   640 C CA  . ARG A 1 99  ? 0.852   -4.651  -4.694  1.00 37.16 ? 109 ARG A CA  1 
ATOM   641 C C   . ARG A 1 99  ? 0.129   -3.341  -4.909  1.00 36.12 ? 109 ARG A C   1 
ATOM   642 O O   . ARG A 1 99  ? -0.910  -3.309  -5.559  1.00 36.19 ? 109 ARG A O   1 
ATOM   643 C CB  . ARG A 1 99  ? 1.874   -4.911  -5.802  1.00 37.63 ? 109 ARG A CB  1 
ATOM   644 C CG  . ARG A 1 99  ? 2.802   -6.116  -5.511  1.00 41.28 ? 109 ARG A CG  1 
ATOM   645 C CD  . ARG A 1 99  ? 4.035   -6.160  -6.467  1.00 40.93 ? 109 ARG A CD  1 
ATOM   646 N NE  . ARG A 1 99  ? 4.239   -7.528  -6.955  1.00 49.07 ? 109 ARG A NE  1 
ATOM   647 C CZ  . ARG A 1 99  ? 3.977   -7.907  -8.201  1.00 50.17 ? 109 ARG A CZ  1 
ATOM   648 N NH1 . ARG A 1 99  ? 3.536   -7.017  -9.083  1.00 53.25 ? 109 ARG A NH1 1 
ATOM   649 N NH2 . ARG A 1 99  ? 4.162   -9.164  -8.577  1.00 51.19 ? 109 ARG A NH2 1 
ATOM   650 N N   . PHE A 1 100 ? 0.657   -2.275  -4.344  1.00 35.59 ? 110 PHE A N   1 
ATOM   651 C CA  . PHE A 1 100 ? -0.023  -0.983  -4.393  1.00 35.59 ? 110 PHE A CA  1 
ATOM   652 C C   . PHE A 1 100 ? 0.980   0.074   -4.730  1.00 35.34 ? 110 PHE A C   1 
ATOM   653 O O   . PHE A 1 100 ? 2.143   -0.037  -4.377  1.00 35.23 ? 110 PHE A O   1 
ATOM   654 C CB  . PHE A 1 100 ? -0.612  -0.610  -3.030  1.00 35.61 ? 110 PHE A CB  1 
ATOM   655 C CG  . PHE A 1 100 ? -1.733  -1.502  -2.564  1.00 35.63 ? 110 PHE A CG  1 
ATOM   656 C CD1 . PHE A 1 100 ? -3.060  -1.159  -2.804  1.00 36.21 ? 110 PHE A CD1 1 
ATOM   657 C CD2 . PHE A 1 100 ? -1.463  -2.661  -1.834  1.00 37.80 ? 110 PHE A CD2 1 
ATOM   658 C CE1 . PHE A 1 100 ? -4.103  -1.961  -2.354  1.00 33.17 ? 110 PHE A CE1 1 
ATOM   659 C CE2 . PHE A 1 100 ? -2.511  -3.477  -1.372  1.00 34.76 ? 110 PHE A CE2 1 
ATOM   660 C CZ  . PHE A 1 100 ? -3.817  -3.138  -1.628  1.00 35.80 ? 110 PHE A CZ  1 
ATOM   661 N N   . LEU A 1 101 ? 0.507   1.137   -5.363  1.00 35.40 ? 111 LEU A N   1 
ATOM   662 C CA  . LEU A 1 101 ? 1.294   2.317   -5.525  1.00 35.40 ? 111 LEU A CA  1 
ATOM   663 C C   . LEU A 1 101 ? 0.546   3.452   -4.864  1.00 36.08 ? 111 LEU A C   1 
ATOM   664 O O   . LEU A 1 101 ? -0.642  3.665   -5.157  1.00 35.33 ? 111 LEU A O   1 
ATOM   665 C CB  . LEU A 1 101 ? 1.478   2.635   -7.009  1.00 35.69 ? 111 LEU A CB  1 
ATOM   666 C CG  . LEU A 1 101 ? 2.457   1.841   -7.875  1.00 36.00 ? 111 LEU A CG  1 
ATOM   667 C CD1 . LEU A 1 101 ? 2.349   2.359   -9.289  1.00 34.13 ? 111 LEU A CD1 1 
ATOM   668 C CD2 . LEU A 1 101 ? 3.890   1.992   -7.379  1.00 35.95 ? 111 LEU A CD2 1 
ATOM   669 N N   . PHE A 1 102 ? 1.245   4.173   -3.977  1.00 36.27 ? 112 PHE A N   1 
ATOM   670 C CA  . PHE A 1 102 ? 0.681   5.319   -3.274  1.00 37.32 ? 112 PHE A CA  1 
ATOM   671 C C   . PHE A 1 102 ? 1.388   6.571   -3.787  1.00 38.28 ? 112 PHE A C   1 
ATOM   672 O O   . PHE A 1 102 ? 2.604   6.700   -3.645  1.00 38.28 ? 112 PHE A O   1 
ATOM   673 C CB  . PHE A 1 102 ? 0.868   5.210   -1.746  1.00 36.59 ? 112 PHE A CB  1 
ATOM   674 C CG  . PHE A 1 102 ? 0.384   3.887   -1.137  1.00 36.12 ? 112 PHE A CG  1 
ATOM   675 C CD1 . PHE A 1 102 ? -0.818  3.327   -1.514  1.00 34.38 ? 112 PHE A CD1 1 
ATOM   676 C CD2 . PHE A 1 102 ? 1.146   3.225   -0.175  1.00 34.79 ? 112 PHE A CD2 1 
ATOM   677 C CE1 . PHE A 1 102 ? -1.268  2.123   -0.969  1.00 34.22 ? 112 PHE A CE1 1 
ATOM   678 C CE2 . PHE A 1 102 ? 0.712   2.032   0.377   1.00 35.05 ? 112 PHE A CE2 1 
ATOM   679 C CZ  . PHE A 1 102 ? -0.496  1.472   -0.022  1.00 33.65 ? 112 PHE A CZ  1 
ATOM   680 N N   . LYS A 1 103 ? 0.630   7.479   -4.400  1.00 39.00 ? 113 LYS A N   1 
ATOM   681 C CA  . LYS A 1 103 ? 1.131   8.823   -4.701  1.00 40.23 ? 113 LYS A CA  1 
ATOM   682 C C   . LYS A 1 103 ? 1.389   9.621   -3.405  1.00 40.24 ? 113 LYS A C   1 
ATOM   683 O O   . LYS A 1 103 ? 0.909   9.242   -2.338  1.00 39.59 ? 113 LYS A O   1 
ATOM   684 C CB  . LYS A 1 103 ? 0.150   9.600   -5.607  1.00 40.87 ? 113 LYS A CB  1 
ATOM   685 C CG  . LYS A 1 103 ? -0.096  9.028   -7.012  1.00 43.18 ? 113 LYS A CG  1 
ATOM   686 C CD  . LYS A 1 103 ? 1.121   8.411   -7.667  1.00 48.37 ? 113 LYS A CD  1 
ATOM   687 C CE  . LYS A 1 103 ? 0.692   7.638   -8.922  1.00 51.60 ? 113 LYS A CE  1 
ATOM   688 N NZ  . LYS A 1 103 ? 1.057   6.192   -8.914  1.00 50.41 ? 113 LYS A NZ  1 
ATOM   689 N N   . PRO A 1 104 ? 2.148   10.726  -3.497  1.00 40.93 ? 114 PRO A N   1 
ATOM   690 C CA  . PRO A 1 104 ? 2.554   11.490  -2.311  1.00 41.99 ? 114 PRO A CA  1 
ATOM   691 C C   . PRO A 1 104 ? 1.425   11.910  -1.363  1.00 43.34 ? 114 PRO A C   1 
ATOM   692 O O   . PRO A 1 104 ? 1.621   11.884  -0.146  1.00 43.91 ? 114 PRO A O   1 
ATOM   693 C CB  . PRO A 1 104 ? 3.251   12.707  -2.897  1.00 41.88 ? 114 PRO A CB  1 
ATOM   694 C CG  . PRO A 1 104 ? 3.721   12.266  -4.247  1.00 41.54 ? 114 PRO A CG  1 
ATOM   695 C CD  . PRO A 1 104 ? 2.698   11.302  -4.741  1.00 40.83 ? 114 PRO A CD  1 
ATOM   696 N N   . ASN A 1 105 ? 0.256   12.269  -1.899  1.00 44.50 ? 115 ASN A N   1 
ATOM   697 C CA  . ASN A 1 105 ? -0.905  12.642  -1.062  1.00 45.25 ? 115 ASN A CA  1 
ATOM   698 C C   . ASN A 1 105 ? -1.377  11.528  -0.150  1.00 45.10 ? 115 ASN A C   1 
ATOM   699 O O   . ASN A 1 105 ? -2.010  11.780  0.874   1.00 44.90 ? 115 ASN A O   1 
ATOM   700 C CB  . ASN A 1 105 ? -2.087  13.088  -1.930  1.00 45.87 ? 115 ASN A CB  1 
ATOM   701 C CG  . ASN A 1 105 ? -1.864  14.439  -2.566  1.00 48.11 ? 115 ASN A CG  1 
ATOM   702 O OD1 . ASN A 1 105 ? -0.896  15.134  -2.259  1.00 50.14 ? 115 ASN A OD1 1 
ATOM   703 N ND2 . ASN A 1 105 ? -2.768  14.824  -3.464  1.00 51.43 ? 115 ASN A ND2 1 
ATOM   704 N N   . TYR A 1 106 ? -1.056  10.287  -0.523  1.00 44.96 ? 116 TYR A N   1 
ATOM   705 C CA  . TYR A 1 106 ? -1.532  9.133   0.213   1.00 44.08 ? 116 TYR A CA  1 
ATOM   706 C C   . TYR A 1 106 ? -0.375  8.433   0.917   1.00 44.01 ? 116 TYR A C   1 
ATOM   707 O O   . TYR A 1 106 ? -0.533  7.352   1.500   1.00 43.51 ? 116 TYR A O   1 
ATOM   708 C CB  . TYR A 1 106 ? -2.258  8.178   -0.738  1.00 44.41 ? 116 TYR A CB  1 
ATOM   709 C CG  . TYR A 1 106 ? -3.618  8.668   -1.196  1.00 44.31 ? 116 TYR A CG  1 
ATOM   710 C CD1 . TYR A 1 106 ? -3.770  9.369   -2.394  1.00 45.32 ? 116 TYR A CD1 1 
ATOM   711 C CD2 . TYR A 1 106 ? -4.751  8.425   -0.436  1.00 44.33 ? 116 TYR A CD2 1 
ATOM   712 C CE1 . TYR A 1 106 ? -5.037  9.819   -2.817  1.00 45.77 ? 116 TYR A CE1 1 
ATOM   713 C CE2 . TYR A 1 106 ? -6.017  8.868   -0.850  1.00 44.36 ? 116 TYR A CE2 1 
ATOM   714 C CZ  . TYR A 1 106 ? -6.150  9.561   -2.030  1.00 45.34 ? 116 TYR A CZ  1 
ATOM   715 O OH  . TYR A 1 106 ? -7.409  9.985   -2.425  1.00 47.45 ? 116 TYR A OH  1 
ATOM   716 N N   . ALA A 1 107 ? 0.793   9.059   0.857   1.00 43.33 ? 117 ALA A N   1 
ATOM   717 C CA  . ALA A 1 107 ? 1.984   8.495   1.449   1.00 42.59 ? 117 ALA A CA  1 
ATOM   718 C C   . ALA A 1 107 ? 2.673   9.513   2.361   1.00 42.47 ? 117 ALA A C   1 
ATOM   719 O O   . ALA A 1 107 ? 2.168   9.788   3.458   1.00 42.71 ? 117 ALA A O   1 
ATOM   720 C CB  . ALA A 1 107 ? 2.918   7.945   0.363   1.00 41.65 ? 117 ALA A CB  1 
ATOM   721 N N   . TYR A 1 108 ? 3.813   10.051  1.936   1.00 41.87 ? 118 TYR A N   1 
ATOM   722 C CA  . TYR A 1 108 ? 4.614   10.911  2.799   1.00 42.65 ? 118 TYR A CA  1 
ATOM   723 C C   . TYR A 1 108 ? 4.613   12.377  2.372   1.00 43.05 ? 118 TYR A C   1 
ATOM   724 O O   . TYR A 1 108 ? 5.224   13.207  3.037   1.00 42.51 ? 118 TYR A O   1 
ATOM   725 C CB  . TYR A 1 108 ? 6.037   10.348  2.979   1.00 42.51 ? 118 TYR A CB  1 
ATOM   726 C CG  . TYR A 1 108 ? 6.007   8.891   3.408   1.00 41.59 ? 118 TYR A CG  1 
ATOM   727 C CD1 . TYR A 1 108 ? 5.763   8.536   4.740   1.00 41.03 ? 118 TYR A CD1 1 
ATOM   728 C CD2 . TYR A 1 108 ? 6.180   7.875   2.479   1.00 40.56 ? 118 TYR A CD2 1 
ATOM   729 C CE1 . TYR A 1 108 ? 5.713   7.207   5.120   1.00 40.85 ? 118 TYR A CE1 1 
ATOM   730 C CE2 . TYR A 1 108 ? 6.126   6.549   2.848   1.00 40.33 ? 118 TYR A CE2 1 
ATOM   731 C CZ  . TYR A 1 108 ? 5.890   6.220   4.164   1.00 41.18 ? 118 TYR A CZ  1 
ATOM   732 O OH  . TYR A 1 108 ? 5.825   4.897   4.514   1.00 42.07 ? 118 TYR A OH  1 
ATOM   733 N N   . GLY A 1 109 ? 3.928   12.675  1.263   1.00 43.84 ? 119 GLY A N   1 
ATOM   734 C CA  . GLY A 1 109 ? 3.658   14.063  0.849   1.00 44.50 ? 119 GLY A CA  1 
ATOM   735 C C   . GLY A 1 109 ? 4.825   14.895  0.355   1.00 44.86 ? 119 GLY A C   1 
ATOM   736 O O   . GLY A 1 109 ? 5.797   14.367  -0.172  1.00 45.06 ? 119 GLY A O   1 
ATOM   737 N N   . THR A 1 110 ? 4.703   16.215  0.516   1.00 45.36 ? 120 THR A N   1 
ATOM   738 C CA  . THR A 1 110 ? 5.757   17.175  0.171   1.00 45.20 ? 120 THR A CA  1 
ATOM   739 C C   . THR A 1 110 ? 6.999   17.044  1.051   1.00 45.66 ? 120 THR A C   1 
ATOM   740 O O   . THR A 1 110 ? 8.129   17.243  0.587   1.00 45.52 ? 120 THR A O   1 
ATOM   741 C CB  . THR A 1 110 ? 5.255   18.638  0.301   1.00 45.85 ? 120 THR A CB  1 
ATOM   742 O OG1 . THR A 1 110 ? 4.503   18.787  1.522   1.00 45.49 ? 120 THR A OG1 1 
ATOM   743 C CG2 . THR A 1 110 ? 4.381   19.004  -0.874  1.00 45.05 ? 120 THR A CG2 1 
ATOM   744 N N   . LEU A 1 111 ? 6.794   16.694  2.317   1.00 45.36 ? 121 LEU A N   1 
ATOM   745 C CA  . LEU A 1 111 ? 7.884   16.679  3.272   1.00 46.02 ? 121 LEU A CA  1 
ATOM   746 C C   . LEU A 1 111 ? 8.780   15.454  3.099   1.00 45.23 ? 121 LEU A C   1 
ATOM   747 O O   . LEU A 1 111 ? 9.998   15.540  3.266   1.00 45.05 ? 121 LEU A O   1 
ATOM   748 C CB  . LEU A 1 111 ? 7.316   16.728  4.696   1.00 46.77 ? 121 LEU A CB  1 
ATOM   749 C CG  . LEU A 1 111 ? 8.144   17.437  5.759   1.00 48.41 ? 121 LEU A CG  1 
ATOM   750 C CD1 . LEU A 1 111 ? 7.963   18.950  5.620   1.00 48.95 ? 121 LEU A CD1 1 
ATOM   751 C CD2 . LEU A 1 111 ? 7.741   16.975  7.172   1.00 47.27 ? 121 LEU A CD2 1 
ATOM   752 N N   . GLY A 1 112 ? 8.175   14.321  2.744   1.00 45.18 ? 122 GLY A N   1 
ATOM   753 C CA  . GLY A 1 112 ? 8.876   13.033  2.730   1.00 44.23 ? 122 GLY A CA  1 
ATOM   754 C C   . GLY A 1 112 ? 9.332   12.671  4.141   1.00 44.37 ? 122 GLY A C   1 
ATOM   755 O O   . GLY A 1 112 ? 8.756   13.132  5.131   1.00 43.51 ? 122 GLY A O   1 
ATOM   756 N N   . CYS A 1 113 ? 10.377  11.852  4.234   1.00 44.57 ? 123 CYS A N   1 
ATOM   757 C CA  . CYS A 1 113 ? 11.011  11.558  5.521   1.00 45.10 ? 123 CYS A CA  1 
ATOM   758 C C   . CYS A 1 113 ? 12.502  11.585  5.287   1.00 44.19 ? 123 CYS A C   1 
ATOM   759 O O   . CYS A 1 113 ? 13.113  10.533  5.099   1.00 43.78 ? 123 CYS A O   1 
ATOM   760 C CB  . CYS A 1 113 ? 10.579  10.183  6.036   1.00 45.25 ? 123 CYS A CB  1 
ATOM   761 S SG  . CYS A 1 113 ? 8.827   9.847   5.756   1.00 52.94 ? 123 CYS A SG  1 
ATOM   762 N N   . PRO A 1 114 ? 13.101  12.797  5.268   1.00 43.83 ? 124 PRO A N   1 
ATOM   763 C CA  . PRO A 1 114 ? 14.506  12.896  4.948   1.00 43.64 ? 124 PRO A CA  1 
ATOM   764 C C   . PRO A 1 114 ? 15.370  12.187  5.989   1.00 43.60 ? 124 PRO A C   1 
ATOM   765 O O   . PRO A 1 114 ? 15.001  12.132  7.149   1.00 43.11 ? 124 PRO A O   1 
ATOM   766 C CB  . PRO A 1 114 ? 14.771  14.408  4.970   1.00 44.10 ? 124 PRO A CB  1 
ATOM   767 C CG  . PRO A 1 114 ? 13.700  14.978  5.829   1.00 44.03 ? 124 PRO A CG  1 
ATOM   768 C CD  . PRO A 1 114 ? 12.508  14.115  5.546   1.00 43.47 ? 124 PRO A CD  1 
ATOM   769 N N   . PRO A 1 115 ? 16.518  11.639  5.565   1.00 44.06 ? 125 PRO A N   1 
ATOM   770 C CA  . PRO A 1 115 ? 16.923  11.645  4.163   1.00 43.79 ? 125 PRO A CA  1 
ATOM   771 C C   . PRO A 1 115 ? 16.424  10.418  3.371   1.00 43.62 ? 125 PRO A C   1 
ATOM   772 O O   . PRO A 1 115 ? 16.687  10.320  2.176   1.00 45.10 ? 125 PRO A O   1 
ATOM   773 C CB  . PRO A 1 115 ? 18.450  11.675  4.258   1.00 43.50 ? 125 PRO A CB  1 
ATOM   774 C CG  . PRO A 1 115 ? 18.780  10.984  5.552   1.00 44.48 ? 125 PRO A CG  1 
ATOM   775 C CD  . PRO A 1 115 ? 17.527  10.989  6.425   1.00 44.29 ? 125 PRO A CD  1 
ATOM   776 N N   . LEU A 1 116 ? 15.663  9.537   4.018   1.00 42.87 ? 126 LEU A N   1 
ATOM   777 C CA  . LEU A 1 116 ? 15.242  8.249   3.452   1.00 42.04 ? 126 LEU A CA  1 
ATOM   778 C C   . LEU A 1 116 ? 14.265  8.392   2.290   1.00 41.68 ? 126 LEU A C   1 
ATOM   779 O O   . LEU A 1 116 ? 14.465  7.780   1.238   1.00 41.13 ? 126 LEU A O   1 
ATOM   780 C CB  . LEU A 1 116 ? 14.562  7.386   4.520   1.00 41.88 ? 126 LEU A CB  1 
ATOM   781 C CG  . LEU A 1 116 ? 14.666  5.843   4.488   1.00 43.01 ? 126 LEU A CG  1 
ATOM   782 C CD1 . LEU A 1 116 ? 13.404  5.205   5.007   1.00 41.40 ? 126 LEU A CD1 1 
ATOM   783 C CD2 . LEU A 1 116 ? 15.074  5.221   3.144   1.00 42.17 ? 126 LEU A CD2 1 
ATOM   784 N N   . ILE A 1 117 ? 13.192  9.162   2.505   1.00 40.73 ? 127 ILE A N   1 
ATOM   785 C CA  . ILE A 1 117 ? 12.123  9.328   1.508   1.00 41.00 ? 127 ILE A CA  1 
ATOM   786 C C   . ILE A 1 117 ? 12.100  10.788  1.080   1.00 40.91 ? 127 ILE A C   1 
ATOM   787 O O   . ILE A 1 117 ? 11.790  11.661  1.885   1.00 40.78 ? 127 ILE A O   1 
ATOM   788 C CB  . ILE A 1 117 ? 10.707  8.995   2.070   1.00 40.99 ? 127 ILE A CB  1 
ATOM   789 C CG1 . ILE A 1 117 ? 10.736  7.859   3.106   1.00 42.08 ? 127 ILE A CG1 1 
ATOM   790 C CG2 . ILE A 1 117 ? 9.648   8.831   0.931   1.00 40.33 ? 127 ILE A CG2 1 
ATOM   791 C CD1 . ILE A 1 117 ? 10.725  6.497   2.567   1.00 44.28 ? 127 ILE A CD1 1 
ATOM   792 N N   . PRO A 1 118 ? 12.447  11.058  -0.185  1.00 41.07 ? 128 PRO A N   1 
ATOM   793 C CA  . PRO A 1 118 ? 12.456  12.417  -0.698  1.00 40.87 ? 128 PRO A CA  1 
ATOM   794 C C   . PRO A 1 118 ? 11.069  13.076  -0.799  1.00 41.09 ? 128 PRO A C   1 
ATOM   795 O O   . PRO A 1 118 ? 10.030  12.394  -0.727  1.00 41.10 ? 128 PRO A O   1 
ATOM   796 C CB  . PRO A 1 118 ? 13.063  12.251  -2.091  1.00 41.28 ? 128 PRO A CB  1 
ATOM   797 C CG  . PRO A 1 118 ? 13.770  10.946  -2.058  1.00 41.17 ? 128 PRO A CG  1 
ATOM   798 C CD  . PRO A 1 118 ? 12.890  10.097  -1.207  1.00 41.18 ? 128 PRO A CD  1 
ATOM   799 N N   . PRO A 1 119 ? 11.039  14.414  -0.955  1.00 41.00 ? 129 PRO A N   1 
ATOM   800 C CA  . PRO A 1 119 ? 9.729   15.035  -1.210  1.00 40.70 ? 129 PRO A CA  1 
ATOM   801 C C   . PRO A 1 119 ? 9.034   14.389  -2.418  1.00 40.40 ? 129 PRO A C   1 
ATOM   802 O O   . PRO A 1 119 ? 9.711   13.873  -3.315  1.00 40.16 ? 129 PRO A O   1 
ATOM   803 C CB  . PRO A 1 119 ? 10.082  16.503  -1.473  1.00 40.62 ? 129 PRO A CB  1 
ATOM   804 C CG  . PRO A 1 119 ? 11.386  16.715  -0.762  1.00 40.62 ? 129 PRO A CG  1 
ATOM   805 C CD  . PRO A 1 119 ? 12.129  15.412  -0.884  1.00 40.47 ? 129 PRO A CD  1 
ATOM   806 N N   . ASN A 1 120 ? 7.706   14.315  -2.376  1.00 40.70 ? 130 ASN A N   1 
ATOM   807 C CA  . ASN A 1 120 ? 6.922   13.937  -3.553  1.00 41.35 ? 130 ASN A CA  1 
ATOM   808 C C   . ASN A 1 120 ? 7.213   12.550  -4.127  1.00 41.15 ? 130 ASN A C   1 
ATOM   809 O O   . ASN A 1 120 ? 7.244   12.385  -5.356  1.00 40.52 ? 130 ASN A O   1 
ATOM   810 C CB  . ASN A 1 120 ? 7.108   15.017  -4.641  1.00 42.43 ? 130 ASN A CB  1 
ATOM   811 C CG  . ASN A 1 120 ? 6.824   16.423  -4.108  1.00 44.57 ? 130 ASN A CG  1 
ATOM   812 O OD1 . ASN A 1 120 ? 7.688   17.312  -4.130  1.00 48.78 ? 130 ASN A OD1 1 
ATOM   813 N ND2 . ASN A 1 120 ? 5.630   16.608  -3.591  1.00 46.42 ? 130 ASN A ND2 1 
ATOM   814 N N   . THR A 1 121 ? 7.419   11.557  -3.251  1.00 40.12 ? 131 THR A N   1 
ATOM   815 C CA  . THR A 1 121 ? 7.718   10.187  -3.705  1.00 40.13 ? 131 THR A CA  1 
ATOM   816 C C   . THR A 1 121 ? 6.488   9.285   -3.804  1.00 38.91 ? 131 THR A C   1 
ATOM   817 O O   . THR A 1 121 ? 5.672   9.203   -2.882  1.00 39.04 ? 131 THR A O   1 
ATOM   818 C CB  . THR A 1 121 ? 8.819   9.501   -2.813  1.00 40.13 ? 131 THR A CB  1 
ATOM   819 O OG1 . THR A 1 121 ? 10.005  10.302  -2.823  1.00 41.56 ? 131 THR A OG1 1 
ATOM   820 C CG2 . THR A 1 121 ? 9.176   8.141   -3.352  1.00 41.41 ? 131 THR A CG2 1 
ATOM   821 N N   . THR A 1 122 ? 6.355   8.610   -4.938  1.00 38.40 ? 132 THR A N   1 
ATOM   822 C CA  . THR A 1 122 ? 5.384   7.538   -5.071  1.00 38.01 ? 132 THR A CA  1 
ATOM   823 C C   . THR A 1 122 ? 6.086   6.302   -4.521  1.00 37.15 ? 132 THR A C   1 
ATOM   824 O O   . THR A 1 122 ? 7.200   5.984   -4.953  1.00 37.45 ? 132 THR A O   1 
ATOM   825 C CB  . THR A 1 122 ? 5.035   7.309   -6.561  1.00 38.64 ? 132 THR A CB  1 
ATOM   826 O OG1 . THR A 1 122 ? 4.549   8.529   -7.115  1.00 40.14 ? 132 THR A OG1 1 
ATOM   827 C CG2 . THR A 1 122 ? 3.969   6.229   -6.727  1.00 38.90 ? 132 THR A CG2 1 
ATOM   828 N N   . VAL A 1 123 ? 5.454   5.627   -3.566  1.00 35.54 ? 133 VAL A N   1 
ATOM   829 C CA  . VAL A 1 123 ? 6.023   4.410   -2.970  1.00 34.14 ? 133 VAL A CA  1 
ATOM   830 C C   . VAL A 1 123 ? 5.221   3.205   -3.431  1.00 34.11 ? 133 VAL A C   1 
ATOM   831 O O   . VAL A 1 123 ? 4.056   3.328   -3.807  1.00 33.67 ? 133 VAL A O   1 
ATOM   832 C CB  . VAL A 1 123 ? 6.095   4.491   -1.407  1.00 33.65 ? 133 VAL A CB  1 
ATOM   833 C CG1 . VAL A 1 123 ? 6.947   5.660   -0.989  1.00 32.93 ? 133 VAL A CG1 1 
ATOM   834 C CG2 . VAL A 1 123 ? 4.698   4.637   -0.806  1.00 32.94 ? 133 VAL A CG2 1 
ATOM   835 N N   . LEU A 1 124 ? 5.863   2.043   -3.444  1.00 33.97 ? 134 LEU A N   1 
ATOM   836 C CA  . LEU A 1 124 ? 5.199   0.800   -3.796  1.00 34.26 ? 134 LEU A CA  1 
ATOM   837 C C   . LEU A 1 124 ? 5.132   -0.067  -2.527  1.00 34.49 ? 134 LEU A C   1 
ATOM   838 O O   . LEU A 1 124 ? 6.127   -0.213  -1.827  1.00 34.71 ? 134 LEU A O   1 
ATOM   839 C CB  . LEU A 1 124 ? 5.967   0.105   -4.938  1.00 34.50 ? 134 LEU A CB  1 
ATOM   840 C CG  . LEU A 1 124 ? 5.452   -1.173  -5.606  1.00 36.92 ? 134 LEU A CG  1 
ATOM   841 C CD1 . LEU A 1 124 ? 5.980   -1.311  -7.051  1.00 38.93 ? 134 LEU A CD1 1 
ATOM   842 C CD2 . LEU A 1 124 ? 5.841   -2.404  -4.779  1.00 38.46 ? 134 LEU A CD2 1 
ATOM   843 N N   . PHE A 1 125 ? 3.962   -0.618  -2.225  1.00 34.46 ? 135 PHE A N   1 
ATOM   844 C CA  . PHE A 1 125 ? 3.842   -1.572  -1.129  1.00 36.04 ? 135 PHE A CA  1 
ATOM   845 C C   . PHE A 1 125 ? 3.264   -2.868  -1.605  1.00 36.54 ? 135 PHE A C   1 
ATOM   846 O O   . PHE A 1 125 ? 2.275   -2.879  -2.315  1.00 36.40 ? 135 PHE A O   1 
ATOM   847 C CB  . PHE A 1 125 ? 2.961   -1.041  -0.010  1.00 35.52 ? 135 PHE A CB  1 
ATOM   848 C CG  . PHE A 1 125 ? 3.694   -0.196  0.986   1.00 36.49 ? 135 PHE A CG  1 
ATOM   849 C CD1 . PHE A 1 125 ? 4.030   1.112   0.685   1.00 34.01 ? 135 PHE A CD1 1 
ATOM   850 C CD2 . PHE A 1 125 ? 4.033   -0.712  2.235   1.00 35.90 ? 135 PHE A CD2 1 
ATOM   851 C CE1 . PHE A 1 125 ? 4.711   1.907   1.607   1.00 35.67 ? 135 PHE A CE1 1 
ATOM   852 C CE2 . PHE A 1 125 ? 4.715   0.059   3.158   1.00 37.17 ? 135 PHE A CE2 1 
ATOM   853 C CZ  . PHE A 1 125 ? 5.049   1.387   2.847   1.00 37.36 ? 135 PHE A CZ  1 
ATOM   854 N N   . GLU A 1 126 ? 3.887   -3.963  -1.195  1.00 37.68 ? 136 GLU A N   1 
ATOM   855 C CA  . GLU A 1 126 ? 3.290   -5.266  -1.354  1.00 38.86 ? 136 GLU A CA  1 
ATOM   856 C C   . GLU A 1 126 ? 2.724   -5.630  0.021   1.00 39.36 ? 136 GLU A C   1 
ATOM   857 O O   . GLU A 1 126 ? 3.417   -5.495  1.029   1.00 39.33 ? 136 GLU A O   1 
ATOM   858 C CB  . GLU A 1 126 ? 4.351   -6.250  -1.860  1.00 39.79 ? 136 GLU A CB  1 
ATOM   859 C CG  . GLU A 1 126 ? 3.872   -7.663  -2.070  1.00 43.39 ? 136 GLU A CG  1 
ATOM   860 C CD  . GLU A 1 126 ? 4.889   -8.496  -2.810  1.00 48.14 ? 136 GLU A CD  1 
ATOM   861 O OE1 . GLU A 1 126 ? 5.511   -9.382  -2.187  1.00 51.56 ? 136 GLU A OE1 1 
ATOM   862 O OE2 . GLU A 1 126 ? 5.085   -8.246  -4.011  1.00 50.60 ? 136 GLU A OE2 1 
ATOM   863 N N   . ILE A 1 127 ? 1.453   -6.031  0.072   1.00 39.11 ? 137 ILE A N   1 
ATOM   864 C CA  . ILE A 1 127 ? 0.807   -6.379  1.341   1.00 39.05 ? 137 ILE A CA  1 
ATOM   865 C C   . ILE A 1 127 ? 0.119   -7.724  1.210   1.00 39.87 ? 137 ILE A C   1 
ATOM   866 O O   . ILE A 1 127 ? -0.610  -7.954  0.243   1.00 38.51 ? 137 ILE A O   1 
ATOM   867 C CB  . ILE A 1 127 ? -0.249  -5.330  1.786   1.00 39.38 ? 137 ILE A CB  1 
ATOM   868 C CG1 . ILE A 1 127 ? 0.369   -3.947  1.967   1.00 37.43 ? 137 ILE A CG1 1 
ATOM   869 C CG2 . ILE A 1 127 ? -0.937  -5.773  3.088   1.00 39.86 ? 137 ILE A CG2 1 
ATOM   870 C CD1 . ILE A 1 127 ? -0.657  -2.843  2.107   1.00 38.35 ? 137 ILE A CD1 1 
ATOM   871 N N   . GLU A 1 128 ? 0.385   -8.619  2.168   1.00 40.79 ? 138 GLU A N   1 
ATOM   872 C CA  . GLU A 1 128 ? -0.314  -9.889  2.272   1.00 42.57 ? 138 GLU A CA  1 
ATOM   873 C C   . GLU A 1 128 ? -1.136  -9.887  3.550   1.00 43.83 ? 138 GLU A C   1 
ATOM   874 O O   . GLU A 1 128 ? -0.584  -9.734  4.642   1.00 43.43 ? 138 GLU A O   1 
ATOM   875 C CB  . GLU A 1 128 ? 0.650   -11.077 2.296   1.00 41.86 ? 138 GLU A CB  1 
ATOM   876 C CG  . GLU A 1 128 ? -0.103  -12.424 2.315   1.00 42.89 ? 138 GLU A CG  1 
ATOM   877 C CD  . GLU A 1 128 ? 0.803   -13.659 2.392   1.00 44.30 ? 138 GLU A CD  1 
ATOM   878 O OE1 . GLU A 1 128 ? 2.045   -13.524 2.350   1.00 48.00 ? 138 GLU A OE1 1 
ATOM   879 O OE2 . GLU A 1 128 ? 0.260   -14.783 2.492   1.00 47.65 ? 138 GLU A OE2 1 
ATOM   880 N N   . LEU A 1 129 ? -2.446  -10.069 3.391   1.00 45.43 ? 139 LEU A N   1 
ATOM   881 C CA  . LEU A 1 129 ? -3.415  -10.018 4.473   1.00 47.20 ? 139 LEU A CA  1 
ATOM   882 C C   . LEU A 1 129 ? -3.667  -11.431 4.948   1.00 48.64 ? 139 LEU A C   1 
ATOM   883 O O   . LEU A 1 129 ? -4.470  -12.146 4.348   1.00 48.88 ? 139 LEU A O   1 
ATOM   884 C CB  . LEU A 1 129 ? -4.741  -9.457  3.954   1.00 47.09 ? 139 LEU A CB  1 
ATOM   885 C CG  . LEU A 1 129 ? -5.650  -8.656  4.899   1.00 47.00 ? 139 LEU A CG  1 
ATOM   886 C CD1 . LEU A 1 129 ? -7.079  -9.067  4.662   1.00 44.33 ? 139 LEU A CD1 1 
ATOM   887 C CD2 . LEU A 1 129 ? -5.282  -8.800  6.391   1.00 45.34 ? 139 LEU A CD2 1 
ATOM   888 N N   . LEU A 1 130 ? -2.978  -11.838 6.008   1.00 49.97 ? 140 LEU A N   1 
ATOM   889 C CA  . LEU A 1 130 ? -3.063  -13.213 6.468   1.00 51.87 ? 140 LEU A CA  1 
ATOM   890 C C   . LEU A 1 130 ? -4.390  -13.470 7.178   1.00 53.01 ? 140 LEU A C   1 
ATOM   891 O O   . LEU A 1 130 ? -4.992  -14.520 6.987   1.00 53.05 ? 140 LEU A O   1 
ATOM   892 C CB  . LEU A 1 130 ? -1.868  -13.570 7.366   1.00 52.20 ? 140 LEU A CB  1 
ATOM   893 C CG  . LEU A 1 130 ? -0.467  -13.369 6.776   1.00 52.29 ? 140 LEU A CG  1 
ATOM   894 C CD1 . LEU A 1 130 ? 0.521   -13.106 7.885   1.00 54.00 ? 140 LEU A CD1 1 
ATOM   895 C CD2 . LEU A 1 130 ? -0.033  -14.564 5.932   1.00 54.16 ? 140 LEU A CD2 1 
ATOM   896 N N   . ASP A 1 131 ? -4.848  -12.484 7.950   1.00 54.53 ? 141 ASP A N   1 
ATOM   897 C CA  . ASP A 1 131 ? -6.045  -12.606 8.782   1.00 56.81 ? 141 ASP A CA  1 
ATOM   898 C C   . ASP A 1 131 ? -6.519  -11.235 9.271   1.00 57.62 ? 141 ASP A C   1 
ATOM   899 O O   . ASP A 1 131 ? -5.762  -10.263 9.249   1.00 57.31 ? 141 ASP A O   1 
ATOM   900 C CB  . ASP A 1 131 ? -5.758  -13.510 9.989   1.00 57.02 ? 141 ASP A CB  1 
ATOM   901 C CG  . ASP A 1 131 ? -7.021  -14.123 10.605  1.00 59.39 ? 141 ASP A CG  1 
ATOM   902 O OD1 . ASP A 1 131 ? -8.166  -13.735 10.248  1.00 61.08 ? 141 ASP A OD1 1 
ATOM   903 O OD2 . ASP A 1 131 ? -6.856  -15.008 11.478  1.00 61.48 ? 141 ASP A OD2 1 
ATOM   904 N N   . PHE A 1 132 ? -7.783  -11.166 9.690   1.00 59.33 ? 142 PHE A N   1 
ATOM   905 C CA  . PHE A 1 132 ? -8.299  -10.029 10.462  1.00 60.93 ? 142 PHE A CA  1 
ATOM   906 C C   . PHE A 1 132 ? -9.396  -10.424 11.454  1.00 61.79 ? 142 PHE A C   1 
ATOM   907 O O   . PHE A 1 132 ? -10.230 -11.277 11.161  1.00 61.84 ? 142 PHE A O   1 
ATOM   908 C CB  . PHE A 1 132 ? -8.761  -8.878  9.559   1.00 61.12 ? 142 PHE A CB  1 
ATOM   909 C CG  . PHE A 1 132 ? -9.908  -9.219  8.656   1.00 62.18 ? 142 PHE A CG  1 
ATOM   910 C CD1 . PHE A 1 132 ? -9.700  -9.923  7.468   1.00 62.43 ? 142 PHE A CD1 1 
ATOM   911 C CD2 . PHE A 1 132 ? -11.199 -8.796  8.967   1.00 62.95 ? 142 PHE A CD2 1 
ATOM   912 C CE1 . PHE A 1 132 ? -10.763 -10.218 6.616   1.00 62.35 ? 142 PHE A CE1 1 
ATOM   913 C CE2 . PHE A 1 132 ? -12.267 -9.086  8.116   1.00 63.49 ? 142 PHE A CE2 1 
ATOM   914 C CZ  . PHE A 1 132 ? -12.046 -9.798  6.940   1.00 62.34 ? 142 PHE A CZ  1 
ATOM   915 N N   . LEU A 1 133 ? -9.380  -9.783  12.625  1.00 62.95 ? 143 LEU A N   1 
ATOM   916 C CA  . LEU A 1 133 ? -10.271 -10.126 13.742  1.00 63.75 ? 143 LEU A CA  1 
ATOM   917 C C   . LEU A 1 133 ? -10.825 -8.856  14.376  1.00 63.94 ? 143 LEU A C   1 
ATOM   918 O O   . LEU A 1 133 ? -10.079 -7.899  14.607  1.00 64.42 ? 143 LEU A O   1 
ATOM   919 C CB  . LEU A 1 133 ? -9.528  -10.952 14.810  1.00 64.09 ? 143 LEU A CB  1 
ATOM   920 C CG  . LEU A 1 133 ? -8.670  -12.170 14.420  1.00 64.87 ? 143 LEU A CG  1 
ATOM   921 C CD1 . LEU A 1 133 ? -7.219  -11.775 14.108  1.00 66.01 ? 143 LEU A CD1 1 
ATOM   922 C CD2 . LEU A 1 133 ? -8.696  -13.215 15.523  1.00 66.04 ? 143 LEU A CD2 1 
HETATM 923 O O   . HOH B 2 .   ? -11.130 -16.897 -3.783  1.00 33.59 ? 145 HOH A O   1 
HETATM 924 O O   . HOH B 2 .   ? 5.370   9.896   -0.452  1.00 37.51 ? 146 HOH A O   1 
HETATM 925 O O   . HOH B 2 .   ? -9.167  -11.277 -2.862  1.00 39.21 ? 147 HOH A O   1 
HETATM 926 O O   . HOH B 2 .   ? 7.376   12.029  -0.222  1.00 43.69 ? 148 HOH A O   1 
HETATM 927 O O   . HOH B 2 .   ? -0.480  12.771  -4.806  1.00 54.48 ? 149 HOH A O   1 
HETATM 928 O O   . HOH B 2 .   ? 9.034   13.942  7.771   1.00 40.43 ? 150 HOH A O   1 
HETATM 929 O O   . HOH B 2 .   ? -10.222 -7.761  -2.695  1.00 37.63 ? 151 HOH A O   1 
HETATM 930 O O   . HOH B 2 .   ? -17.217 -7.687  1.794   1.00 46.80 ? 152 HOH A O   1 
HETATM 931 O O   . HOH B 2 .   ? -0.821  5.524   -7.162  1.00 37.98 ? 153 HOH A O   1 
HETATM 932 O O   . HOH B 2 .   ? 5.365   11.024  -7.293  1.00 54.16 ? 154 HOH A O   1 
HETATM 933 O O   . HOH B 2 .   ? -12.029 -12.603 4.091   1.00 45.03 ? 155 HOH A O   1 
HETATM 934 O O   . HOH B 2 .   ? -10.596 1.126   0.199   1.00 40.77 ? 156 HOH A O   1 
HETATM 935 O O   . HOH B 2 .   ? -4.880  13.395  -4.469  1.00 51.03 ? 157 HOH A O   1 
HETATM 936 O O   . HOH B 2 .   ? -13.752 -2.390  3.521   1.00 53.57 ? 158 HOH A O   1 
HETATM 937 O O   . HOH B 2 .   ? 9.715   6.676   -9.087  1.00 48.03 ? 159 HOH A O   1 
HETATM 938 O O   . HOH B 2 .   ? 12.494  14.448  2.382   1.00 53.44 ? 160 HOH A O   1 
HETATM 939 O O   . HOH B 2 .   ? -0.368  9.151   4.738   1.00 45.85 ? 161 HOH A O   1 
HETATM 940 O O   . HOH B 2 .   ? -9.202  6.198   -12.287 1.00 45.78 ? 162 HOH A O   1 
HETATM 941 O O   . HOH B 2 .   ? -11.994 -4.751  -3.545  1.00 49.81 ? 163 HOH A O   1 
HETATM 942 O O   . HOH B 2 .   ? -7.065  -3.686  -23.959 1.00 70.26 ? 164 HOH A O   1 
HETATM 943 O O   . HOH B 2 .   ? -9.838  -8.792  -5.493  1.00 46.77 ? 165 HOH A O   1 
HETATM 944 O O   . HOH B 2 .   ? 1.812   -5.410  -9.862  1.00 45.46 ? 166 HOH A O   1 
HETATM 945 O O   . HOH B 2 .   ? 4.117   -11.901 1.592   1.00 53.34 ? 167 HOH A O   1 
HETATM 946 O O   . HOH B 2 .   ? -5.102  -4.740  -12.093 1.00 51.72 ? 168 HOH A O   1 
HETATM 947 O O   . HOH B 2 .   ? -5.471  -16.902 -1.052  1.00 50.90 ? 169 HOH A O   1 
HETATM 948 O O   . HOH B 2 .   ? 2.303   15.743  -2.298  1.00 61.87 ? 170 HOH A O   1 
HETATM 949 O O   . HOH B 2 .   ? 5.718   13.102  5.687   1.00 45.70 ? 171 HOH A O   1 
HETATM 950 O O   . HOH B 2 .   ? 2.793   10.449  6.626   1.00 53.54 ? 172 HOH A O   1 
HETATM 951 O O   . HOH B 2 .   ? 4.490   7.640   -9.826  1.00 48.26 ? 173 HOH A O   1 
HETATM 952 O O   . HOH B 2 .   ? -16.443 -3.673  3.113   1.00 55.52 ? 174 HOH A O   1 
HETATM 953 O O   . HOH B 2 .   ? -17.639 -7.516  -1.198  1.00 52.05 ? 175 HOH A O   1 
HETATM 954 O O   . HOH B 2 .   ? -5.492  -15.499 -7.732  1.00 52.38 ? 176 HOH A O   1 
HETATM 955 O O   . HOH B 2 .   ? -2.850  11.752  -5.468  1.00 56.82 ? 177 HOH A O   1 
HETATM 956 O O   . HOH B 2 .   ? 3.812   16.770  3.731   1.00 62.06 ? 178 HOH A O   1 
HETATM 957 O O   . HOH B 2 .   ? 17.523  15.192  3.120   1.00 53.13 ? 179 HOH A O   1 
HETATM 958 O O   . HOH B 2 .   ? -9.003  -16.953 3.015   1.00 49.12 ? 180 HOH A O   1 
HETATM 959 O O   . HOH B 2 .   ? -2.179  -15.817 2.954   1.00 55.65 ? 181 HOH A O   1 
HETATM 960 O O   . HOH B 2 .   ? 16.171  12.777  0.171   1.00 64.56 ? 182 HOH A O   1 
HETATM 961 O O   . HOH B 2 .   ? 1.478   16.784  0.797   1.00 57.73 ? 183 HOH A O   1 
HETATM 962 O O   . HOH B 2 .   ? -19.329 -13.210 5.145   1.00 61.81 ? 184 HOH A O   1 
HETATM 963 O O   . HOH B 2 .   ? 12.582  -2.249  8.339   1.00 56.92 ? 185 HOH A O   1 
HETATM 964 O O   . HOH B 2 .   ? -18.715 -8.364  5.583   1.00 68.72 ? 186 HOH A O   1 
HETATM 965 O O   . HOH B 2 .   ? 16.743  7.052   -0.080  1.00 64.21 ? 187 HOH A O   1 
HETATM 966 O O   . HOH B 2 .   ? -11.521 7.552   -12.067 1.00 62.25 ? 188 HOH A O   1 
HETATM 967 O O   . HOH B 2 .   ? 15.185  14.749  1.567   1.00 58.39 ? 189 HOH A O   1 
HETATM 968 O O   . HOH B 2 .   ? 8.498   8.756   -7.262  1.00 50.75 ? 190 HOH A O   1 
HETATM 969 O O   . HOH B 2 .   ? 14.724  0.759   6.776   0.50 36.68 ? 191 HOH A O   1 
HETATM 970 O O   . HOH B 2 .   ? -12.544 2.200   1.888   1.00 56.25 ? 192 HOH A O   1 
HETATM 971 O O   . HOH B 2 .   ? 3.105   -16.217 4.298   1.00 79.94 ? 193 HOH A O   1 
HETATM 972 O O   . HOH B 2 .   ? -0.992  0.283   -21.202 1.00 62.41 ? 194 HOH A O   1 
HETATM 973 O O   . HOH B 2 .   ? -9.355  -6.513  -7.438  1.00 50.98 ? 195 HOH A O   1 
HETATM 974 O O   . HOH B 2 .   ? -1.972  -8.154  -13.413 1.00 59.96 ? 196 HOH A O   1 
HETATM 975 O O   . HOH B 2 .   ? -5.836  -6.278  -9.824  1.00 46.05 ? 197 HOH A O   1 
HETATM 976 O O   . HOH B 2 .   ? -9.386  -5.816  -5.342  1.00 58.14 ? 198 HOH A O   1 
HETATM 977 O O   . HOH B 2 .   ? -6.560  -17.591 -4.511  1.00 49.06 ? 199 HOH A O   1 
# 
loop_
_pdbx_poly_seq_scheme.asym_id 
_pdbx_poly_seq_scheme.entity_id 
_pdbx_poly_seq_scheme.seq_id 
_pdbx_poly_seq_scheme.mon_id 
_pdbx_poly_seq_scheme.ndb_seq_num 
_pdbx_poly_seq_scheme.pdb_seq_num 
_pdbx_poly_seq_scheme.auth_seq_num 
_pdbx_poly_seq_scheme.pdb_mon_id 
_pdbx_poly_seq_scheme.auth_mon_id 
_pdbx_poly_seq_scheme.pdb_strand_id 
_pdbx_poly_seq_scheme.pdb_ins_code 
_pdbx_poly_seq_scheme.hetero 
A 1 1   GLY 1   11  ?   ?   ?   A . n 
A 1 2   GLU 2   12  ?   ?   ?   A . n 
A 1 3   GLY 3   13  ?   ?   ?   A . n 
A 1 4   ASP 4   14  ?   ?   ?   A . n 
A 1 5   ASP 5   15  ?   ?   ?   A . n 
A 1 6   ALA 6   16  ?   ?   ?   A . n 
A 1 7   PRO 7   17  ?   ?   ?   A . n 
A 1 8   GLY 8   18  ?   ?   ?   A . n 
A 1 9   GLN 9   19  19  GLN GLN A . n 
A 1 10  SER 10  20  20  SER SER A . n 
A 1 11  LEU 11  21  21  LEU LEU A . n 
A 1 12  TYR 12  22  22  TYR TYR A . n 
A 1 13  GLU 13  23  23  GLU GLU A . n 
A 1 14  ARG 14  24  24  ARG ARG A . n 
A 1 15  LEU 15  25  25  LEU LEU A . n 
A 1 16  SER 16  26  26  SER SER A . n 
A 1 17  GLN 17  27  27  GLN GLN A . n 
A 1 18  ARG 18  28  28  ARG ARG A . n 
A 1 19  MET 19  29  29  MET MET A . n 
A 1 20  LEU 20  30  30  LEU LEU A . n 
A 1 21  ASP 21  31  31  ASP ASP A . n 
A 1 22  ILE 22  32  32  ILE ILE A . n 
A 1 23  SER 23  33  33  SER SER A . n 
A 1 24  GLY 24  34  34  GLY GLY A . n 
A 1 25  ASP 25  35  35  ASP ASP A . n 
A 1 26  ARG 26  36  36  ARG ARG A . n 
A 1 27  GLY 27  37  37  GLY GLY A . n 
A 1 28  VAL 28  38  38  VAL VAL A . n 
A 1 29  LEU 29  39  39  LEU LEU A . n 
A 1 30  LYS 30  40  40  LYS LYS A . n 
A 1 31  ASP 31  41  41  ASP ASP A . n 
A 1 32  VAL 32  42  42  VAL VAL A . n 
A 1 33  ILE 33  43  43  ILE ILE A . n 
A 1 34  ARG 34  44  44  ARG ARG A . n 
A 1 35  GLU 35  45  45  GLU GLU A . n 
A 1 36  GLY 36  46  46  GLY GLY A . n 
A 1 37  ALA 37  47  47  ALA ALA A . n 
A 1 38  GLY 38  48  48  GLY GLY A . n 
A 1 39  ASP 39  49  49  ASP ASP A . n 
A 1 40  LEU 40  50  50  LEU LEU A . n 
A 1 41  VAL 41  51  51  VAL VAL A . n 
A 1 42  ALA 42  52  52  ALA ALA A . n 
A 1 43  PRO 43  53  53  PRO PRO A . n 
A 1 44  ASP 44  54  54  ASP ASP A . n 
A 1 45  ALA 45  55  55  ALA ALA A . n 
A 1 46  SER 46  56  56  SER SER A . n 
A 1 47  VAL 47  57  57  VAL VAL A . n 
A 1 48  LEU 48  58  58  LEU LEU A . n 
A 1 49  VAL 49  59  59  VAL VAL A . n 
A 1 50  LYS 50  60  60  LYS LYS A . n 
A 1 51  TYR 51  61  61  TYR TYR A . n 
A 1 52  SER 52  62  62  SER SER A . n 
A 1 53  GLY 53  63  63  GLY GLY A . n 
A 1 54  TYR 54  64  64  TYR TYR A . n 
A 1 55  LEU 55  65  65  LEU LEU A . n 
A 1 56  GLU 56  66  66  GLU GLU A . n 
A 1 57  HIS 57  67  67  HIS HIS A . n 
A 1 58  MET 58  68  68  MET MET A . n 
A 1 59  ASP 59  69  69  ASP ASP A . n 
A 1 60  ARG 60  70  70  ARG ARG A . n 
A 1 61  PRO 61  71  71  PRO PRO A . n 
A 1 62  PHE 62  72  72  PHE PHE A . n 
A 1 63  ASP 63  73  73  ASP ASP A . n 
A 1 64  SER 64  74  74  SER SER A . n 
A 1 65  ASN 65  75  75  ASN ASN A . n 
A 1 66  TYR 66  76  ?   ?   ?   A . n 
A 1 67  PHE 67  77  ?   ?   ?   A . n 
A 1 68  ARG 68  78  ?   ?   ?   A . n 
A 1 69  LYS 69  79  ?   ?   ?   A . n 
A 1 70  THR 70  80  ?   ?   ?   A . n 
A 1 71  PRO 71  81  ?   ?   ?   A . n 
A 1 72  ARG 72  82  ?   ?   ?   A . n 
A 1 73  LEU 73  83  83  LEU LEU A . n 
A 1 74  MET 74  84  84  MET MET A . n 
A 1 75  LYS 75  85  85  LYS LYS A . n 
A 1 76  LEU 76  86  86  LEU LEU A . n 
A 1 77  GLY 77  87  ?   ?   ?   A . n 
A 1 78  GLU 78  88  88  GLU GLU A . n 
A 1 79  ASP 79  89  89  ASP ASP A . n 
A 1 80  ILE 80  90  90  ILE ILE A . n 
A 1 81  THR 81  91  91  THR THR A . n 
A 1 82  LEU 82  92  92  LEU LEU A . n 
A 1 83  TRP 83  93  93  TRP TRP A . n 
A 1 84  GLY 84  94  94  GLY GLY A . n 
A 1 85  MET 85  95  95  MET MET A . n 
A 1 86  GLU 86  96  96  GLU GLU A . n 
A 1 87  LEU 87  97  97  LEU LEU A . n 
A 1 88  GLY 88  98  98  GLY GLY A . n 
A 1 89  LEU 89  99  99  LEU LEU A . n 
A 1 90  LEU 90  100 100 LEU LEU A . n 
A 1 91  SER 91  101 101 SER SER A . n 
A 1 92  MET 92  102 102 MET MET A . n 
A 1 93  ARG 93  103 103 ARG ARG A . n 
A 1 94  ARG 94  104 104 ARG ARG A . n 
A 1 95  GLY 95  105 105 GLY GLY A . n 
A 1 96  GLU 96  106 106 GLU GLU A . n 
A 1 97  LEU 97  107 107 LEU LEU A . n 
A 1 98  ALA 98  108 108 ALA ALA A . n 
A 1 99  ARG 99  109 109 ARG ARG A . n 
A 1 100 PHE 100 110 110 PHE PHE A . n 
A 1 101 LEU 101 111 111 LEU LEU A . n 
A 1 102 PHE 102 112 112 PHE PHE A . n 
A 1 103 LYS 103 113 113 LYS LYS A . n 
A 1 104 PRO 104 114 114 PRO PRO A . n 
A 1 105 ASN 105 115 115 ASN ASN A . n 
A 1 106 TYR 106 116 116 TYR TYR A . n 
A 1 107 ALA 107 117 117 ALA ALA A . n 
A 1 108 TYR 108 118 118 TYR TYR A . n 
A 1 109 GLY 109 119 119 GLY GLY A . n 
A 1 110 THR 110 120 120 THR THR A . n 
A 1 111 LEU 111 121 121 LEU LEU A . n 
A 1 112 GLY 112 122 122 GLY GLY A . n 
A 1 113 CYS 113 123 123 CYS CYS A . n 
A 1 114 PRO 114 124 124 PRO PRO A . n 
A 1 115 PRO 115 125 125 PRO PRO A . n 
A 1 116 LEU 116 126 126 LEU LEU A . n 
A 1 117 ILE 117 127 127 ILE ILE A . n 
A 1 118 PRO 118 128 128 PRO PRO A . n 
A 1 119 PRO 119 129 129 PRO PRO A . n 
A 1 120 ASN 120 130 130 ASN ASN A . n 
A 1 121 THR 121 131 131 THR THR A . n 
A 1 122 THR 122 132 132 THR THR A . n 
A 1 123 VAL 123 133 133 VAL VAL A . n 
A 1 124 LEU 124 134 134 LEU LEU A . n 
A 1 125 PHE 125 135 135 PHE PHE A . n 
A 1 126 GLU 126 136 136 GLU GLU A . n 
A 1 127 ILE 127 137 137 ILE ILE A . n 
A 1 128 GLU 128 138 138 GLU GLU A . n 
A 1 129 LEU 129 139 139 LEU LEU A . n 
A 1 130 LEU 130 140 140 LEU LEU A . n 
A 1 131 ASP 131 141 141 ASP ASP A . n 
A 1 132 PHE 132 142 142 PHE PHE A . n 
A 1 133 LEU 133 143 143 LEU LEU A . n 
A 1 134 ASP 134 144 ?   ?   ?   A . n 
# 
_pdbx_SG_project.id                    1 
_pdbx_SG_project.project_name          ? 
_pdbx_SG_project.full_name_of_center   'Structural Genomics Consortium' 
_pdbx_SG_project.initial_of_center     SGC 
# 
loop_
_pdbx_nonpoly_scheme.asym_id 
_pdbx_nonpoly_scheme.entity_id 
_pdbx_nonpoly_scheme.mon_id 
_pdbx_nonpoly_scheme.ndb_seq_num 
_pdbx_nonpoly_scheme.pdb_seq_num 
_pdbx_nonpoly_scheme.auth_seq_num 
_pdbx_nonpoly_scheme.pdb_mon_id 
_pdbx_nonpoly_scheme.auth_mon_id 
_pdbx_nonpoly_scheme.pdb_strand_id 
_pdbx_nonpoly_scheme.pdb_ins_code 
B 2 HOH 1  145 1  HOH HOH A . 
B 2 HOH 2  146 2  HOH HOH A . 
B 2 HOH 3  147 3  HOH HOH A . 
B 2 HOH 4  148 4  HOH HOH A . 
B 2 HOH 5  149 5  HOH HOH A . 
B 2 HOH 6  150 6  HOH HOH A . 
B 2 HOH 7  151 7  HOH HOH A . 
B 2 HOH 8  152 8  HOH HOH A . 
B 2 HOH 9  153 9  HOH HOH A . 
B 2 HOH 10 154 10 HOH HOH A . 
B 2 HOH 11 155 11 HOH HOH A . 
B 2 HOH 12 156 12 HOH HOH A . 
B 2 HOH 13 157 13 HOH HOH A . 
B 2 HOH 14 158 14 HOH HOH A . 
B 2 HOH 15 159 15 HOH HOH A . 
B 2 HOH 16 160 17 HOH HOH A . 
B 2 HOH 17 161 18 HOH HOH A . 
B 2 HOH 18 162 19 HOH HOH A . 
B 2 HOH 19 163 20 HOH HOH A . 
B 2 HOH 20 164 21 HOH HOH A . 
B 2 HOH 21 165 22 HOH HOH A . 
B 2 HOH 22 166 23 HOH HOH A . 
B 2 HOH 23 167 24 HOH HOH A . 
B 2 HOH 24 168 25 HOH HOH A . 
B 2 HOH 25 169 26 HOH HOH A . 
B 2 HOH 26 170 27 HOH HOH A . 
B 2 HOH 27 171 28 HOH HOH A . 
B 2 HOH 28 172 29 HOH HOH A . 
B 2 HOH 29 173 30 HOH HOH A . 
B 2 HOH 30 174 31 HOH HOH A . 
B 2 HOH 31 175 32 HOH HOH A . 
B 2 HOH 32 176 33 HOH HOH A . 
B 2 HOH 33 177 34 HOH HOH A . 
B 2 HOH 34 178 35 HOH HOH A . 
B 2 HOH 35 179 36 HOH HOH A . 
B 2 HOH 36 180 37 HOH HOH A . 
B 2 HOH 37 181 38 HOH HOH A . 
B 2 HOH 38 182 39 HOH HOH A . 
B 2 HOH 39 183 40 HOH HOH A . 
B 2 HOH 40 184 41 HOH HOH A . 
B 2 HOH 41 185 42 HOH HOH A . 
B 2 HOH 42 186 43 HOH HOH A . 
B 2 HOH 43 187 44 HOH HOH A . 
B 2 HOH 44 188 45 HOH HOH A . 
B 2 HOH 45 189 46 HOH HOH A . 
B 2 HOH 46 190 47 HOH HOH A . 
B 2 HOH 47 191 48 HOH HOH A . 
B 2 HOH 48 192 49 HOH HOH A . 
B 2 HOH 49 193 50 HOH HOH A . 
B 2 HOH 50 194 51 HOH HOH A . 
B 2 HOH 51 195 52 HOH HOH A . 
B 2 HOH 52 196 53 HOH HOH A . 
B 2 HOH 53 197 54 HOH HOH A . 
B 2 HOH 54 198 55 HOH HOH A . 
B 2 HOH 55 199 56 HOH HOH A . 
# 
_pdbx_struct_assembly.id                   1 
_pdbx_struct_assembly.details              author_and_software_defined_assembly 
_pdbx_struct_assembly.method_details       PISA 
_pdbx_struct_assembly.oligomeric_details   monomeric 
_pdbx_struct_assembly.oligomeric_count     1 
# 
_pdbx_struct_assembly_gen.assembly_id       1 
_pdbx_struct_assembly_gen.oper_expression   1 
_pdbx_struct_assembly_gen.asym_id_list      A,B 
# 
_pdbx_struct_oper_list.id                   1 
_pdbx_struct_oper_list.type                 'identity operation' 
_pdbx_struct_oper_list.name                 1_555 
_pdbx_struct_oper_list.symmetry_operation   x,y,z 
_pdbx_struct_oper_list.matrix[1][1]         1.0000000000 
_pdbx_struct_oper_list.matrix[1][2]         0.0000000000 
_pdbx_struct_oper_list.matrix[1][3]         0.0000000000 
_pdbx_struct_oper_list.vector[1]            0.0000000000 
_pdbx_struct_oper_list.matrix[2][1]         0.0000000000 
_pdbx_struct_oper_list.matrix[2][2]         1.0000000000 
_pdbx_struct_oper_list.matrix[2][3]         0.0000000000 
_pdbx_struct_oper_list.vector[2]            0.0000000000 
_pdbx_struct_oper_list.matrix[3][1]         0.0000000000 
_pdbx_struct_oper_list.matrix[3][2]         0.0000000000 
_pdbx_struct_oper_list.matrix[3][3]         1.0000000000 
_pdbx_struct_oper_list.vector[3]            0.0000000000 
# 
loop_
_pdbx_audit_revision_history.ordinal 
_pdbx_audit_revision_history.data_content_type 
_pdbx_audit_revision_history.major_revision 
_pdbx_audit_revision_history.minor_revision 
_pdbx_audit_revision_history.revision_date 
1 'Structure model' 1 0 2007-11-27 
2 'Structure model' 1 1 2011-07-13 
3 'Structure model' 1 2 2023-08-30 
# 
_pdbx_audit_revision_details.ordinal             1 
_pdbx_audit_revision_details.revision_ordinal    1 
_pdbx_audit_revision_details.data_content_type   'Structure model' 
_pdbx_audit_revision_details.provider            repository 
_pdbx_audit_revision_details.type                'Initial release' 
_pdbx_audit_revision_details.description         ? 
_pdbx_audit_revision_details.details             ? 
# 
loop_
_pdbx_audit_revision_group.ordinal 
_pdbx_audit_revision_group.revision_ordinal 
_pdbx_audit_revision_group.data_content_type 
_pdbx_audit_revision_group.group 
1 2 'Structure model' 'Version format compliance' 
2 3 'Structure model' 'Data collection'           
3 3 'Structure model' 'Database references'       
4 3 'Structure model' 'Refinement description'    
# 
loop_
_pdbx_audit_revision_category.ordinal 
_pdbx_audit_revision_category.revision_ordinal 
_pdbx_audit_revision_category.data_content_type 
_pdbx_audit_revision_category.category 
1 3 'Structure model' chem_comp_atom                
2 3 'Structure model' chem_comp_bond                
3 3 'Structure model' database_2                    
4 3 'Structure model' pdbx_initial_refinement_model 
5 3 'Structure model' struct_ref_seq_dif            
# 
loop_
_pdbx_audit_revision_item.ordinal 
_pdbx_audit_revision_item.revision_ordinal 
_pdbx_audit_revision_item.data_content_type 
_pdbx_audit_revision_item.item 
1 3 'Structure model' '_database_2.pdbx_DOI'                
2 3 'Structure model' '_database_2.pdbx_database_accession' 
3 3 'Structure model' '_struct_ref_seq_dif.details'         
# 
loop_
_software.name 
_software.classification 
_software.version 
_software.citation_id 
_software.pdbx_ordinal 
REFMAC   refinement        5.2.0019 ? 1 
HKL-2000 'data collection' .        ? 2 
HKL-2000 'data reduction'  .        ? 3 
HKL-2000 'data scaling'    .        ? 4 
PHASER   phasing           .        ? 5 
# 
_pdbx_validate_rmsd_angle.id                         1 
_pdbx_validate_rmsd_angle.PDB_model_num              1 
_pdbx_validate_rmsd_angle.auth_atom_id_1             C 
_pdbx_validate_rmsd_angle.auth_asym_id_1             A 
_pdbx_validate_rmsd_angle.auth_comp_id_1             ALA 
_pdbx_validate_rmsd_angle.auth_seq_id_1              52 
_pdbx_validate_rmsd_angle.PDB_ins_code_1             ? 
_pdbx_validate_rmsd_angle.label_alt_id_1             ? 
_pdbx_validate_rmsd_angle.auth_atom_id_2             N 
_pdbx_validate_rmsd_angle.auth_asym_id_2             A 
_pdbx_validate_rmsd_angle.auth_comp_id_2             PRO 
_pdbx_validate_rmsd_angle.auth_seq_id_2              53 
_pdbx_validate_rmsd_angle.PDB_ins_code_2             ? 
_pdbx_validate_rmsd_angle.label_alt_id_2             ? 
_pdbx_validate_rmsd_angle.auth_atom_id_3             CA 
_pdbx_validate_rmsd_angle.auth_asym_id_3             A 
_pdbx_validate_rmsd_angle.auth_comp_id_3             PRO 
_pdbx_validate_rmsd_angle.auth_seq_id_3              53 
_pdbx_validate_rmsd_angle.PDB_ins_code_3             ? 
_pdbx_validate_rmsd_angle.label_alt_id_3             ? 
_pdbx_validate_rmsd_angle.angle_value                128.61 
_pdbx_validate_rmsd_angle.angle_target_value         119.30 
_pdbx_validate_rmsd_angle.angle_deviation            9.31 
_pdbx_validate_rmsd_angle.angle_standard_deviation   1.50 
_pdbx_validate_rmsd_angle.linker_flag                Y 
# 
loop_
_pdbx_validate_torsion.id 
_pdbx_validate_torsion.PDB_model_num 
_pdbx_validate_torsion.auth_comp_id 
_pdbx_validate_torsion.auth_asym_id 
_pdbx_validate_torsion.auth_seq_id 
_pdbx_validate_torsion.PDB_ins_code 
_pdbx_validate_torsion.label_alt_id 
_pdbx_validate_torsion.phi 
_pdbx_validate_torsion.psi 
1 1 PRO A 53  ? ? -43.47  -19.14  
2 1 MET A 84  ? ? -163.25 114.19  
3 1 ALA A 117 ? ? -128.67 -107.71 
# 
loop_
_pdbx_unobs_or_zero_occ_atoms.id 
_pdbx_unobs_or_zero_occ_atoms.PDB_model_num 
_pdbx_unobs_or_zero_occ_atoms.polymer_flag 
_pdbx_unobs_or_zero_occ_atoms.occupancy_flag 
_pdbx_unobs_or_zero_occ_atoms.auth_asym_id 
_pdbx_unobs_or_zero_occ_atoms.auth_comp_id 
_pdbx_unobs_or_zero_occ_atoms.auth_seq_id 
_pdbx_unobs_or_zero_occ_atoms.PDB_ins_code 
_pdbx_unobs_or_zero_occ_atoms.auth_atom_id 
_pdbx_unobs_or_zero_occ_atoms.label_alt_id 
_pdbx_unobs_or_zero_occ_atoms.label_asym_id 
_pdbx_unobs_or_zero_occ_atoms.label_comp_id 
_pdbx_unobs_or_zero_occ_atoms.label_seq_id 
_pdbx_unobs_or_zero_occ_atoms.label_atom_id 
1 1 Y 1 A LYS 85 ? CG  ? A LYS 75 CG  
2 1 Y 1 A LYS 85 ? CD  ? A LYS 75 CD  
3 1 Y 1 A LYS 85 ? CE  ? A LYS 75 CE  
4 1 Y 1 A LYS 85 ? NZ  ? A LYS 75 NZ  
5 1 Y 1 A ILE 90 ? CG1 ? A ILE 80 CG1 
6 1 Y 1 A ILE 90 ? CG2 ? A ILE 80 CG2 
7 1 Y 1 A ILE 90 ? CD1 ? A ILE 80 CD1 
# 
loop_
_pdbx_unobs_or_zero_occ_residues.id 
_pdbx_unobs_or_zero_occ_residues.PDB_model_num 
_pdbx_unobs_or_zero_occ_residues.polymer_flag 
_pdbx_unobs_or_zero_occ_residues.occupancy_flag 
_pdbx_unobs_or_zero_occ_residues.auth_asym_id 
_pdbx_unobs_or_zero_occ_residues.auth_comp_id 
_pdbx_unobs_or_zero_occ_residues.auth_seq_id 
_pdbx_unobs_or_zero_occ_residues.PDB_ins_code 
_pdbx_unobs_or_zero_occ_residues.label_asym_id 
_pdbx_unobs_or_zero_occ_residues.label_comp_id 
_pdbx_unobs_or_zero_occ_residues.label_seq_id 
1  1 Y 1 A GLY 11  ? A GLY 1   
2  1 Y 1 A GLU 12  ? A GLU 2   
3  1 Y 1 A GLY 13  ? A GLY 3   
4  1 Y 1 A ASP 14  ? A ASP 4   
5  1 Y 1 A ASP 15  ? A ASP 5   
6  1 Y 1 A ALA 16  ? A ALA 6   
7  1 Y 1 A PRO 17  ? A PRO 7   
8  1 Y 1 A GLY 18  ? A GLY 8   
9  1 Y 1 A TYR 76  ? A TYR 66  
10 1 Y 1 A PHE 77  ? A PHE 67  
11 1 Y 1 A ARG 78  ? A ARG 68  
12 1 Y 1 A LYS 79  ? A LYS 69  
13 1 Y 1 A THR 80  ? A THR 70  
14 1 Y 1 A PRO 81  ? A PRO 71  
15 1 Y 1 A ARG 82  ? A ARG 72  
16 1 Y 1 A GLY 87  ? A GLY 77  
17 1 Y 1 A ASP 144 ? A ASP 134 
# 
loop_
_chem_comp_atom.comp_id 
_chem_comp_atom.atom_id 
_chem_comp_atom.type_symbol 
_chem_comp_atom.pdbx_aromatic_flag 
_chem_comp_atom.pdbx_stereo_config 
_chem_comp_atom.pdbx_ordinal 
ALA N    N N N 1   
ALA CA   C N S 2   
ALA C    C N N 3   
ALA O    O N N 4   
ALA CB   C N N 5   
ALA OXT  O N N 6   
ALA H    H N N 7   
ALA H2   H N N 8   
ALA HA   H N N 9   
ALA HB1  H N N 10  
ALA HB2  H N N 11  
ALA HB3  H N N 12  
ALA HXT  H N N 13  
ARG N    N N N 14  
ARG CA   C N S 15  
ARG C    C N N 16  
ARG O    O N N 17  
ARG CB   C N N 18  
ARG CG   C N N 19  
ARG CD   C N N 20  
ARG NE   N N N 21  
ARG CZ   C N N 22  
ARG NH1  N N N 23  
ARG NH2  N N N 24  
ARG OXT  O N N 25  
ARG H    H N N 26  
ARG H2   H N N 27  
ARG HA   H N N 28  
ARG HB2  H N N 29  
ARG HB3  H N N 30  
ARG HG2  H N N 31  
ARG HG3  H N N 32  
ARG HD2  H N N 33  
ARG HD3  H N N 34  
ARG HE   H N N 35  
ARG HH11 H N N 36  
ARG HH12 H N N 37  
ARG HH21 H N N 38  
ARG HH22 H N N 39  
ARG HXT  H N N 40  
ASN N    N N N 41  
ASN CA   C N S 42  
ASN C    C N N 43  
ASN O    O N N 44  
ASN CB   C N N 45  
ASN CG   C N N 46  
ASN OD1  O N N 47  
ASN ND2  N N N 48  
ASN OXT  O N N 49  
ASN H    H N N 50  
ASN H2   H N N 51  
ASN HA   H N N 52  
ASN HB2  H N N 53  
ASN HB3  H N N 54  
ASN HD21 H N N 55  
ASN HD22 H N N 56  
ASN HXT  H N N 57  
ASP N    N N N 58  
ASP CA   C N S 59  
ASP C    C N N 60  
ASP O    O N N 61  
ASP CB   C N N 62  
ASP CG   C N N 63  
ASP OD1  O N N 64  
ASP OD2  O N N 65  
ASP OXT  O N N 66  
ASP H    H N N 67  
ASP H2   H N N 68  
ASP HA   H N N 69  
ASP HB2  H N N 70  
ASP HB3  H N N 71  
ASP HD2  H N N 72  
ASP HXT  H N N 73  
CYS N    N N N 74  
CYS CA   C N R 75  
CYS C    C N N 76  
CYS O    O N N 77  
CYS CB   C N N 78  
CYS SG   S N N 79  
CYS OXT  O N N 80  
CYS H    H N N 81  
CYS H2   H N N 82  
CYS HA   H N N 83  
CYS HB2  H N N 84  
CYS HB3  H N N 85  
CYS HG   H N N 86  
CYS HXT  H N N 87  
GLN N    N N N 88  
GLN CA   C N S 89  
GLN C    C N N 90  
GLN O    O N N 91  
GLN CB   C N N 92  
GLN CG   C N N 93  
GLN CD   C N N 94  
GLN OE1  O N N 95  
GLN NE2  N N N 96  
GLN OXT  O N N 97  
GLN H    H N N 98  
GLN H2   H N N 99  
GLN HA   H N N 100 
GLN HB2  H N N 101 
GLN HB3  H N N 102 
GLN HG2  H N N 103 
GLN HG3  H N N 104 
GLN HE21 H N N 105 
GLN HE22 H N N 106 
GLN HXT  H N N 107 
GLU N    N N N 108 
GLU CA   C N S 109 
GLU C    C N N 110 
GLU O    O N N 111 
GLU CB   C N N 112 
GLU CG   C N N 113 
GLU CD   C N N 114 
GLU OE1  O N N 115 
GLU OE2  O N N 116 
GLU OXT  O N N 117 
GLU H    H N N 118 
GLU H2   H N N 119 
GLU HA   H N N 120 
GLU HB2  H N N 121 
GLU HB3  H N N 122 
GLU HG2  H N N 123 
GLU HG3  H N N 124 
GLU HE2  H N N 125 
GLU HXT  H N N 126 
GLY N    N N N 127 
GLY CA   C N N 128 
GLY C    C N N 129 
GLY O    O N N 130 
GLY OXT  O N N 131 
GLY H    H N N 132 
GLY H2   H N N 133 
GLY HA2  H N N 134 
GLY HA3  H N N 135 
GLY HXT  H N N 136 
HIS N    N N N 137 
HIS CA   C N S 138 
HIS C    C N N 139 
HIS O    O N N 140 
HIS CB   C N N 141 
HIS CG   C Y N 142 
HIS ND1  N Y N 143 
HIS CD2  C Y N 144 
HIS CE1  C Y N 145 
HIS NE2  N Y N 146 
HIS OXT  O N N 147 
HIS H    H N N 148 
HIS H2   H N N 149 
HIS HA   H N N 150 
HIS HB2  H N N 151 
HIS HB3  H N N 152 
HIS HD1  H N N 153 
HIS HD2  H N N 154 
HIS HE1  H N N 155 
HIS HE2  H N N 156 
HIS HXT  H N N 157 
HOH O    O N N 158 
HOH H1   H N N 159 
HOH H2   H N N 160 
ILE N    N N N 161 
ILE CA   C N S 162 
ILE C    C N N 163 
ILE O    O N N 164 
ILE CB   C N S 165 
ILE CG1  C N N 166 
ILE CG2  C N N 167 
ILE CD1  C N N 168 
ILE OXT  O N N 169 
ILE H    H N N 170 
ILE H2   H N N 171 
ILE HA   H N N 172 
ILE HB   H N N 173 
ILE HG12 H N N 174 
ILE HG13 H N N 175 
ILE HG21 H N N 176 
ILE HG22 H N N 177 
ILE HG23 H N N 178 
ILE HD11 H N N 179 
ILE HD12 H N N 180 
ILE HD13 H N N 181 
ILE HXT  H N N 182 
LEU N    N N N 183 
LEU CA   C N S 184 
LEU C    C N N 185 
LEU O    O N N 186 
LEU CB   C N N 187 
LEU CG   C N N 188 
LEU CD1  C N N 189 
LEU CD2  C N N 190 
LEU OXT  O N N 191 
LEU H    H N N 192 
LEU H2   H N N 193 
LEU HA   H N N 194 
LEU HB2  H N N 195 
LEU HB3  H N N 196 
LEU HG   H N N 197 
LEU HD11 H N N 198 
LEU HD12 H N N 199 
LEU HD13 H N N 200 
LEU HD21 H N N 201 
LEU HD22 H N N 202 
LEU HD23 H N N 203 
LEU HXT  H N N 204 
LYS N    N N N 205 
LYS CA   C N S 206 
LYS C    C N N 207 
LYS O    O N N 208 
LYS CB   C N N 209 
LYS CG   C N N 210 
LYS CD   C N N 211 
LYS CE   C N N 212 
LYS NZ   N N N 213 
LYS OXT  O N N 214 
LYS H    H N N 215 
LYS H2   H N N 216 
LYS HA   H N N 217 
LYS HB2  H N N 218 
LYS HB3  H N N 219 
LYS HG2  H N N 220 
LYS HG3  H N N 221 
LYS HD2  H N N 222 
LYS HD3  H N N 223 
LYS HE2  H N N 224 
LYS HE3  H N N 225 
LYS HZ1  H N N 226 
LYS HZ2  H N N 227 
LYS HZ3  H N N 228 
LYS HXT  H N N 229 
MET N    N N N 230 
MET CA   C N S 231 
MET C    C N N 232 
MET O    O N N 233 
MET CB   C N N 234 
MET CG   C N N 235 
MET SD   S N N 236 
MET CE   C N N 237 
MET OXT  O N N 238 
MET H    H N N 239 
MET H2   H N N 240 
MET HA   H N N 241 
MET HB2  H N N 242 
MET HB3  H N N 243 
MET HG2  H N N 244 
MET HG3  H N N 245 
MET HE1  H N N 246 
MET HE2  H N N 247 
MET HE3  H N N 248 
MET HXT  H N N 249 
PHE N    N N N 250 
PHE CA   C N S 251 
PHE C    C N N 252 
PHE O    O N N 253 
PHE CB   C N N 254 
PHE CG   C Y N 255 
PHE CD1  C Y N 256 
PHE CD2  C Y N 257 
PHE CE1  C Y N 258 
PHE CE2  C Y N 259 
PHE CZ   C Y N 260 
PHE OXT  O N N 261 
PHE H    H N N 262 
PHE H2   H N N 263 
PHE HA   H N N 264 
PHE HB2  H N N 265 
PHE HB3  H N N 266 
PHE HD1  H N N 267 
PHE HD2  H N N 268 
PHE HE1  H N N 269 
PHE HE2  H N N 270 
PHE HZ   H N N 271 
PHE HXT  H N N 272 
PRO N    N N N 273 
PRO CA   C N S 274 
PRO C    C N N 275 
PRO O    O N N 276 
PRO CB   C N N 277 
PRO CG   C N N 278 
PRO CD   C N N 279 
PRO OXT  O N N 280 
PRO H    H N N 281 
PRO HA   H N N 282 
PRO HB2  H N N 283 
PRO HB3  H N N 284 
PRO HG2  H N N 285 
PRO HG3  H N N 286 
PRO HD2  H N N 287 
PRO HD3  H N N 288 
PRO HXT  H N N 289 
SER N    N N N 290 
SER CA   C N S 291 
SER C    C N N 292 
SER O    O N N 293 
SER CB   C N N 294 
SER OG   O N N 295 
SER OXT  O N N 296 
SER H    H N N 297 
SER H2   H N N 298 
SER HA   H N N 299 
SER HB2  H N N 300 
SER HB3  H N N 301 
SER HG   H N N 302 
SER HXT  H N N 303 
THR N    N N N 304 
THR CA   C N S 305 
THR C    C N N 306 
THR O    O N N 307 
THR CB   C N R 308 
THR OG1  O N N 309 
THR CG2  C N N 310 
THR OXT  O N N 311 
THR H    H N N 312 
THR H2   H N N 313 
THR HA   H N N 314 
THR HB   H N N 315 
THR HG1  H N N 316 
THR HG21 H N N 317 
THR HG22 H N N 318 
THR HG23 H N N 319 
THR HXT  H N N 320 
TRP N    N N N 321 
TRP CA   C N S 322 
TRP C    C N N 323 
TRP O    O N N 324 
TRP CB   C N N 325 
TRP CG   C Y N 326 
TRP CD1  C Y N 327 
TRP CD2  C Y N 328 
TRP NE1  N Y N 329 
TRP CE2  C Y N 330 
TRP CE3  C Y N 331 
TRP CZ2  C Y N 332 
TRP CZ3  C Y N 333 
TRP CH2  C Y N 334 
TRP OXT  O N N 335 
TRP H    H N N 336 
TRP H2   H N N 337 
TRP HA   H N N 338 
TRP HB2  H N N 339 
TRP HB3  H N N 340 
TRP HD1  H N N 341 
TRP HE1  H N N 342 
TRP HE3  H N N 343 
TRP HZ2  H N N 344 
TRP HZ3  H N N 345 
TRP HH2  H N N 346 
TRP HXT  H N N 347 
TYR N    N N N 348 
TYR CA   C N S 349 
TYR C    C N N 350 
TYR O    O N N 351 
TYR CB   C N N 352 
TYR CG   C Y N 353 
TYR CD1  C Y N 354 
TYR CD2  C Y N 355 
TYR CE1  C Y N 356 
TYR CE2  C Y N 357 
TYR CZ   C Y N 358 
TYR OH   O N N 359 
TYR OXT  O N N 360 
TYR H    H N N 361 
TYR H2   H N N 362 
TYR HA   H N N 363 
TYR HB2  H N N 364 
TYR HB3  H N N 365 
TYR HD1  H N N 366 
TYR HD2  H N N 367 
TYR HE1  H N N 368 
TYR HE2  H N N 369 
TYR HH   H N N 370 
TYR HXT  H N N 371 
VAL N    N N N 372 
VAL CA   C N S 373 
VAL C    C N N 374 
VAL O    O N N 375 
VAL CB   C N N 376 
VAL CG1  C N N 377 
VAL CG2  C N N 378 
VAL OXT  O N N 379 
VAL H    H N N 380 
VAL H2   H N N 381 
VAL HA   H N N 382 
VAL HB   H N N 383 
VAL HG11 H N N 384 
VAL HG12 H N N 385 
VAL HG13 H N N 386 
VAL HG21 H N N 387 
VAL HG22 H N N 388 
VAL HG23 H N N 389 
VAL HXT  H N N 390 
# 
loop_
_chem_comp_bond.comp_id 
_chem_comp_bond.atom_id_1 
_chem_comp_bond.atom_id_2 
_chem_comp_bond.value_order 
_chem_comp_bond.pdbx_aromatic_flag 
_chem_comp_bond.pdbx_stereo_config 
_chem_comp_bond.pdbx_ordinal 
ALA N   CA   sing N N 1   
ALA N   H    sing N N 2   
ALA N   H2   sing N N 3   
ALA CA  C    sing N N 4   
ALA CA  CB   sing N N 5   
ALA CA  HA   sing N N 6   
ALA C   O    doub N N 7   
ALA C   OXT  sing N N 8   
ALA CB  HB1  sing N N 9   
ALA CB  HB2  sing N N 10  
ALA CB  HB3  sing N N 11  
ALA OXT HXT  sing N N 12  
ARG N   CA   sing N N 13  
ARG N   H    sing N N 14  
ARG N   H2   sing N N 15  
ARG CA  C    sing N N 16  
ARG CA  CB   sing N N 17  
ARG CA  HA   sing N N 18  
ARG C   O    doub N N 19  
ARG C   OXT  sing N N 20  
ARG CB  CG   sing N N 21  
ARG CB  HB2  sing N N 22  
ARG CB  HB3  sing N N 23  
ARG CG  CD   sing N N 24  
ARG CG  HG2  sing N N 25  
ARG CG  HG3  sing N N 26  
ARG CD  NE   sing N N 27  
ARG CD  HD2  sing N N 28  
ARG CD  HD3  sing N N 29  
ARG NE  CZ   sing N N 30  
ARG NE  HE   sing N N 31  
ARG CZ  NH1  sing N N 32  
ARG CZ  NH2  doub N N 33  
ARG NH1 HH11 sing N N 34  
ARG NH1 HH12 sing N N 35  
ARG NH2 HH21 sing N N 36  
ARG NH2 HH22 sing N N 37  
ARG OXT HXT  sing N N 38  
ASN N   CA   sing N N 39  
ASN N   H    sing N N 40  
ASN N   H2   sing N N 41  
ASN CA  C    sing N N 42  
ASN CA  CB   sing N N 43  
ASN CA  HA   sing N N 44  
ASN C   O    doub N N 45  
ASN C   OXT  sing N N 46  
ASN CB  CG   sing N N 47  
ASN CB  HB2  sing N N 48  
ASN CB  HB3  sing N N 49  
ASN CG  OD1  doub N N 50  
ASN CG  ND2  sing N N 51  
ASN ND2 HD21 sing N N 52  
ASN ND2 HD22 sing N N 53  
ASN OXT HXT  sing N N 54  
ASP N   CA   sing N N 55  
ASP N   H    sing N N 56  
ASP N   H2   sing N N 57  
ASP CA  C    sing N N 58  
ASP CA  CB   sing N N 59  
ASP CA  HA   sing N N 60  
ASP C   O    doub N N 61  
ASP C   OXT  sing N N 62  
ASP CB  CG   sing N N 63  
ASP CB  HB2  sing N N 64  
ASP CB  HB3  sing N N 65  
ASP CG  OD1  doub N N 66  
ASP CG  OD2  sing N N 67  
ASP OD2 HD2  sing N N 68  
ASP OXT HXT  sing N N 69  
CYS N   CA   sing N N 70  
CYS N   H    sing N N 71  
CYS N   H2   sing N N 72  
CYS CA  C    sing N N 73  
CYS CA  CB   sing N N 74  
CYS CA  HA   sing N N 75  
CYS C   O    doub N N 76  
CYS C   OXT  sing N N 77  
CYS CB  SG   sing N N 78  
CYS CB  HB2  sing N N 79  
CYS CB  HB3  sing N N 80  
CYS SG  HG   sing N N 81  
CYS OXT HXT  sing N N 82  
GLN N   CA   sing N N 83  
GLN N   H    sing N N 84  
GLN N   H2   sing N N 85  
GLN CA  C    sing N N 86  
GLN CA  CB   sing N N 87  
GLN CA  HA   sing N N 88  
GLN C   O    doub N N 89  
GLN C   OXT  sing N N 90  
GLN CB  CG   sing N N 91  
GLN CB  HB2  sing N N 92  
GLN CB  HB3  sing N N 93  
GLN CG  CD   sing N N 94  
GLN CG  HG2  sing N N 95  
GLN CG  HG3  sing N N 96  
GLN CD  OE1  doub N N 97  
GLN CD  NE2  sing N N 98  
GLN NE2 HE21 sing N N 99  
GLN NE2 HE22 sing N N 100 
GLN OXT HXT  sing N N 101 
GLU N   CA   sing N N 102 
GLU N   H    sing N N 103 
GLU N   H2   sing N N 104 
GLU CA  C    sing N N 105 
GLU CA  CB   sing N N 106 
GLU CA  HA   sing N N 107 
GLU C   O    doub N N 108 
GLU C   OXT  sing N N 109 
GLU CB  CG   sing N N 110 
GLU CB  HB2  sing N N 111 
GLU CB  HB3  sing N N 112 
GLU CG  CD   sing N N 113 
GLU CG  HG2  sing N N 114 
GLU CG  HG3  sing N N 115 
GLU CD  OE1  doub N N 116 
GLU CD  OE2  sing N N 117 
GLU OE2 HE2  sing N N 118 
GLU OXT HXT  sing N N 119 
GLY N   CA   sing N N 120 
GLY N   H    sing N N 121 
GLY N   H2   sing N N 122 
GLY CA  C    sing N N 123 
GLY CA  HA2  sing N N 124 
GLY CA  HA3  sing N N 125 
GLY C   O    doub N N 126 
GLY C   OXT  sing N N 127 
GLY OXT HXT  sing N N 128 
HIS N   CA   sing N N 129 
HIS N   H    sing N N 130 
HIS N   H2   sing N N 131 
HIS CA  C    sing N N 132 
HIS CA  CB   sing N N 133 
HIS CA  HA   sing N N 134 
HIS C   O    doub N N 135 
HIS C   OXT  sing N N 136 
HIS CB  CG   sing N N 137 
HIS CB  HB2  sing N N 138 
HIS CB  HB3  sing N N 139 
HIS CG  ND1  sing Y N 140 
HIS CG  CD2  doub Y N 141 
HIS ND1 CE1  doub Y N 142 
HIS ND1 HD1  sing N N 143 
HIS CD2 NE2  sing Y N 144 
HIS CD2 HD2  sing N N 145 
HIS CE1 NE2  sing Y N 146 
HIS CE1 HE1  sing N N 147 
HIS NE2 HE2  sing N N 148 
HIS OXT HXT  sing N N 149 
HOH O   H1   sing N N 150 
HOH O   H2   sing N N 151 
ILE N   CA   sing N N 152 
ILE N   H    sing N N 153 
ILE N   H2   sing N N 154 
ILE CA  C    sing N N 155 
ILE CA  CB   sing N N 156 
ILE CA  HA   sing N N 157 
ILE C   O    doub N N 158 
ILE C   OXT  sing N N 159 
ILE CB  CG1  sing N N 160 
ILE CB  CG2  sing N N 161 
ILE CB  HB   sing N N 162 
ILE CG1 CD1  sing N N 163 
ILE CG1 HG12 sing N N 164 
ILE CG1 HG13 sing N N 165 
ILE CG2 HG21 sing N N 166 
ILE CG2 HG22 sing N N 167 
ILE CG2 HG23 sing N N 168 
ILE CD1 HD11 sing N N 169 
ILE CD1 HD12 sing N N 170 
ILE CD1 HD13 sing N N 171 
ILE OXT HXT  sing N N 172 
LEU N   CA   sing N N 173 
LEU N   H    sing N N 174 
LEU N   H2   sing N N 175 
LEU CA  C    sing N N 176 
LEU CA  CB   sing N N 177 
LEU CA  HA   sing N N 178 
LEU C   O    doub N N 179 
LEU C   OXT  sing N N 180 
LEU CB  CG   sing N N 181 
LEU CB  HB2  sing N N 182 
LEU CB  HB3  sing N N 183 
LEU CG  CD1  sing N N 184 
LEU CG  CD2  sing N N 185 
LEU CG  HG   sing N N 186 
LEU CD1 HD11 sing N N 187 
LEU CD1 HD12 sing N N 188 
LEU CD1 HD13 sing N N 189 
LEU CD2 HD21 sing N N 190 
LEU CD2 HD22 sing N N 191 
LEU CD2 HD23 sing N N 192 
LEU OXT HXT  sing N N 193 
LYS N   CA   sing N N 194 
LYS N   H    sing N N 195 
LYS N   H2   sing N N 196 
LYS CA  C    sing N N 197 
LYS CA  CB   sing N N 198 
LYS CA  HA   sing N N 199 
LYS C   O    doub N N 200 
LYS C   OXT  sing N N 201 
LYS CB  CG   sing N N 202 
LYS CB  HB2  sing N N 203 
LYS CB  HB3  sing N N 204 
LYS CG  CD   sing N N 205 
LYS CG  HG2  sing N N 206 
LYS CG  HG3  sing N N 207 
LYS CD  CE   sing N N 208 
LYS CD  HD2  sing N N 209 
LYS CD  HD3  sing N N 210 
LYS CE  NZ   sing N N 211 
LYS CE  HE2  sing N N 212 
LYS CE  HE3  sing N N 213 
LYS NZ  HZ1  sing N N 214 
LYS NZ  HZ2  sing N N 215 
LYS NZ  HZ3  sing N N 216 
LYS OXT HXT  sing N N 217 
MET N   CA   sing N N 218 
MET N   H    sing N N 219 
MET N   H2   sing N N 220 
MET CA  C    sing N N 221 
MET CA  CB   sing N N 222 
MET CA  HA   sing N N 223 
MET C   O    doub N N 224 
MET C   OXT  sing N N 225 
MET CB  CG   sing N N 226 
MET CB  HB2  sing N N 227 
MET CB  HB3  sing N N 228 
MET CG  SD   sing N N 229 
MET CG  HG2  sing N N 230 
MET CG  HG3  sing N N 231 
MET SD  CE   sing N N 232 
MET CE  HE1  sing N N 233 
MET CE  HE2  sing N N 234 
MET CE  HE3  sing N N 235 
MET OXT HXT  sing N N 236 
PHE N   CA   sing N N 237 
PHE N   H    sing N N 238 
PHE N   H2   sing N N 239 
PHE CA  C    sing N N 240 
PHE CA  CB   sing N N 241 
PHE CA  HA   sing N N 242 
PHE C   O    doub N N 243 
PHE C   OXT  sing N N 244 
PHE CB  CG   sing N N 245 
PHE CB  HB2  sing N N 246 
PHE CB  HB3  sing N N 247 
PHE CG  CD1  doub Y N 248 
PHE CG  CD2  sing Y N 249 
PHE CD1 CE1  sing Y N 250 
PHE CD1 HD1  sing N N 251 
PHE CD2 CE2  doub Y N 252 
PHE CD2 HD2  sing N N 253 
PHE CE1 CZ   doub Y N 254 
PHE CE1 HE1  sing N N 255 
PHE CE2 CZ   sing Y N 256 
PHE CE2 HE2  sing N N 257 
PHE CZ  HZ   sing N N 258 
PHE OXT HXT  sing N N 259 
PRO N   CA   sing N N 260 
PRO N   CD   sing N N 261 
PRO N   H    sing N N 262 
PRO CA  C    sing N N 263 
PRO CA  CB   sing N N 264 
PRO CA  HA   sing N N 265 
PRO C   O    doub N N 266 
PRO C   OXT  sing N N 267 
PRO CB  CG   sing N N 268 
PRO CB  HB2  sing N N 269 
PRO CB  HB3  sing N N 270 
PRO CG  CD   sing N N 271 
PRO CG  HG2  sing N N 272 
PRO CG  HG3  sing N N 273 
PRO CD  HD2  sing N N 274 
PRO CD  HD3  sing N N 275 
PRO OXT HXT  sing N N 276 
SER N   CA   sing N N 277 
SER N   H    sing N N 278 
SER N   H2   sing N N 279 
SER CA  C    sing N N 280 
SER CA  CB   sing N N 281 
SER CA  HA   sing N N 282 
SER C   O    doub N N 283 
SER C   OXT  sing N N 284 
SER CB  OG   sing N N 285 
SER CB  HB2  sing N N 286 
SER CB  HB3  sing N N 287 
SER OG  HG   sing N N 288 
SER OXT HXT  sing N N 289 
THR N   CA   sing N N 290 
THR N   H    sing N N 291 
THR N   H2   sing N N 292 
THR CA  C    sing N N 293 
THR CA  CB   sing N N 294 
THR CA  HA   sing N N 295 
THR C   O    doub N N 296 
THR C   OXT  sing N N 297 
THR CB  OG1  sing N N 298 
THR CB  CG2  sing N N 299 
THR CB  HB   sing N N 300 
THR OG1 HG1  sing N N 301 
THR CG2 HG21 sing N N 302 
THR CG2 HG22 sing N N 303 
THR CG2 HG23 sing N N 304 
THR OXT HXT  sing N N 305 
TRP N   CA   sing N N 306 
TRP N   H    sing N N 307 
TRP N   H2   sing N N 308 
TRP CA  C    sing N N 309 
TRP CA  CB   sing N N 310 
TRP CA  HA   sing N N 311 
TRP C   O    doub N N 312 
TRP C   OXT  sing N N 313 
TRP CB  CG   sing N N 314 
TRP CB  HB2  sing N N 315 
TRP CB  HB3  sing N N 316 
TRP CG  CD1  doub Y N 317 
TRP CG  CD2  sing Y N 318 
TRP CD1 NE1  sing Y N 319 
TRP CD1 HD1  sing N N 320 
TRP CD2 CE2  doub Y N 321 
TRP CD2 CE3  sing Y N 322 
TRP NE1 CE2  sing Y N 323 
TRP NE1 HE1  sing N N 324 
TRP CE2 CZ2  sing Y N 325 
TRP CE3 CZ3  doub Y N 326 
TRP CE3 HE3  sing N N 327 
TRP CZ2 CH2  doub Y N 328 
TRP CZ2 HZ2  sing N N 329 
TRP CZ3 CH2  sing Y N 330 
TRP CZ3 HZ3  sing N N 331 
TRP CH2 HH2  sing N N 332 
TRP OXT HXT  sing N N 333 
TYR N   CA   sing N N 334 
TYR N   H    sing N N 335 
TYR N   H2   sing N N 336 
TYR CA  C    sing N N 337 
TYR CA  CB   sing N N 338 
TYR CA  HA   sing N N 339 
TYR C   O    doub N N 340 
TYR C   OXT  sing N N 341 
TYR CB  CG   sing N N 342 
TYR CB  HB2  sing N N 343 
TYR CB  HB3  sing N N 344 
TYR CG  CD1  doub Y N 345 
TYR CG  CD2  sing Y N 346 
TYR CD1 CE1  sing Y N 347 
TYR CD1 HD1  sing N N 348 
TYR CD2 CE2  doub Y N 349 
TYR CD2 HD2  sing N N 350 
TYR CE1 CZ   doub Y N 351 
TYR CE1 HE1  sing N N 352 
TYR CE2 CZ   sing Y N 353 
TYR CE2 HE2  sing N N 354 
TYR CZ  OH   sing N N 355 
TYR OH  HH   sing N N 356 
TYR OXT HXT  sing N N 357 
VAL N   CA   sing N N 358 
VAL N   H    sing N N 359 
VAL N   H2   sing N N 360 
VAL CA  C    sing N N 361 
VAL CA  CB   sing N N 362 
VAL CA  HA   sing N N 363 
VAL C   O    doub N N 364 
VAL C   OXT  sing N N 365 
VAL CB  CG1  sing N N 366 
VAL CB  CG2  sing N N 367 
VAL CB  HB   sing N N 368 
VAL CG1 HG11 sing N N 369 
VAL CG1 HG12 sing N N 370 
VAL CG1 HG13 sing N N 371 
VAL CG2 HG21 sing N N 372 
VAL CG2 HG22 sing N N 373 
VAL CG2 HG23 sing N N 374 
VAL OXT HXT  sing N N 375 
# 
_pdbx_entity_nonpoly.entity_id   2 
_pdbx_entity_nonpoly.name        water 
_pdbx_entity_nonpoly.comp_id     HOH 
# 
_pdbx_initial_refinement_model.id               1 
_pdbx_initial_refinement_model.entity_id_list   ? 
_pdbx_initial_refinement_model.type             'experimental model' 
_pdbx_initial_refinement_model.source_name      PDB 
_pdbx_initial_refinement_model.accession_code   1KT0 
_pdbx_initial_refinement_model.details          'PDB entry 1KT0' 
# 
